data_8V1T
#
_entry.id   8V1T
#
_cell.length_a   1.00
_cell.length_b   1.00
_cell.length_c   1.00
_cell.angle_alpha   90.00
_cell.angle_beta   90.00
_cell.angle_gamma   90.00
#
_symmetry.space_group_name_H-M   'P 1'
#
loop_
_entity.id
_entity.type
_entity.pdbx_description
1 polymer 'DNA polymerase'
2 polymer 'DNA polymerase processivity factor'
3 polymer 'PRIMER DNA (32-MER)'
4 polymer 'TEMPLATE DNA (50-MER)'
5 non-polymer 'MAGNESIUM ION'
6 non-polymer 'ACYCLOVIR TRIPHOSPHATE'
7 water water
#
loop_
_entity_poly.entity_id
_entity_poly.type
_entity_poly.pdbx_seq_one_letter_code
_entity_poly.pdbx_strand_id
1 'polypeptide(L)'
;HHHHHHNFYNPYLAPVGTQQKPTGPTQRHTYYSECDEFRFIAPRVLDEDAPPEKRAGVHDGHLKRAPKVYCGGDERDVLR
VGSGGFWPRRSRLWGGVDHAPAGFNPTVTVFHVYDILENVEHAYGMRAAQFHARFMDAITPTGTVITLLGLTPEGHRVAV
HVYGTRQYFYMNKEEVDRHLQCRAPRDLCERMAAALRESPGASFRGISADHFEAEVVERTDVYYYETRPALFYRVYVRSG
RVLSYLCDNFCPAIKKYEGGVDATTRFILDNPGFVTFGWYRLKPGRNNTLAQPRAPMAFGTSSDVEFNCTADNLAIEGGM
SDLPAYKLMCFDIECKAGGEDELAFPVAGHPEDLVIQISCLLYDLSTTALEHVLLFSLGSCDLPESHLNELAARGLPTPV
VLEFDSEFEMLLAFMTLVKQYGPEFVTGYNIINFDWPFLLAKLTDIYKVPLDGYGRMNGRGVFRVWDIGQSHFQKRSKIK
VNGMVNIDMYGIITDKIKLSSYKLNAVAEAVLKDKKKDLSYRDIPAYYATGPAQRGVIGEYCIQDSLLVGQLFFKFLPHL
ELSAVARLAGINITRTIYDGQQIRVFTCLLRLADQKGFILPDTQGRFRGAGGEAPKRPAAAREDEERPEEEGEDEDEREE
GGGEREPEGARETAGRHVGYQGARVLDPTSGFHVNPVVVFDFASLYPSIIQAHNLCFSTLSLRADAVAHLEAGKDYLEIE
VGGRRLFFVKAHVRESLLSILLRDWLAMRKQIRSRIPQSSPEEAVLLDKQQAAIKVVCNSVYGFTGVQHGLLPCLHVAAT
VTTIGREMLLATREYVHARWAAFEQLLADFPEAADMRAPGPYSMRIIYGDTDSIFVLCRGLTAAGLTAMGDKMASHISRA
LFLPPIKLECEKTFTKLLLIAKKKYIGVIYGGKMLIKGVDLVRKNNCAFINRTSRALVDLLFYDDTVSGAAAALAERPAE
EWLARPLPEGLQAFGAVLVDAHRRITDPERDIQDFVLTAELSRHPRAYTNKRLAHLTVYYKLMARRAQVPSIKDRIPYVI
VAQTREVEETVARLAALRELDAAAPGDEPAPPAALPSPAKRPRETPSHADPPGGASKPRKLLVSELAEDPAYAIAHGVAL
NTDYYFSHLLGAACVTFKALFGNNAKITESLLKRFIPEVWHPPDDVAARLRAAGFGAVGAGATAEETRRMLHRAFDTLA
;
A
2 'polypeptide(L)'
;MTDSPGGVAPASPVEDASDASLGQPEEGAPCQVVLQGAELNGILQAFAPLRTSLLDSLLVMGDRGILIHNTIFGEQVFLP
LEHSQFSRYRWRGPTAAFLSLVDQKRSLLSVFRANQYPDLRRVELAITGQAPFRTLVQRIWTTTSDGEAVELASETLMKR
ELTSFVVLVPQGTPDVQLRLTRPQLTKVLNATGADSATPTTFELGVNGKFSVFTTSTCVTFAAREEGVSSSTSTQVQILS
NALTKAGQAAANAKTVYGENTHRTFSVVVDDCSMRAVLRRLQVAGGTLKFFLTTPVPSLCVTATGPNAVSAVFLLKPQKI
CLDWLGHSQGSPSAGSSASR
;
B
3 'polydeoxyribonucleotide'
;(DG)(DA)(DT)(DT)(DA)(DC)(DG)(DA)(DA)(DT)(DT)(DC)(DG)(DA)(DG)(DC)(DT)(DC)(DG)(DG)
(DT)(DA)(DC)(DC)(DC)(DG)(DG)(DG)(DG)(DA)(DT)(DOC)
;
P
4 'polydeoxyribonucleotide'
;(DC)(DA)(DC)(DA)(DC)(DA)(DC)(DA)(DC)(DA)(DC)(DA)(DC)(DA)(DC)(DA)(DC)(DC)(DG)(DA)
(DT)(DC)(DC)(DC)(DC)(DG)(DG)(DG)(DT)(DA)(DC)(DC)(DG)(DA)(DG)(DC)(DT)(DC)(DG)(DA)
(DA)(DT)(DT)(DC)(DG)(DT)(DA)(DA)(DT)(DC)
;
T
#
# COMPACT_ATOMS: atom_id res chain seq x y z
N GLY A 24 27.59 -0.99 47.74
CA GLY A 24 27.86 -2.40 47.53
C GLY A 24 28.23 -2.73 46.10
N PRO A 25 27.29 -2.57 45.16
CA PRO A 25 27.54 -2.95 43.77
C PRO A 25 28.77 -2.29 43.18
N THR A 26 29.55 -3.09 42.44
CA THR A 26 30.71 -2.57 41.74
C THR A 26 30.32 -1.68 40.59
N GLN A 27 29.12 -1.88 40.06
CA GLN A 27 28.55 -1.06 39.00
C GLN A 27 27.30 -0.44 39.61
N ARG A 28 27.38 0.84 39.93
CA ARG A 28 26.23 1.62 40.36
C ARG A 28 24.99 1.33 39.52
N HIS A 29 23.86 1.16 40.19
CA HIS A 29 22.62 0.75 39.56
C HIS A 29 21.83 2.01 39.20
N THR A 30 21.60 2.23 37.90
CA THR A 30 20.94 3.44 37.39
C THR A 30 19.46 3.26 37.11
N TYR A 31 18.80 2.39 37.85
CA TYR A 31 17.34 2.40 37.85
C TYR A 31 16.90 2.84 39.24
N TYR A 32 15.74 3.45 39.33
CA TYR A 32 15.24 3.93 40.61
C TYR A 32 14.84 2.75 41.45
N SER A 33 15.67 2.43 42.43
CA SER A 33 15.32 1.58 43.53
C SER A 33 14.69 2.35 44.67
N GLU A 34 14.87 3.67 44.71
CA GLU A 34 14.30 4.49 45.77
C GLU A 34 13.98 5.86 45.22
N CYS A 35 12.89 6.42 45.72
CA CYS A 35 12.41 7.74 45.38
C CYS A 35 11.66 8.21 46.59
N ASP A 36 11.80 9.48 46.91
CA ASP A 36 11.04 10.08 47.98
C ASP A 36 10.40 11.38 47.55
N GLU A 37 10.56 11.79 46.30
CA GLU A 37 10.01 13.04 45.85
C GLU A 37 9.95 13.01 44.35
N PHE A 38 8.83 13.40 43.77
CA PHE A 38 8.67 13.28 42.36
C PHE A 38 7.66 14.32 41.94
N ARG A 39 7.23 14.23 40.71
CA ARG A 39 6.51 15.29 40.06
C ARG A 39 5.08 14.78 39.88
N PHE A 40 4.23 15.23 40.77
CA PHE A 40 2.83 14.83 40.78
C PHE A 40 2.10 15.53 39.66
N ILE A 41 1.97 14.87 38.53
CA ILE A 41 0.99 15.26 37.53
C ILE A 41 -0.14 14.26 37.62
N ALA A 42 -1.36 14.73 37.55
CA ALA A 42 -2.53 13.86 37.58
C ALA A 42 -3.75 14.65 37.18
N PRO A 43 -4.75 14.08 36.51
CA PRO A 43 -5.95 14.85 36.24
C PRO A 43 -6.62 15.36 37.51
N ARG A 44 -7.35 16.46 37.36
CA ARG A 44 -8.13 16.99 38.46
C ARG A 44 -9.45 16.25 38.61
N VAL A 45 -9.97 15.68 37.51
CA VAL A 45 -11.21 14.92 37.57
C VAL A 45 -11.10 13.69 38.44
N LEU A 46 -9.89 13.31 38.86
CA LEU A 46 -9.67 12.30 39.89
C LEU A 46 -10.05 12.77 41.26
N ASP A 47 -10.21 14.07 41.48
CA ASP A 47 -10.37 14.61 42.82
C ASP A 47 -11.86 14.72 43.07
N GLU A 48 -12.38 13.73 43.81
CA GLU A 48 -13.81 13.59 44.00
C GLU A 48 -14.39 14.69 44.88
N ASP A 49 -13.66 15.07 45.93
CA ASP A 49 -14.07 16.18 46.78
C ASP A 49 -13.41 17.42 46.19
N ALA A 50 -14.10 17.99 45.20
CA ALA A 50 -13.65 19.21 44.56
C ALA A 50 -14.81 19.75 43.72
N PRO A 51 -15.01 21.08 43.63
CA PRO A 51 -16.27 21.61 43.08
C PRO A 51 -16.52 21.16 41.65
N PRO A 52 -17.78 21.19 41.19
CA PRO A 52 -18.12 20.58 39.90
C PRO A 52 -17.37 21.10 38.68
N GLU A 53 -16.82 22.32 38.72
CA GLU A 53 -16.03 22.85 37.61
C GLU A 53 -14.53 22.91 37.88
N LYS A 54 -14.07 22.60 39.09
CA LYS A 54 -12.62 22.54 39.36
C LYS A 54 -12.12 21.13 39.06
N ARG A 55 -12.38 20.73 37.81
CA ARG A 55 -12.19 19.36 37.38
C ARG A 55 -11.30 19.31 36.15
N ALA A 56 -11.38 20.30 35.29
CA ALA A 56 -10.64 20.25 34.04
C ALA A 56 -9.14 20.45 34.29
N GLY A 57 -8.36 20.07 33.28
CA GLY A 57 -6.94 20.18 33.37
C GLY A 57 -6.35 19.10 34.25
N VAL A 58 -5.09 19.30 34.63
CA VAL A 58 -4.34 18.33 35.37
C VAL A 58 -3.71 19.03 36.54
N HIS A 59 -3.24 18.26 37.50
CA HIS A 59 -2.43 18.80 38.55
C HIS A 59 -1.04 18.88 37.98
N ASP A 60 -0.08 19.21 38.80
CA ASP A 60 1.30 19.29 38.36
C ASP A 60 2.09 19.54 39.61
N GLY A 61 3.38 19.60 39.46
CA GLY A 61 4.17 20.02 40.57
C GLY A 61 4.54 18.94 41.55
N HIS A 62 5.73 19.11 42.06
CA HIS A 62 6.40 18.24 42.99
C HIS A 62 5.54 17.81 44.17
N LEU A 63 5.77 16.57 44.57
CA LEU A 63 5.15 15.95 45.74
C LEU A 63 6.25 15.09 46.35
N LYS A 64 6.22 15.03 47.68
N LYS A 64 6.11 14.81 47.64
CA LYS A 64 7.21 14.31 48.50
CA LYS A 64 7.18 14.30 48.46
C LYS A 64 6.53 13.12 49.16
C LYS A 64 6.56 13.13 49.18
N ARG A 65 6.66 11.96 48.57
CA ARG A 65 6.27 10.70 49.14
C ARG A 65 6.79 9.66 48.18
N ALA A 66 7.15 8.50 48.69
CA ALA A 66 7.58 7.46 47.79
C ALA A 66 6.41 7.07 46.91
N PRO A 67 6.61 6.78 45.61
CA PRO A 67 5.49 6.51 44.74
C PRO A 67 4.75 5.25 45.15
N LYS A 68 3.43 5.40 45.33
N LYS A 68 3.45 5.38 45.38
CA LYS A 68 2.51 4.38 45.83
CA LYS A 68 2.68 4.22 45.81
C LYS A 68 1.69 3.75 44.74
C LYS A 68 1.85 3.68 44.68
N VAL A 69 1.40 2.46 44.91
CA VAL A 69 0.54 1.70 44.02
C VAL A 69 -0.52 1.10 44.91
N TYR A 70 -1.79 1.21 44.49
CA TYR A 70 -2.95 0.69 45.21
C TYR A 70 -3.52 -0.46 44.41
N CYS A 71 -3.34 -1.67 44.90
CA CYS A 71 -3.95 -2.85 44.30
C CYS A 71 -5.17 -3.25 45.10
N GLY A 72 -6.34 -2.81 44.66
CA GLY A 72 -7.55 -3.10 45.38
C GLY A 72 -7.58 -2.30 46.66
N GLY A 73 -7.66 -3.00 47.79
CA GLY A 73 -7.67 -2.30 49.05
C GLY A 73 -6.30 -1.98 49.58
N ASP A 74 -5.28 -2.74 49.17
CA ASP A 74 -3.96 -2.57 49.74
C ASP A 74 -3.22 -1.40 49.09
N GLU A 75 -1.98 -1.20 49.53
CA GLU A 75 -1.10 -0.18 49.00
C GLU A 75 0.31 -0.52 49.46
N ARG A 76 1.27 -0.19 48.61
CA ARG A 76 2.67 -0.31 48.97
C ARG A 76 3.45 0.55 48.01
N ASP A 77 4.65 0.91 48.42
CA ASP A 77 5.52 1.73 47.60
C ASP A 77 5.96 0.94 46.39
N VAL A 78 6.03 1.63 45.27
CA VAL A 78 6.35 0.99 44.00
C VAL A 78 7.72 0.32 44.06
N LEU A 79 8.69 1.00 44.64
CA LEU A 79 10.08 0.57 44.63
C LEU A 79 10.51 -0.26 45.83
N ARG A 80 9.59 -0.82 46.60
CA ARG A 80 9.90 -1.59 47.82
C ARG A 80 9.66 -3.05 47.52
N VAL A 81 10.73 -3.83 47.35
CA VAL A 81 10.54 -5.21 46.88
C VAL A 81 9.94 -6.08 47.98
N GLY A 82 10.60 -6.10 49.12
CA GLY A 82 10.12 -6.68 50.35
C GLY A 82 9.45 -8.04 50.29
N SER A 83 8.43 -8.24 51.13
CA SER A 83 7.77 -9.53 51.23
C SER A 83 6.73 -9.76 50.16
N GLY A 84 5.74 -8.88 50.11
CA GLY A 84 4.61 -8.95 49.22
C GLY A 84 4.98 -8.45 47.85
N GLY A 85 3.96 -8.17 47.06
CA GLY A 85 4.19 -7.57 45.78
C GLY A 85 2.95 -7.63 44.96
N PHE A 86 2.67 -6.58 44.21
CA PHE A 86 1.48 -6.55 43.41
C PHE A 86 1.75 -7.01 41.99
N TRP A 87 3.00 -7.17 41.59
CA TRP A 87 3.34 -7.72 40.30
C TRP A 87 4.49 -8.69 40.51
N PRO A 88 4.66 -9.65 39.61
CA PRO A 88 5.75 -10.62 39.76
C PRO A 88 7.13 -10.00 39.64
N ARG A 89 8.11 -10.73 40.15
CA ARG A 89 9.49 -10.27 40.10
C ARG A 89 10.38 -11.47 39.88
N ARG A 90 11.27 -11.35 38.91
CA ARG A 90 12.27 -12.32 38.60
C ARG A 90 13.66 -11.81 38.95
N SER A 91 13.74 -10.69 39.64
CA SER A 91 15.00 -10.08 39.98
C SER A 91 15.55 -10.73 41.22
N ARG A 92 16.87 -10.88 41.25
CA ARG A 92 17.56 -11.28 42.47
C ARG A 92 18.00 -10.07 43.29
N LEU A 93 18.78 -9.19 42.70
CA LEU A 93 19.11 -7.91 43.30
C LEU A 93 17.97 -6.92 43.11
N TRP A 94 17.94 -5.90 43.95
CA TRP A 94 17.15 -4.70 43.65
C TRP A 94 17.82 -3.55 44.38
N GLY A 95 18.55 -2.75 43.62
CA GLY A 95 19.33 -1.70 44.22
C GLY A 95 20.31 -2.24 45.22
N GLY A 96 20.98 -3.33 44.88
CA GLY A 96 22.03 -3.88 45.70
C GLY A 96 21.63 -4.91 46.74
N VAL A 97 20.50 -4.73 47.44
CA VAL A 97 20.06 -5.76 48.36
C VAL A 97 19.80 -7.05 47.59
N ASP A 98 20.21 -8.18 48.17
CA ASP A 98 20.16 -9.48 47.51
C ASP A 98 18.92 -10.21 48.03
N HIS A 99 17.87 -10.21 47.21
CA HIS A 99 16.55 -10.67 47.59
C HIS A 99 16.32 -12.13 47.26
N ALA A 100 17.36 -12.91 47.18
CA ALA A 100 17.17 -14.33 46.89
C ALA A 100 17.06 -15.10 48.20
N PRO A 101 16.41 -16.26 48.20
CA PRO A 101 16.45 -17.07 49.42
C PRO A 101 17.89 -17.45 49.72
N ALA A 102 18.29 -17.29 50.98
CA ALA A 102 19.65 -17.60 51.38
C ALA A 102 20.00 -19.03 51.01
N GLY A 103 21.30 -19.27 50.88
CA GLY A 103 21.74 -20.49 50.29
C GLY A 103 21.50 -20.63 48.81
N PHE A 104 21.16 -19.55 48.10
CA PHE A 104 21.02 -19.63 46.65
C PHE A 104 22.40 -19.84 46.07
N ASN A 105 22.59 -20.94 45.38
CA ASN A 105 23.82 -21.17 44.66
C ASN A 105 23.52 -22.21 43.61
N PRO A 106 22.67 -21.90 42.64
CA PRO A 106 22.37 -22.88 41.61
C PRO A 106 23.60 -23.23 40.82
N THR A 107 23.78 -24.52 40.58
CA THR A 107 24.76 -24.93 39.59
C THR A 107 24.20 -24.72 38.21
N VAL A 108 25.07 -24.29 37.29
CA VAL A 108 24.70 -23.93 35.94
C VAL A 108 25.59 -24.72 35.01
N THR A 109 25.00 -25.63 34.25
CA THR A 109 25.74 -26.43 33.29
C THR A 109 25.30 -26.24 31.85
N VAL A 110 24.06 -25.85 31.59
CA VAL A 110 23.59 -25.53 30.26
C VAL A 110 22.70 -24.31 30.41
N PHE A 111 22.82 -23.38 29.47
CA PHE A 111 22.15 -22.10 29.60
C PHE A 111 21.83 -21.61 28.18
N HIS A 112 20.58 -21.73 27.79
CA HIS A 112 20.11 -21.03 26.61
C HIS A 112 20.58 -19.58 26.59
N VAL A 113 20.97 -19.10 25.41
CA VAL A 113 21.40 -17.74 25.20
C VAL A 113 20.43 -17.12 24.20
N TYR A 114 19.86 -15.97 24.55
CA TYR A 114 18.96 -15.28 23.65
C TYR A 114 19.45 -13.94 23.18
N ASP A 115 20.28 -13.27 23.94
CA ASP A 115 20.84 -12.03 23.49
C ASP A 115 22.26 -12.01 23.96
N ILE A 116 23.08 -11.28 23.22
CA ILE A 116 24.47 -11.11 23.50
C ILE A 116 24.68 -9.63 23.51
N LEU A 117 25.08 -9.11 24.65
CA LEU A 117 25.45 -7.73 24.76
C LEU A 117 26.94 -7.66 24.63
N GLU A 118 27.42 -6.43 24.60
CA GLU A 118 28.83 -6.21 24.62
C GLU A 118 29.02 -4.85 25.20
N ASN A 119 30.04 -4.73 26.02
CA ASN A 119 30.16 -3.51 26.76
C ASN A 119 31.56 -3.45 27.26
N VAL A 120 32.13 -2.27 27.20
CA VAL A 120 33.47 -2.12 27.68
C VAL A 120 33.48 -2.25 29.20
N GLU A 121 34.53 -2.85 29.73
CA GLU A 121 34.67 -3.01 31.16
C GLU A 121 36.12 -2.74 31.52
N HIS A 122 36.32 -1.84 32.45
CA HIS A 122 37.64 -1.37 32.84
C HIS A 122 38.13 -2.15 34.05
N ALA A 123 39.36 -2.65 33.99
CA ALA A 123 39.89 -3.43 35.11
C ALA A 123 40.03 -2.61 36.38
N TYR A 124 40.07 -1.30 36.27
CA TYR A 124 40.07 -0.46 37.45
C TYR A 124 38.70 -0.34 38.04
N GLY A 125 37.65 -0.53 37.25
CA GLY A 125 36.33 -0.47 37.83
C GLY A 125 35.97 -1.70 38.62
N MET A 126 36.65 -2.81 38.38
CA MET A 126 36.29 -4.10 38.94
C MET A 126 37.34 -4.58 39.93
N ARG A 127 37.90 -3.64 40.69
CA ARG A 127 38.84 -3.99 41.75
C ARG A 127 38.17 -4.85 42.81
N ALA A 128 37.01 -4.39 43.28
CA ALA A 128 36.24 -5.06 44.32
C ALA A 128 35.37 -6.19 43.80
N ALA A 129 35.12 -6.27 42.48
CA ALA A 129 34.34 -7.40 41.96
C ALA A 129 35.02 -8.74 42.21
N GLN A 130 36.33 -8.73 42.50
CA GLN A 130 37.04 -9.93 42.92
C GLN A 130 37.01 -11.00 41.85
N PHE A 131 37.44 -10.64 40.66
CA PHE A 131 37.57 -11.66 39.64
C PHE A 131 38.86 -12.42 39.83
N HIS A 132 39.04 -13.43 39.00
CA HIS A 132 40.30 -14.12 38.86
C HIS A 132 41.25 -13.24 38.08
N ALA A 133 42.48 -13.70 37.95
CA ALA A 133 43.42 -12.93 37.17
C ALA A 133 43.02 -12.93 35.70
N ARG A 134 42.54 -14.05 35.19
CA ARG A 134 42.39 -14.22 33.76
C ARG A 134 41.28 -13.40 33.16
N PHE A 135 40.55 -12.61 33.94
CA PHE A 135 39.60 -11.64 33.43
C PHE A 135 40.09 -10.22 33.59
N MET A 136 40.81 -9.97 34.68
CA MET A 136 41.45 -8.68 34.83
C MET A 136 42.50 -8.48 33.75
N ASP A 137 43.27 -9.53 33.44
CA ASP A 137 44.26 -9.33 32.39
C ASP A 137 43.59 -9.23 31.02
N ALA A 138 42.36 -9.72 30.86
CA ALA A 138 41.60 -9.50 29.64
C ALA A 138 40.91 -8.15 29.57
N ILE A 139 40.90 -7.35 30.63
CA ILE A 139 40.34 -6.00 30.61
C ILE A 139 41.33 -4.93 31.10
N THR A 140 42.66 -5.18 31.05
CA THR A 140 43.62 -4.43 31.88
C THR A 140 43.60 -2.89 31.98
N PRO A 141 43.79 -2.05 30.96
CA PRO A 141 43.15 -0.73 31.07
C PRO A 141 41.66 -0.86 30.90
N THR A 142 41.25 -1.70 29.96
CA THR A 142 39.94 -1.76 29.36
C THR A 142 39.90 -3.02 28.53
N GLY A 143 38.71 -3.60 28.44
CA GLY A 143 38.42 -4.65 27.49
C GLY A 143 36.99 -4.51 27.05
N THR A 144 36.61 -5.27 26.04
CA THR A 144 35.22 -5.45 25.68
C THR A 144 34.78 -6.83 26.15
N VAL A 145 33.63 -6.86 26.80
CA VAL A 145 33.12 -8.04 27.48
C VAL A 145 31.83 -8.38 26.82
N ILE A 146 31.69 -9.65 26.43
CA ILE A 146 30.58 -10.12 25.62
C ILE A 146 29.68 -10.85 26.58
N THR A 147 28.56 -10.26 26.94
CA THR A 147 27.67 -10.83 27.94
C THR A 147 26.64 -11.69 27.25
N LEU A 148 26.59 -12.94 27.61
CA LEU A 148 25.63 -13.89 27.09
C LEU A 148 24.51 -13.94 28.08
N LEU A 149 23.34 -13.46 27.69
CA LEU A 149 22.19 -13.40 28.55
C LEU A 149 21.32 -14.59 28.28
N GLY A 150 20.68 -15.10 29.32
CA GLY A 150 19.97 -16.31 29.06
C GLY A 150 19.30 -16.85 30.28
N LEU A 151 18.81 -18.05 30.11
CA LEU A 151 18.12 -18.85 31.10
C LEU A 151 18.87 -20.14 31.27
N THR A 152 18.60 -20.81 32.35
CA THR A 152 18.93 -22.21 32.55
C THR A 152 17.68 -23.02 32.39
N PRO A 153 17.80 -24.35 32.33
CA PRO A 153 16.60 -25.17 32.30
C PRO A 153 15.66 -24.99 33.49
N GLU A 154 16.12 -24.40 34.58
CA GLU A 154 15.35 -24.23 35.79
C GLU A 154 14.77 -22.83 35.95
N GLY A 155 14.80 -22.02 34.91
CA GLY A 155 14.25 -20.69 34.94
C GLY A 155 15.16 -19.62 35.47
N HIS A 156 16.42 -19.92 35.72
CA HIS A 156 17.36 -18.95 36.26
C HIS A 156 17.92 -18.05 35.19
N ARG A 157 17.87 -16.75 35.40
CA ARG A 157 18.42 -15.79 34.46
C ARG A 157 19.93 -15.78 34.61
N VAL A 158 20.61 -16.27 33.61
CA VAL A 158 22.06 -16.32 33.56
C VAL A 158 22.60 -15.07 32.89
N ALA A 159 23.86 -14.81 33.19
CA ALA A 159 24.64 -13.82 32.45
C ALA A 159 26.08 -14.26 32.55
N VAL A 160 26.60 -14.77 31.47
CA VAL A 160 27.99 -15.16 31.39
C VAL A 160 28.75 -14.04 30.69
N HIS A 161 29.81 -13.54 31.30
CA HIS A 161 30.62 -12.48 30.72
C HIS A 161 31.86 -13.12 30.10
N VAL A 162 31.96 -13.06 28.77
CA VAL A 162 33.05 -13.63 28.00
C VAL A 162 34.15 -12.59 27.80
N TYR A 163 35.13 -12.64 28.67
CA TYR A 163 36.43 -12.00 28.56
C TYR A 163 37.28 -12.60 27.44
N GLY A 164 38.22 -11.81 26.93
CA GLY A 164 38.97 -12.19 25.75
C GLY A 164 38.45 -11.37 24.60
N THR A 165 38.34 -11.95 23.41
CA THR A 165 37.33 -11.51 22.46
C THR A 165 37.42 -10.03 22.08
N ARG A 166 38.54 -9.68 21.47
CA ARG A 166 38.81 -8.29 21.12
C ARG A 166 38.69 -8.16 19.62
N GLN A 167 38.14 -7.03 19.19
CA GLN A 167 37.95 -6.71 17.80
C GLN A 167 39.29 -6.55 17.10
N TYR A 168 39.28 -6.58 15.80
CA TYR A 168 40.53 -6.33 15.10
C TYR A 168 40.18 -6.05 13.67
N PHE A 169 41.07 -5.38 12.97
CA PHE A 169 40.93 -5.26 11.54
C PHE A 169 42.29 -5.52 10.92
N TYR A 170 42.35 -5.53 9.59
CA TYR A 170 43.59 -5.74 8.86
C TYR A 170 43.91 -4.55 7.99
N MET A 171 45.19 -4.20 7.91
CA MET A 171 45.64 -3.25 6.92
C MET A 171 46.81 -3.83 6.18
N ASN A 172 46.83 -3.63 4.86
CA ASN A 172 47.87 -4.16 3.98
C ASN A 172 49.24 -3.76 4.47
N LYS A 173 50.13 -4.74 4.64
CA LYS A 173 51.43 -4.46 5.27
C LYS A 173 52.22 -3.39 4.52
N GLU A 174 52.47 -3.59 3.22
CA GLU A 174 53.22 -2.61 2.44
C GLU A 174 52.52 -1.26 2.41
N GLU A 175 51.21 -1.27 2.19
CA GLU A 175 50.49 0.00 2.07
C GLU A 175 50.68 0.86 3.30
N VAL A 176 50.50 0.29 4.48
CA VAL A 176 50.70 1.10 5.68
C VAL A 176 52.18 1.38 5.89
N ASP A 177 53.06 0.44 5.54
CA ASP A 177 54.49 0.69 5.78
C ASP A 177 55.01 1.86 4.96
N ARG A 178 54.52 2.04 3.74
CA ARG A 178 54.94 3.20 2.95
C ARG A 178 54.15 4.43 3.33
N HIS A 179 52.84 4.29 3.47
CA HIS A 179 52.00 5.43 3.84
C HIS A 179 52.31 5.89 5.23
N LEU A 180 52.85 5.03 6.07
CA LEU A 180 53.29 5.41 7.40
C LEU A 180 54.50 4.54 7.65
N GLN A 181 55.68 5.16 7.51
CA GLN A 181 56.95 4.51 7.78
C GLN A 181 56.87 3.70 9.05
N CYS A 182 57.20 2.41 8.93
CA CYS A 182 57.34 1.52 10.08
C CYS A 182 58.70 0.85 10.04
N ARG A 183 59.34 0.78 11.21
CA ARG A 183 60.51 -0.05 11.43
C ARG A 183 60.22 -1.19 12.38
N ALA A 184 59.20 -1.06 13.22
CA ALA A 184 58.58 -2.18 13.91
C ALA A 184 57.40 -2.71 13.09
N SER A 208 47.60 4.33 26.27
CA SER A 208 48.94 3.86 25.93
C SER A 208 48.96 3.19 24.56
N ALA A 209 50.17 3.00 24.02
CA ALA A 209 50.40 2.47 22.68
C ALA A 209 50.17 0.96 22.58
N ASP A 210 49.66 0.32 23.64
CA ASP A 210 49.49 -1.11 23.75
C ASP A 210 48.02 -1.52 23.73
N HIS A 211 47.09 -0.59 23.54
CA HIS A 211 45.72 -0.97 23.23
C HIS A 211 45.53 -1.34 21.78
N PHE A 212 46.59 -1.29 20.97
CA PHE A 212 46.55 -1.53 19.54
C PHE A 212 47.61 -2.54 19.14
N GLU A 213 47.69 -3.62 19.92
CA GLU A 213 48.57 -4.73 19.60
C GLU A 213 48.30 -5.24 18.19
N ALA A 214 49.37 -5.58 17.47
CA ALA A 214 49.26 -6.00 16.08
C ALA A 214 50.14 -7.21 15.81
N GLU A 215 49.83 -7.87 14.69
CA GLU A 215 50.63 -8.99 14.23
C GLU A 215 50.58 -9.06 12.71
N VAL A 216 51.56 -9.72 12.12
CA VAL A 216 51.66 -9.83 10.67
C VAL A 216 51.02 -11.14 10.23
N VAL A 217 49.89 -11.04 9.54
CA VAL A 217 49.17 -12.18 8.99
C VAL A 217 49.27 -12.15 7.47
N GLU A 218 48.84 -13.24 6.83
CA GLU A 218 48.99 -13.50 5.39
C GLU A 218 47.62 -13.71 4.73
N ARG A 219 46.67 -12.86 5.03
CA ARG A 219 45.39 -12.97 4.36
C ARG A 219 45.51 -12.55 2.91
N THR A 220 44.41 -12.73 2.18
CA THR A 220 44.27 -12.32 0.80
C THR A 220 42.98 -11.57 0.68
N ASP A 221 42.96 -10.52 -0.11
CA ASP A 221 41.73 -9.77 -0.33
C ASP A 221 40.73 -10.64 -1.07
N VAL A 222 39.47 -10.30 -0.93
CA VAL A 222 38.44 -11.20 -1.37
C VAL A 222 38.02 -10.87 -2.77
N TYR A 223 38.23 -9.65 -3.21
CA TYR A 223 38.02 -9.21 -4.57
C TYR A 223 39.16 -9.48 -5.56
N TYR A 224 39.60 -10.69 -5.87
CA TYR A 224 39.57 -11.13 -7.27
C TYR A 224 40.08 -12.54 -7.26
N TYR A 225 39.99 -13.24 -8.39
CA TYR A 225 40.83 -14.43 -8.54
C TYR A 225 42.29 -14.13 -8.77
N GLU A 226 42.63 -12.99 -9.36
CA GLU A 226 44.05 -12.74 -9.59
C GLU A 226 44.78 -12.32 -8.32
N THR A 227 44.05 -11.83 -7.32
CA THR A 227 44.66 -11.30 -6.13
C THR A 227 45.56 -12.32 -5.44
N ARG A 228 46.59 -11.88 -5.00
CA ARG A 228 47.65 -12.63 -4.38
C ARG A 228 47.58 -12.49 -2.86
N PRO A 229 48.02 -13.47 -2.10
CA PRO A 229 48.01 -13.27 -0.66
C PRO A 229 49.10 -12.31 -0.26
N ALA A 230 48.69 -11.11 0.14
CA ALA A 230 49.66 -10.16 0.64
C ALA A 230 49.85 -10.39 2.11
N LEU A 231 50.65 -9.54 2.71
CA LEU A 231 50.93 -9.52 4.12
C LEU A 231 50.17 -8.36 4.70
N PHE A 232 49.41 -8.62 5.73
CA PHE A 232 48.60 -7.63 6.37
C PHE A 232 49.06 -7.55 7.80
N TYR A 233 48.56 -6.55 8.47
CA TYR A 233 48.75 -6.37 9.88
C TYR A 233 47.38 -6.58 10.44
N ARG A 234 47.27 -7.39 11.47
CA ARG A 234 46.03 -7.62 12.19
C ARG A 234 46.14 -6.81 13.45
N VAL A 235 45.30 -5.82 13.59
CA VAL A 235 45.40 -4.71 14.51
C VAL A 235 44.30 -4.91 15.54
N TYR A 236 44.65 -5.44 16.69
CA TYR A 236 43.74 -5.76 17.78
C TYR A 236 43.31 -4.54 18.56
N VAL A 237 42.19 -3.98 18.23
CA VAL A 237 41.63 -2.92 19.06
C VAL A 237 40.91 -3.52 20.27
N ARG A 238 40.96 -2.84 21.40
CA ARG A 238 40.07 -3.04 22.53
C ARG A 238 39.29 -1.76 22.72
N SER A 239 38.33 -1.78 23.66
CA SER A 239 37.46 -0.62 23.83
C SER A 239 36.87 -0.21 22.48
N GLY A 240 36.11 -1.14 21.91
CA GLY A 240 35.75 -1.19 20.50
C GLY A 240 35.43 0.14 19.86
N ARG A 241 34.69 1.00 20.56
CA ARG A 241 34.36 2.34 20.07
C ARG A 241 35.57 3.06 19.49
N VAL A 242 36.76 2.84 20.07
CA VAL A 242 37.95 3.58 19.66
C VAL A 242 38.28 3.26 18.21
N LEU A 243 37.99 2.04 17.77
CA LEU A 243 38.23 1.70 16.37
C LEU A 243 37.34 2.51 15.45
N SER A 244 36.15 2.88 15.92
CA SER A 244 35.25 3.67 15.10
C SER A 244 35.87 5.02 14.78
N TYR A 245 36.69 5.55 15.69
CA TYR A 245 37.45 6.72 15.31
C TYR A 245 38.59 6.32 14.38
N LEU A 246 39.41 5.35 14.82
CA LEU A 246 40.59 4.89 14.07
C LEU A 246 40.26 4.23 12.74
N CYS A 247 39.00 4.07 12.39
CA CYS A 247 38.57 3.54 11.10
C CYS A 247 38.01 4.62 10.20
N ASP A 248 37.44 5.69 10.78
CA ASP A 248 37.14 6.89 10.01
C ASP A 248 38.27 7.92 10.03
N ASN A 249 39.12 7.95 11.08
CA ASN A 249 39.98 9.11 11.31
C ASN A 249 41.46 8.86 11.27
N PHE A 250 41.94 7.64 11.51
CA PHE A 250 43.38 7.39 11.54
C PHE A 250 43.82 7.07 10.12
N CYS A 251 44.42 8.06 9.46
CA CYS A 251 45.11 7.81 8.19
C CYS A 251 44.14 7.30 7.13
N PRO A 252 43.11 8.08 6.77
CA PRO A 252 42.02 7.55 5.94
C PRO A 252 42.40 7.15 4.52
N ALA A 253 43.65 7.26 4.11
CA ALA A 253 44.05 6.83 2.78
C ALA A 253 44.52 5.37 2.77
N ILE A 254 44.59 4.72 3.93
CA ILE A 254 44.84 3.28 4.00
C ILE A 254 43.49 2.58 3.95
N LYS A 255 43.50 1.34 3.51
CA LYS A 255 42.30 0.54 3.40
C LYS A 255 42.31 -0.41 4.58
N LYS A 256 41.41 -0.16 5.51
CA LYS A 256 41.14 -1.03 6.62
C LYS A 256 40.29 -2.14 6.09
N TYR A 257 40.53 -3.37 6.54
CA TYR A 257 39.80 -4.47 5.95
C TYR A 257 38.53 -4.85 6.68
N GLU A 258 38.59 -5.18 7.94
CA GLU A 258 37.39 -5.67 8.62
C GLU A 258 37.05 -4.80 9.80
N GLY A 259 37.14 -3.50 9.62
CA GLY A 259 36.95 -2.61 10.73
C GLY A 259 35.53 -2.33 11.12
N GLY A 260 34.57 -2.88 10.41
CA GLY A 260 33.18 -2.77 10.75
C GLY A 260 32.63 -3.93 11.53
N VAL A 261 33.43 -4.96 11.78
CA VAL A 261 33.00 -6.20 12.40
C VAL A 261 33.08 -6.04 13.90
N ASP A 262 31.94 -5.97 14.56
CA ASP A 262 31.89 -5.75 15.98
C ASP A 262 32.40 -6.97 16.75
N ALA A 263 32.46 -6.82 18.08
CA ALA A 263 33.09 -7.83 18.91
C ALA A 263 32.25 -9.07 19.04
N THR A 264 30.93 -8.91 18.97
CA THR A 264 30.04 -10.04 19.02
C THR A 264 30.30 -10.97 17.86
N THR A 265 30.43 -10.43 16.66
CA THR A 265 30.73 -11.26 15.50
C THR A 265 32.09 -11.93 15.59
N ARG A 266 33.10 -11.22 16.08
CA ARG A 266 34.37 -11.89 16.37
C ARG A 266 34.20 -13.01 17.37
N PHE A 267 33.25 -12.90 18.29
CA PHE A 267 33.08 -13.96 19.25
C PHE A 267 32.38 -15.15 18.62
N ILE A 268 31.34 -14.88 17.84
CA ILE A 268 30.56 -15.94 17.25
C ILE A 268 31.37 -16.68 16.22
N LEU A 269 32.10 -15.96 15.37
CA LEU A 269 32.84 -16.61 14.30
C LEU A 269 34.13 -17.23 14.78
N ASP A 270 34.88 -16.53 15.63
CA ASP A 270 36.19 -17.05 15.99
C ASP A 270 36.11 -18.38 16.72
N ASN A 271 35.03 -18.59 17.46
CA ASN A 271 34.80 -19.86 18.13
C ASN A 271 33.85 -20.68 17.30
N PRO A 272 34.33 -21.72 16.58
CA PRO A 272 33.43 -22.41 15.65
C PRO A 272 32.33 -23.17 16.36
N GLY A 273 31.12 -23.05 15.84
CA GLY A 273 29.96 -23.69 16.38
C GLY A 273 29.04 -22.74 17.11
N PHE A 274 29.60 -21.71 17.75
CA PHE A 274 28.83 -20.80 18.57
C PHE A 274 27.75 -20.12 17.79
N VAL A 275 26.68 -19.82 18.49
CA VAL A 275 25.50 -19.21 17.91
C VAL A 275 25.10 -18.10 18.85
N THR A 276 24.38 -17.14 18.29
CA THR A 276 23.85 -16.05 19.06
C THR A 276 22.56 -16.38 19.75
N PHE A 277 21.97 -17.54 19.48
CA PHE A 277 20.69 -17.89 20.09
C PHE A 277 20.65 -19.41 20.20
N GLY A 278 20.92 -19.94 21.37
CA GLY A 278 20.89 -21.37 21.48
C GLY A 278 21.48 -21.81 22.78
N TRP A 279 21.28 -23.08 23.06
CA TRP A 279 21.83 -23.70 24.25
C TRP A 279 23.34 -23.68 24.23
N TYR A 280 23.92 -23.62 25.41
CA TYR A 280 25.35 -23.54 25.58
C TYR A 280 25.70 -24.49 26.69
N ARG A 281 26.92 -24.47 27.17
CA ARG A 281 27.23 -25.30 28.30
C ARG A 281 28.56 -24.86 28.84
N LEU A 282 28.68 -24.75 30.15
CA LEU A 282 29.96 -24.34 30.71
C LEU A 282 30.88 -25.55 30.74
N LYS A 283 32.08 -25.36 30.24
CA LYS A 283 33.04 -26.39 29.96
C LYS A 283 34.28 -26.23 30.84
N PRO A 284 35.04 -27.30 31.09
CA PRO A 284 36.22 -27.17 31.88
C PRO A 284 37.27 -26.17 31.45
N GLY A 285 37.50 -25.87 30.17
CA GLY A 285 38.44 -24.79 29.86
C GLY A 285 39.75 -25.28 29.28
N ARG A 286 40.60 -24.32 28.89
CA ARG A 286 41.81 -24.64 28.16
C ARG A 286 42.71 -25.59 28.93
N ASN A 287 43.21 -25.20 30.11
CA ASN A 287 44.05 -26.13 30.86
C ASN A 287 43.32 -26.84 31.98
N ASN A 288 42.71 -26.14 32.96
CA ASN A 288 41.42 -26.51 33.48
C ASN A 288 40.46 -25.35 33.75
N THR A 289 40.83 -24.10 33.40
CA THR A 289 40.17 -22.87 33.84
C THR A 289 38.65 -22.94 33.83
N LEU A 290 38.02 -22.54 34.94
CA LEU A 290 36.57 -22.60 35.05
C LEU A 290 35.92 -21.21 35.07
N ALA A 291 34.59 -21.23 35.14
CA ALA A 291 33.70 -20.10 34.87
C ALA A 291 33.64 -19.00 35.93
N GLN A 292 34.21 -19.14 37.12
CA GLN A 292 34.12 -18.01 38.05
C GLN A 292 32.76 -17.41 38.33
N PRO A 293 31.88 -18.09 39.04
CA PRO A 293 30.63 -17.47 39.46
C PRO A 293 30.87 -16.21 40.28
N ARG A 294 30.38 -15.09 39.76
CA ARG A 294 30.43 -13.78 40.39
C ARG A 294 29.73 -13.76 41.74
N ALA A 295 30.06 -12.77 42.50
CA ALA A 295 29.39 -12.46 43.75
C ALA A 295 28.28 -11.46 43.48
N PRO A 296 27.11 -11.55 44.16
CA PRO A 296 25.97 -10.67 43.83
C PRO A 296 26.24 -9.18 43.74
N MET A 297 27.32 -8.72 44.37
CA MET A 297 27.64 -7.31 44.22
C MET A 297 28.30 -7.04 42.88
N ALA A 298 29.07 -7.97 42.33
CA ALA A 298 29.62 -7.78 41.00
C ALA A 298 28.67 -8.16 39.86
N PHE A 299 27.39 -8.35 40.11
CA PHE A 299 26.45 -8.61 39.02
C PHE A 299 26.28 -7.40 38.13
N GLY A 300 26.43 -7.60 36.85
CA GLY A 300 26.32 -6.52 35.91
C GLY A 300 24.93 -6.36 35.35
N THR A 301 24.18 -7.44 35.32
CA THR A 301 22.82 -7.46 34.84
C THR A 301 21.90 -7.81 35.98
N SER A 302 20.60 -7.85 35.70
CA SER A 302 19.61 -8.16 36.71
C SER A 302 19.42 -9.63 36.91
N SER A 303 20.28 -10.43 36.34
CA SER A 303 20.17 -11.85 36.28
C SER A 303 20.27 -12.47 37.66
N ASP A 304 19.91 -13.76 37.71
CA ASP A 304 19.97 -14.56 38.92
C ASP A 304 21.40 -15.01 39.21
N VAL A 305 22.01 -15.65 38.24
CA VAL A 305 23.37 -16.14 38.39
C VAL A 305 24.23 -15.56 37.27
N GLU A 306 25.51 -15.34 37.59
CA GLU A 306 26.45 -14.75 36.66
C GLU A 306 27.81 -15.41 36.77
N PHE A 307 28.47 -15.47 35.64
CA PHE A 307 29.78 -16.07 35.51
C PHE A 307 30.69 -15.18 34.70
N ASN A 308 31.98 -15.48 34.78
CA ASN A 308 33.05 -14.78 34.11
C ASN A 308 33.77 -15.89 33.39
N CYS A 309 33.38 -16.13 32.16
CA CYS A 309 33.96 -17.21 31.38
C CYS A 309 34.93 -16.60 30.40
N THR A 310 35.54 -17.43 29.58
CA THR A 310 36.14 -17.03 28.33
C THR A 310 35.63 -18.01 27.28
N ALA A 311 35.86 -17.71 26.01
CA ALA A 311 35.31 -18.54 24.94
C ALA A 311 35.67 -20.02 25.05
N ASP A 312 36.76 -20.34 25.75
CA ASP A 312 37.13 -21.72 25.98
C ASP A 312 36.36 -22.39 27.11
N ASN A 313 35.63 -21.64 27.94
CA ASN A 313 34.74 -22.21 28.95
C ASN A 313 33.31 -22.37 28.48
N LEU A 314 33.04 -22.35 27.18
CA LEU A 314 31.69 -22.45 26.67
C LEU A 314 31.70 -23.43 25.53
N ALA A 315 30.60 -24.14 25.39
CA ALA A 315 30.41 -25.12 24.32
C ALA A 315 29.00 -24.99 23.81
N ILE A 316 28.79 -25.39 22.58
CA ILE A 316 27.54 -25.06 21.91
C ILE A 316 26.40 -25.95 22.33
N GLU A 317 26.62 -27.19 22.78
CA GLU A 317 25.55 -27.98 23.38
C GLU A 317 24.35 -28.18 22.45
N GLY A 318 24.57 -28.82 21.31
CA GLY A 318 23.45 -29.34 20.57
C GLY A 318 22.91 -30.58 21.25
N GLY A 319 21.65 -30.88 20.98
CA GLY A 319 20.97 -31.95 21.68
C GLY A 319 19.85 -31.39 22.53
N MET A 320 20.08 -30.23 23.16
CA MET A 320 18.99 -29.34 23.50
C MET A 320 18.58 -28.62 22.24
N SER A 321 17.29 -28.54 21.98
CA SER A 321 16.74 -27.66 20.96
C SER A 321 15.71 -26.71 21.53
N ASP A 322 14.91 -27.19 22.48
CA ASP A 322 13.77 -26.46 23.01
C ASP A 322 14.17 -25.11 23.58
N LEU A 323 13.22 -24.29 23.70
CA LEU A 323 13.31 -22.94 24.22
C LEU A 323 12.91 -22.90 25.68
N PRO A 324 13.70 -22.32 26.52
CA PRO A 324 13.41 -22.19 27.94
C PRO A 324 12.29 -21.23 28.23
N ALA A 325 12.04 -21.02 29.48
CA ALA A 325 10.94 -20.49 30.25
C ALA A 325 10.88 -18.97 30.12
N TYR A 326 11.63 -18.39 29.18
CA TYR A 326 11.68 -16.97 28.98
C TYR A 326 10.28 -16.39 28.94
N LYS A 327 10.19 -15.16 29.42
CA LYS A 327 8.95 -14.45 29.60
C LYS A 327 8.72 -13.44 28.49
N LEU A 328 7.45 -13.25 28.18
CA LEU A 328 7.03 -12.30 27.16
C LEU A 328 6.13 -11.29 27.84
N MET A 329 6.49 -10.03 27.77
CA MET A 329 5.59 -8.94 28.10
C MET A 329 4.92 -8.41 26.86
N CYS A 330 3.64 -8.16 26.95
CA CYS A 330 2.86 -7.67 25.84
C CYS A 330 2.16 -6.46 26.42
N PHE A 331 2.79 -5.30 26.32
CA PHE A 331 2.19 -4.12 26.95
C PHE A 331 1.53 -3.20 25.94
N ASP A 332 0.74 -2.28 26.48
CA ASP A 332 -0.05 -1.34 25.68
C ASP A 332 -0.41 -0.15 26.57
N ILE A 333 0.02 1.02 26.24
CA ILE A 333 -0.38 2.21 26.98
C ILE A 333 -1.64 2.83 26.39
N GLU A 334 -2.36 3.52 27.26
CA GLU A 334 -3.49 4.37 26.94
C GLU A 334 -3.21 5.75 27.49
N CYS A 335 -3.49 6.77 26.68
CA CYS A 335 -3.08 8.14 26.98
C CYS A 335 -4.27 9.06 26.93
N LYS A 336 -4.23 10.09 27.74
CA LYS A 336 -5.24 11.13 27.74
C LYS A 336 -4.57 12.44 27.38
N ALA A 337 -5.31 13.30 26.70
CA ALA A 337 -4.90 14.67 26.46
C ALA A 337 -5.59 15.56 27.48
N GLY A 338 -4.81 16.36 28.19
CA GLY A 338 -5.34 17.13 29.29
C GLY A 338 -5.28 18.63 29.13
N GLY A 339 -5.12 19.12 27.91
CA GLY A 339 -5.01 20.54 27.66
C GLY A 339 -6.36 21.20 27.46
N GLU A 340 -6.31 22.44 27.00
CA GLU A 340 -7.52 23.17 26.64
C GLU A 340 -8.42 22.37 25.71
N ASP A 341 -7.86 21.85 24.62
CA ASP A 341 -8.54 20.94 23.72
C ASP A 341 -8.19 19.52 24.14
N GLU A 342 -9.07 18.86 24.90
CA GLU A 342 -8.80 17.49 25.29
C GLU A 342 -9.44 16.49 24.31
N LEU A 343 -9.73 16.93 23.11
CA LEU A 343 -9.95 16.07 21.96
C LEU A 343 -8.75 16.05 21.02
N ALA A 344 -7.70 16.79 21.36
CA ALA A 344 -6.44 16.68 20.67
C ALA A 344 -5.81 15.33 20.98
N PHE A 345 -4.91 14.91 20.11
CA PHE A 345 -4.29 13.65 20.41
C PHE A 345 -3.17 13.91 21.40
N PRO A 346 -2.97 13.05 22.38
CA PRO A 346 -1.90 13.25 23.35
C PRO A 346 -0.57 13.52 22.69
N VAL A 347 0.27 14.26 23.37
CA VAL A 347 1.60 14.52 22.88
C VAL A 347 2.49 14.35 24.07
N ALA A 348 3.56 13.61 23.91
CA ALA A 348 4.32 13.21 25.08
C ALA A 348 4.96 14.41 25.73
N GLY A 349 5.42 15.37 24.93
CA GLY A 349 6.07 16.54 25.49
C GLY A 349 5.17 17.40 26.37
N HIS A 350 3.89 17.50 26.03
CA HIS A 350 3.00 18.34 26.81
C HIS A 350 2.83 17.73 28.19
N PRO A 351 3.14 18.43 29.29
CA PRO A 351 3.06 17.77 30.59
C PRO A 351 1.69 17.36 31.02
N GLU A 352 0.64 17.77 30.32
CA GLU A 352 -0.73 17.45 30.69
C GLU A 352 -1.36 16.39 29.83
N ASP A 353 -0.67 15.92 28.80
CA ASP A 353 -1.13 14.84 27.94
C ASP A 353 -0.47 13.57 28.42
N LEU A 354 -1.14 12.86 29.31
CA LEU A 354 -0.49 11.93 30.20
C LEU A 354 -0.85 10.50 29.85
N VAL A 355 0.03 9.57 30.22
CA VAL A 355 -0.37 8.18 30.18
C VAL A 355 -1.34 7.95 31.33
N ILE A 356 -2.39 7.21 31.06
CA ILE A 356 -3.42 6.92 32.05
C ILE A 356 -3.44 5.44 32.38
N GLN A 357 -3.30 4.57 31.39
CA GLN A 357 -3.37 3.14 31.63
C GLN A 357 -2.28 2.42 30.88
N ILE A 358 -1.77 1.35 31.48
CA ILE A 358 -0.78 0.48 30.84
C ILE A 358 -1.23 -0.95 31.05
N SER A 359 -1.85 -1.54 30.06
CA SER A 359 -2.00 -2.98 30.09
C SER A 359 -0.63 -3.63 30.00
N CYS A 360 -0.49 -4.77 30.67
CA CYS A 360 0.78 -5.48 30.64
C CYS A 360 0.48 -6.95 30.87
N LEU A 361 0.49 -7.76 29.83
CA LEU A 361 0.35 -9.20 29.99
C LEU A 361 1.72 -9.84 30.08
N LEU A 362 1.81 -10.90 30.87
CA LEU A 362 3.07 -11.58 31.15
C LEU A 362 2.88 -13.05 30.85
N TYR A 363 3.14 -13.44 29.61
CA TYR A 363 3.17 -14.81 29.17
C TYR A 363 4.45 -15.53 29.53
N ASP A 364 4.41 -16.84 29.40
CA ASP A 364 5.57 -17.70 29.38
C ASP A 364 5.81 -18.06 27.94
N LEU A 365 7.01 -17.84 27.48
CA LEU A 365 7.27 -17.90 26.06
C LEU A 365 7.31 -19.34 25.56
N SER A 366 7.77 -20.26 26.40
CA SER A 366 7.85 -21.65 26.01
C SER A 366 6.47 -22.31 26.06
N THR A 367 5.81 -22.28 27.20
CA THR A 367 4.51 -22.93 27.32
C THR A 367 3.38 -22.10 26.75
N THR A 368 3.62 -20.86 26.33
CA THR A 368 2.67 -19.95 25.70
C THR A 368 1.53 -19.52 26.63
N ALA A 369 1.70 -19.71 27.92
CA ALA A 369 0.65 -19.54 28.92
C ALA A 369 0.63 -18.13 29.47
N LEU A 370 -0.46 -17.40 29.30
CA LEU A 370 -0.56 -16.12 29.99
C LEU A 370 -0.54 -16.34 31.47
N GLU A 371 0.43 -15.71 32.12
CA GLU A 371 0.66 -15.88 33.53
C GLU A 371 0.12 -14.75 34.38
N HIS A 372 0.33 -13.51 33.98
CA HIS A 372 -0.19 -12.37 34.72
C HIS A 372 -0.85 -11.38 33.78
N VAL A 373 -1.91 -10.75 34.26
CA VAL A 373 -2.59 -9.67 33.54
C VAL A 373 -2.55 -8.49 34.49
N LEU A 374 -1.57 -7.63 34.32
CA LEU A 374 -1.46 -6.39 35.06
C LEU A 374 -2.14 -5.26 34.31
N LEU A 375 -2.80 -4.38 35.04
CA LEU A 375 -3.34 -3.15 34.48
C LEU A 375 -2.94 -2.04 35.42
N PHE A 376 -2.08 -1.17 34.93
CA PHE A 376 -1.71 0.05 35.60
C PHE A 376 -2.75 1.09 35.24
N SER A 377 -3.17 1.87 36.23
CA SER A 377 -4.28 2.80 36.05
C SER A 377 -4.06 4.03 36.90
N LEU A 378 -4.14 5.18 36.28
CA LEU A 378 -4.12 6.47 36.98
C LEU A 378 -5.49 6.73 37.57
N GLY A 379 -5.60 6.65 38.86
CA GLY A 379 -6.87 6.81 39.52
C GLY A 379 -7.58 5.50 39.59
N SER A 380 -8.73 5.52 40.26
CA SER A 380 -9.54 4.32 40.43
C SER A 380 -9.90 3.70 39.09
N CYS A 381 -10.00 2.39 39.09
CA CYS A 381 -10.32 1.65 37.88
C CYS A 381 -10.94 0.35 38.36
N ASP A 382 -12.23 0.15 38.09
CA ASP A 382 -12.94 -1.06 38.43
C ASP A 382 -13.28 -1.78 37.15
N LEU A 383 -12.61 -2.89 36.89
CA LEU A 383 -12.84 -3.56 35.63
C LEU A 383 -14.24 -4.14 35.62
N PRO A 384 -14.96 -4.04 34.50
CA PRO A 384 -16.35 -4.48 34.51
C PRO A 384 -16.48 -5.97 34.80
N GLU A 385 -17.57 -6.32 35.47
CA GLU A 385 -17.78 -7.72 35.84
C GLU A 385 -17.95 -8.57 34.59
N SER A 386 -18.56 -8.04 33.55
CA SER A 386 -18.59 -8.76 32.28
C SER A 386 -17.18 -9.07 31.78
N HIS A 387 -16.28 -8.10 31.85
CA HIS A 387 -14.91 -8.36 31.43
C HIS A 387 -14.21 -9.33 32.35
N LEU A 388 -14.39 -9.20 33.65
CA LEU A 388 -13.76 -10.12 34.57
C LEU A 388 -14.23 -11.54 34.33
N ASN A 389 -15.51 -11.70 34.03
CA ASN A 389 -16.07 -13.02 33.82
C ASN A 389 -15.67 -13.61 32.49
N GLU A 390 -15.53 -12.79 31.44
CA GLU A 390 -14.98 -13.33 30.19
C GLU A 390 -13.53 -13.78 30.37
N LEU A 391 -12.75 -13.04 31.14
CA LEU A 391 -11.40 -13.49 31.45
C LEU A 391 -11.44 -14.82 32.18
N ALA A 392 -12.21 -14.90 33.27
CA ALA A 392 -12.26 -16.14 34.03
C ALA A 392 -12.80 -17.30 33.20
N ALA A 393 -13.70 -17.02 32.27
CA ALA A 393 -14.20 -18.07 31.39
C ALA A 393 -13.10 -18.65 30.54
N ARG A 394 -12.21 -17.82 30.01
CA ARG A 394 -11.20 -18.27 29.08
C ARG A 394 -10.00 -18.87 29.75
N GLY A 395 -9.96 -18.94 31.07
CA GLY A 395 -8.85 -19.54 31.75
C GLY A 395 -7.70 -18.59 31.97
N LEU A 396 -7.85 -17.36 31.58
CA LEU A 396 -6.83 -16.35 31.73
C LEU A 396 -6.76 -15.88 33.17
N PRO A 397 -5.59 -15.44 33.63
CA PRO A 397 -5.48 -14.96 35.00
C PRO A 397 -6.40 -13.79 35.27
N THR A 398 -6.62 -13.52 36.53
CA THR A 398 -7.50 -12.42 36.86
C THR A 398 -6.72 -11.13 36.72
N PRO A 399 -7.30 -10.07 36.19
CA PRO A 399 -6.55 -8.82 36.08
C PRO A 399 -6.22 -8.28 37.45
N VAL A 400 -4.95 -7.98 37.64
CA VAL A 400 -4.45 -7.31 38.82
C VAL A 400 -4.40 -5.84 38.43
N VAL A 401 -5.46 -5.10 38.74
CA VAL A 401 -5.49 -3.67 38.42
C VAL A 401 -4.76 -2.93 39.51
N LEU A 402 -3.76 -2.16 39.11
CA LEU A 402 -2.93 -1.37 40.00
C LEU A 402 -3.30 0.07 39.78
N GLU A 403 -3.63 0.77 40.85
CA GLU A 403 -4.09 2.15 40.80
C GLU A 403 -3.02 3.07 41.31
N PHE A 404 -2.87 4.21 40.69
CA PHE A 404 -1.88 5.20 41.09
C PHE A 404 -2.55 6.55 41.15
N ASP A 405 -1.91 7.49 41.78
CA ASP A 405 -2.43 8.84 41.88
C ASP A 405 -1.90 9.72 40.79
N SER A 406 -0.61 9.64 40.56
CA SER A 406 0.14 10.48 39.66
C SER A 406 0.55 9.66 38.44
N GLU A 407 0.74 10.33 37.31
CA GLU A 407 1.32 9.67 36.15
C GLU A 407 2.74 9.15 36.40
N PHE A 408 3.55 9.87 37.15
CA PHE A 408 4.89 9.38 37.41
C PHE A 408 4.84 8.06 38.14
N GLU A 409 3.95 7.94 39.09
CA GLU A 409 3.91 6.72 39.86
C GLU A 409 3.54 5.55 38.98
N MET A 410 2.63 5.76 38.04
CA MET A 410 2.27 4.70 37.10
C MET A 410 3.44 4.31 36.24
N LEU A 411 4.12 5.28 35.64
CA LEU A 411 5.23 4.94 34.75
C LEU A 411 6.42 4.41 35.53
N LEU A 412 6.65 4.88 36.73
CA LEU A 412 7.71 4.30 37.52
C LEU A 412 7.38 2.88 37.91
N ALA A 413 6.12 2.58 38.20
CA ALA A 413 5.77 1.21 38.52
C ALA A 413 5.84 0.33 37.30
N PHE A 414 5.50 0.84 36.14
CA PHE A 414 5.69 0.06 34.93
C PHE A 414 7.17 -0.21 34.67
N MET A 415 8.01 0.80 34.76
CA MET A 415 9.42 0.58 34.55
C MET A 415 10.03 -0.23 35.65
N THR A 416 9.47 -0.19 36.84
CA THR A 416 9.92 -1.07 37.89
C THR A 416 9.50 -2.49 37.61
N LEU A 417 8.33 -2.69 37.03
CA LEU A 417 7.98 -4.03 36.61
C LEU A 417 8.90 -4.50 35.51
N VAL A 418 9.19 -3.65 34.54
CA VAL A 418 10.04 -4.06 33.43
C VAL A 418 11.43 -4.41 33.91
N LYS A 419 11.94 -3.72 34.89
CA LYS A 419 13.24 -4.10 35.44
C LYS A 419 13.15 -5.31 36.36
N GLN A 420 12.09 -5.42 37.14
CA GLN A 420 11.98 -6.50 38.11
C GLN A 420 11.60 -7.81 37.46
N TYR A 421 10.46 -7.86 36.77
CA TYR A 421 10.13 -9.03 35.98
C TYR A 421 11.20 -9.32 34.95
N GLY A 422 11.65 -8.30 34.26
CA GLY A 422 12.66 -8.43 33.25
C GLY A 422 12.27 -9.38 32.14
N PRO A 423 11.24 -9.04 31.39
CA PRO A 423 10.85 -9.89 30.28
C PRO A 423 11.94 -9.91 29.23
N GLU A 424 12.37 -11.10 28.87
CA GLU A 424 13.30 -11.21 27.76
C GLU A 424 12.70 -10.69 26.47
N PHE A 425 11.45 -11.04 26.18
CA PHE A 425 10.84 -10.59 24.94
C PHE A 425 9.73 -9.63 25.34
N VAL A 426 9.68 -8.49 24.69
CA VAL A 426 8.53 -7.60 24.76
C VAL A 426 7.85 -7.54 23.43
N THR A 427 6.54 -7.39 23.46
CA THR A 427 5.81 -7.15 22.25
C THR A 427 4.65 -6.21 22.54
N GLY A 428 3.84 -6.07 21.55
CA GLY A 428 2.79 -5.09 21.53
C GLY A 428 2.59 -4.75 20.09
N TYR A 429 1.70 -3.81 19.87
CA TYR A 429 1.29 -3.43 18.54
C TYR A 429 1.60 -1.96 18.42
N ASN A 430 2.52 -1.63 17.54
CA ASN A 430 2.93 -0.28 17.34
C ASN A 430 3.62 0.25 18.56
N ILE A 431 4.35 -0.59 19.27
CA ILE A 431 5.04 -0.12 20.47
C ILE A 431 6.31 0.63 20.17
N ILE A 432 6.72 0.73 18.91
CA ILE A 432 7.99 1.37 18.59
C ILE A 432 7.69 2.76 18.08
N ASN A 433 6.49 2.95 17.53
CA ASN A 433 6.10 4.24 17.01
C ASN A 433 5.28 5.04 18.00
N PHE A 434 4.44 4.42 18.82
CA PHE A 434 3.69 5.14 19.84
C PHE A 434 4.05 4.82 21.26
N ASP A 435 4.03 3.55 21.68
CA ASP A 435 4.01 3.27 23.11
C ASP A 435 5.33 3.57 23.77
N TRP A 436 6.40 3.01 23.27
CA TRP A 436 7.69 3.25 23.90
C TRP A 436 8.10 4.69 23.67
N PRO A 437 7.93 5.27 22.49
CA PRO A 437 8.19 6.70 22.40
C PRO A 437 7.38 7.57 23.34
N PHE A 438 6.09 7.30 23.53
CA PHE A 438 5.34 8.05 24.51
C PHE A 438 5.92 7.88 25.90
N LEU A 439 6.15 6.65 26.32
CA LEU A 439 6.60 6.42 27.68
C LEU A 439 7.97 7.00 27.92
N LEU A 440 8.89 6.78 27.01
CA LEU A 440 10.25 7.29 27.18
C LEU A 440 10.32 8.79 27.03
N ALA A 441 9.47 9.38 26.22
CA ALA A 441 9.36 10.81 26.18
C ALA A 441 8.90 11.35 27.51
N LYS A 442 7.87 10.75 28.08
CA LYS A 442 7.47 11.11 29.42
C LYS A 442 8.61 10.93 30.39
N LEU A 443 9.18 9.74 30.45
CA LEU A 443 10.17 9.43 31.47
C LEU A 443 11.44 10.23 31.34
N THR A 444 11.79 10.71 30.15
CA THR A 444 13.06 11.42 30.00
C THR A 444 12.86 12.92 29.92
N ASP A 445 11.91 13.41 29.15
CA ASP A 445 11.64 14.83 29.16
C ASP A 445 10.97 15.27 30.45
N ILE A 446 9.81 14.71 30.73
CA ILE A 446 8.98 15.23 31.80
C ILE A 446 9.51 14.85 33.16
N TYR A 447 9.89 13.60 33.35
CA TYR A 447 10.30 13.09 34.66
C TYR A 447 11.79 12.89 34.84
N LYS A 448 12.59 13.06 33.81
CA LYS A 448 14.05 13.01 33.92
C LYS A 448 14.55 11.73 34.54
N VAL A 449 13.98 10.60 34.15
CA VAL A 449 14.38 9.29 34.67
C VAL A 449 15.44 8.70 33.75
N PRO A 450 16.58 8.28 34.24
CA PRO A 450 17.55 7.63 33.36
C PRO A 450 17.14 6.22 32.95
N LEU A 451 16.84 6.00 31.68
CA LEU A 451 16.49 4.67 31.22
C LEU A 451 17.67 3.78 30.94
N ASP A 452 18.91 4.21 31.18
CA ASP A 452 20.03 3.36 30.84
C ASP A 452 20.19 2.15 31.73
N GLY A 453 19.40 2.02 32.76
CA GLY A 453 19.56 0.99 33.76
C GLY A 453 18.33 0.14 33.84
N TYR A 454 17.25 0.51 33.17
CA TYR A 454 16.02 -0.25 33.18
C TYR A 454 15.98 -1.35 32.17
N GLY A 455 17.11 -1.77 31.60
CA GLY A 455 17.06 -2.86 30.65
C GLY A 455 17.37 -4.16 31.34
N ARG A 456 18.46 -4.81 30.98
CA ARG A 456 18.92 -6.01 31.64
C ARG A 456 20.19 -5.78 32.38
N MET A 457 21.01 -4.85 31.92
CA MET A 457 22.09 -4.28 32.70
C MET A 457 21.55 -3.23 33.65
N ASN A 458 22.24 -3.14 34.77
CA ASN A 458 21.90 -2.27 35.88
C ASN A 458 22.29 -0.83 35.64
N GLY A 459 22.92 -0.51 34.55
CA GLY A 459 23.25 0.86 34.27
C GLY A 459 24.11 0.91 33.04
N ARG A 460 24.19 2.06 32.41
CA ARG A 460 25.02 2.25 31.23
C ARG A 460 24.60 1.33 30.10
N GLY A 461 23.32 1.00 30.02
CA GLY A 461 22.78 0.17 28.96
C GLY A 461 21.99 1.00 28.00
N VAL A 462 21.68 0.42 26.86
CA VAL A 462 20.93 1.13 25.83
C VAL A 462 19.46 0.88 26.06
N PHE A 463 18.66 1.94 26.03
CA PHE A 463 17.21 1.90 26.06
C PHE A 463 16.64 2.84 25.00
N ARG A 464 17.18 2.79 23.81
CA ARG A 464 16.93 3.80 22.79
C ARG A 464 15.81 3.38 21.86
N VAL A 465 15.08 4.36 21.34
CA VAL A 465 14.22 4.16 20.18
C VAL A 465 14.73 5.09 19.10
N TRP A 466 14.64 4.63 17.88
CA TRP A 466 15.08 5.31 16.67
C TRP A 466 13.89 5.33 15.76
N ASP A 467 13.62 6.46 15.14
CA ASP A 467 12.59 6.49 14.13
C ASP A 467 13.21 7.03 12.86
N ILE A 468 12.55 6.67 11.75
CA ILE A 468 13.06 6.95 10.42
C ILE A 468 13.48 8.40 10.30
N GLY A 469 12.60 9.31 10.71
CA GLY A 469 12.87 10.73 10.93
C GLY A 469 13.75 11.44 9.93
N GLN A 470 13.43 11.29 8.65
CA GLN A 470 14.23 11.76 7.51
C GLN A 470 15.72 11.55 7.72
N SER A 471 16.09 10.29 7.97
CA SER A 471 17.47 9.86 7.78
C SER A 471 17.75 9.36 6.37
N HIS A 472 16.70 9.01 5.63
CA HIS A 472 16.67 8.61 4.21
C HIS A 472 17.44 7.32 3.93
N PHE A 473 17.94 6.67 4.97
CA PHE A 473 18.47 5.33 4.87
C PHE A 473 17.76 4.37 5.80
N GLN A 474 17.41 4.80 7.02
CA GLN A 474 16.59 3.97 7.88
C GLN A 474 15.31 3.60 7.19
N LYS A 475 15.14 2.31 6.96
CA LYS A 475 13.91 1.79 6.39
C LYS A 475 12.87 1.49 7.45
N ARG A 476 13.28 1.47 8.71
CA ARG A 476 12.38 1.17 9.80
C ARG A 476 12.82 1.94 11.02
N SER A 477 11.88 2.10 11.93
CA SER A 477 12.13 2.62 13.25
C SER A 477 12.53 1.45 14.11
N LYS A 478 13.70 1.54 14.70
CA LYS A 478 14.26 0.49 15.56
C LYS A 478 14.01 0.81 17.02
N ILE A 479 14.37 -0.13 17.87
CA ILE A 479 14.37 0.03 19.32
C ILE A 479 15.35 -0.97 19.84
N LYS A 480 16.17 -0.54 20.75
CA LYS A 480 17.15 -1.42 21.34
C LYS A 480 17.10 -1.12 22.82
N VAL A 481 16.44 -1.99 23.53
CA VAL A 481 16.69 -2.13 24.95
C VAL A 481 17.59 -3.30 25.07
N ASN A 482 18.50 -3.24 26.01
CA ASN A 482 19.48 -4.30 26.12
C ASN A 482 18.92 -5.47 26.91
N GLY A 483 19.22 -6.66 26.43
CA GLY A 483 18.75 -7.91 26.99
C GLY A 483 17.25 -7.98 27.03
N MET A 484 16.60 -7.42 26.02
CA MET A 484 15.16 -7.39 25.93
C MET A 484 14.82 -7.26 24.47
N VAL A 485 14.13 -8.24 23.93
CA VAL A 485 13.92 -8.36 22.50
C VAL A 485 12.54 -7.81 22.22
N ASN A 486 12.49 -6.60 21.71
CA ASN A 486 11.22 -5.99 21.36
C ASN A 486 10.79 -6.47 20.00
N ILE A 487 9.75 -7.29 19.98
CA ILE A 487 9.17 -7.70 18.72
C ILE A 487 7.85 -6.99 18.66
N ASP A 488 7.84 -5.86 18.03
CA ASP A 488 6.61 -5.16 17.71
C ASP A 488 5.83 -5.98 16.70
N MET A 489 4.62 -6.38 17.05
CA MET A 489 3.83 -7.18 16.14
C MET A 489 3.30 -6.39 15.00
N TYR A 490 3.40 -5.07 15.05
CA TYR A 490 3.05 -4.26 13.91
C TYR A 490 3.95 -4.59 12.73
N GLY A 491 5.27 -4.56 12.94
CA GLY A 491 6.18 -4.89 11.89
C GLY A 491 6.21 -6.36 11.54
N ILE A 492 5.79 -7.22 12.44
CA ILE A 492 5.70 -8.63 12.11
C ILE A 492 4.48 -8.88 11.27
N ILE A 493 3.45 -8.07 11.38
CA ILE A 493 2.25 -8.34 10.64
C ILE A 493 2.28 -7.63 9.32
N THR A 494 2.95 -6.49 9.23
CA THR A 494 2.94 -5.78 7.95
C THR A 494 3.65 -6.57 6.88
N ASP A 495 4.59 -7.44 7.26
CA ASP A 495 5.23 -8.33 6.30
C ASP A 495 4.82 -9.78 6.45
N LYS A 496 3.60 -10.04 6.88
CA LYS A 496 3.04 -11.38 6.83
C LYS A 496 1.62 -11.40 6.32
N ILE A 497 1.04 -10.26 6.01
CA ILE A 497 -0.33 -10.22 5.54
C ILE A 497 -0.50 -8.89 4.84
N LYS A 498 -1.23 -8.92 3.74
CA LYS A 498 -1.49 -7.74 2.95
C LYS A 498 -2.83 -7.19 3.37
N LEU A 499 -2.79 -6.08 4.08
CA LEU A 499 -3.99 -5.36 4.44
C LEU A 499 -3.83 -3.91 4.05
N SER A 500 -4.93 -3.28 3.72
CA SER A 500 -4.91 -1.86 3.47
C SER A 500 -4.65 -1.10 4.74
N SER A 501 -5.33 -1.47 5.80
CA SER A 501 -5.16 -0.86 7.10
C SER A 501 -4.65 -1.91 8.04
N TYR A 502 -3.64 -1.55 8.82
CA TYR A 502 -3.02 -2.41 9.80
C TYR A 502 -3.36 -1.96 11.21
N LYS A 503 -4.47 -1.28 11.42
CA LYS A 503 -4.89 -1.04 12.79
C LYS A 503 -5.19 -2.37 13.44
N LEU A 504 -5.07 -2.41 14.75
CA LEU A 504 -5.13 -3.68 15.44
C LEU A 504 -6.50 -4.30 15.37
N ASN A 505 -7.54 -3.53 15.18
CA ASN A 505 -8.86 -4.11 14.95
C ASN A 505 -8.89 -4.76 13.58
N ALA A 506 -8.32 -4.12 12.58
CA ALA A 506 -8.33 -4.69 11.26
C ALA A 506 -7.51 -5.96 11.22
N VAL A 507 -6.36 -5.96 11.90
CA VAL A 507 -5.51 -7.13 12.00
C VAL A 507 -6.18 -8.22 12.83
N ALA A 508 -6.87 -7.87 13.90
CA ALA A 508 -7.57 -8.86 14.68
C ALA A 508 -8.66 -9.53 13.87
N GLU A 509 -9.43 -8.76 13.11
CA GLU A 509 -10.42 -9.37 12.21
C GLU A 509 -9.78 -10.20 11.11
N ALA A 510 -8.69 -9.72 10.52
CA ALA A 510 -8.16 -10.43 9.37
C ALA A 510 -7.39 -11.67 9.76
N VAL A 511 -6.80 -11.70 10.95
CA VAL A 511 -5.83 -12.72 11.32
C VAL A 511 -6.42 -13.69 12.33
N LEU A 512 -7.05 -13.17 13.35
CA LEU A 512 -7.66 -13.97 14.41
C LEU A 512 -9.13 -14.21 14.15
N LYS A 513 -9.74 -13.44 13.27
CA LYS A 513 -11.16 -13.51 13.01
C LYS A 513 -11.92 -13.19 14.29
N ASP A 514 -11.60 -12.03 14.85
CA ASP A 514 -11.94 -11.66 16.22
C ASP A 514 -12.41 -10.22 16.20
N LYS A 515 -13.71 -10.03 16.28
CA LYS A 515 -14.33 -8.72 16.14
C LYS A 515 -14.14 -7.95 17.44
N LYS A 516 -13.04 -7.22 17.52
CA LYS A 516 -12.83 -6.38 18.68
C LYS A 516 -13.56 -5.06 18.49
N LYS A 517 -13.78 -4.38 19.60
CA LYS A 517 -14.38 -3.06 19.64
C LYS A 517 -13.32 -2.06 20.03
N ASP A 518 -13.17 -1.02 19.23
CA ASP A 518 -12.08 -0.08 19.38
C ASP A 518 -12.52 1.12 20.21
N LEU A 519 -11.62 1.60 21.06
CA LEU A 519 -11.83 2.82 21.81
C LEU A 519 -11.06 3.94 21.13
N SER A 520 -11.78 4.93 20.64
CA SER A 520 -11.14 6.07 20.00
C SER A 520 -10.54 6.96 21.07
N TYR A 521 -9.36 7.51 20.78
CA TYR A 521 -8.71 8.40 21.73
C TYR A 521 -9.56 9.62 22.08
N ARG A 522 -10.62 9.89 21.33
CA ARG A 522 -11.55 10.96 21.58
C ARG A 522 -12.55 10.64 22.68
N ASP A 523 -12.74 9.36 23.01
CA ASP A 523 -13.70 8.98 24.01
C ASP A 523 -13.08 8.73 25.35
N ILE A 524 -11.77 8.85 25.46
CA ILE A 524 -11.07 8.61 26.70
C ILE A 524 -11.27 9.77 27.67
N PRO A 525 -11.30 11.03 27.23
CA PRO A 525 -11.65 12.07 28.22
C PRO A 525 -13.03 11.87 28.78
N ALA A 526 -14.02 11.63 27.92
CA ALA A 526 -15.39 11.46 28.38
C ALA A 526 -15.56 10.23 29.27
N TYR A 527 -14.75 9.20 29.09
CA TYR A 527 -14.82 8.03 29.95
C TYR A 527 -14.07 8.28 31.24
N TYR A 528 -12.83 8.69 31.11
CA TYR A 528 -12.00 8.96 32.26
C TYR A 528 -12.62 9.97 33.22
N ALA A 529 -13.33 10.96 32.68
CA ALA A 529 -13.91 12.01 33.52
C ALA A 529 -15.02 11.47 34.41
N THR A 530 -15.64 10.38 34.02
CA THR A 530 -16.72 9.80 34.79
C THR A 530 -16.09 8.99 35.91
N GLY A 531 -16.85 8.22 36.63
CA GLY A 531 -16.32 7.59 37.82
C GLY A 531 -15.33 6.48 37.52
N PRO A 532 -15.04 5.65 38.52
CA PRO A 532 -14.11 4.54 38.31
C PRO A 532 -14.62 3.49 37.36
N ALA A 533 -15.91 3.36 37.16
CA ALA A 533 -16.38 2.28 36.31
C ALA A 533 -16.06 2.52 34.86
N GLN A 534 -16.09 3.78 34.44
CA GLN A 534 -15.77 4.10 33.06
C GLN A 534 -14.27 4.05 32.81
N ARG A 535 -13.47 4.43 33.79
CA ARG A 535 -12.05 4.13 33.73
C ARG A 535 -11.82 2.64 33.64
N GLY A 536 -12.66 1.84 34.28
CA GLY A 536 -12.60 0.42 34.13
C GLY A 536 -12.96 -0.03 32.74
N VAL A 537 -13.88 0.65 32.10
CA VAL A 537 -14.18 0.33 30.70
C VAL A 537 -12.97 0.61 29.83
N ILE A 538 -12.27 1.70 30.09
CA ILE A 538 -11.00 1.93 29.39
C ILE A 538 -10.03 0.80 29.70
N GLY A 539 -9.97 0.36 30.96
CA GLY A 539 -9.08 -0.73 31.30
C GLY A 539 -9.44 -2.04 30.64
N GLU A 540 -10.71 -2.26 30.37
CA GLU A 540 -11.11 -3.42 29.61
C GLU A 540 -10.58 -3.32 28.20
N TYR A 541 -10.71 -2.16 27.58
CA TYR A 541 -10.27 -2.07 26.19
C TYR A 541 -8.76 -2.17 26.08
N CYS A 542 -8.04 -1.66 27.07
CA CYS A 542 -6.60 -1.87 27.12
C CYS A 542 -6.26 -3.35 27.25
N ILE A 543 -6.89 -4.04 28.19
CA ILE A 543 -6.56 -5.45 28.38
C ILE A 543 -6.89 -6.24 27.14
N GLN A 544 -8.01 -5.94 26.48
CA GLN A 544 -8.37 -6.68 25.30
C GLN A 544 -7.43 -6.41 24.15
N ASP A 545 -6.85 -5.21 24.11
CA ASP A 545 -5.83 -4.90 23.13
C ASP A 545 -4.63 -5.79 23.32
N SER A 546 -4.14 -5.86 24.54
CA SER A 546 -2.94 -6.65 24.74
C SER A 546 -3.20 -8.14 24.60
N LEU A 547 -4.41 -8.59 24.88
CA LEU A 547 -4.69 -10.01 24.68
C LEU A 547 -4.72 -10.32 23.20
N LEU A 548 -5.28 -9.44 22.39
CA LEU A 548 -5.20 -9.66 20.95
C LEU A 548 -3.76 -9.68 20.45
N VAL A 549 -2.93 -8.80 20.97
CA VAL A 549 -1.55 -8.80 20.51
C VAL A 549 -0.79 -10.03 20.97
N GLY A 550 -1.11 -10.56 22.14
CA GLY A 550 -0.52 -11.82 22.52
C GLY A 550 -0.97 -12.94 21.62
N GLN A 551 -2.23 -12.92 21.21
CA GLN A 551 -2.73 -13.93 20.29
C GLN A 551 -2.04 -13.87 18.96
N LEU A 552 -1.78 -12.68 18.44
CA LEU A 552 -0.99 -12.55 17.23
C LEU A 552 0.41 -13.10 17.42
N PHE A 553 1.09 -12.67 18.47
CA PHE A 553 2.45 -13.15 18.73
C PHE A 553 2.52 -14.65 18.79
N PHE A 554 1.54 -15.29 19.42
CA PHE A 554 1.59 -16.73 19.56
C PHE A 554 0.93 -17.45 18.40
N LYS A 555 0.33 -16.72 17.47
CA LYS A 555 0.00 -17.32 16.20
C LYS A 555 1.20 -17.35 15.29
N PHE A 556 1.97 -16.28 15.22
CA PHE A 556 3.11 -16.22 14.33
C PHE A 556 4.38 -16.69 14.98
N LEU A 557 4.53 -16.54 16.27
CA LEU A 557 5.72 -16.91 17.01
C LEU A 557 6.93 -16.30 16.34
N PRO A 558 7.08 -14.98 16.34
CA PRO A 558 8.17 -14.40 15.59
C PRO A 558 9.52 -14.72 16.16
N HIS A 559 9.60 -14.94 17.45
CA HIS A 559 10.88 -15.22 18.07
C HIS A 559 11.53 -16.48 17.55
N LEU A 560 10.76 -17.47 17.15
CA LEU A 560 11.32 -18.73 16.67
C LEU A 560 11.87 -18.59 15.28
N GLU A 561 11.12 -17.93 14.42
CA GLU A 561 11.55 -17.75 13.04
C GLU A 561 12.74 -16.83 13.00
N LEU A 562 12.69 -15.77 13.78
CA LEU A 562 13.76 -14.83 13.85
C LEU A 562 14.99 -15.46 14.43
N SER A 563 14.83 -16.41 15.33
CA SER A 563 15.95 -17.03 16.00
C SER A 563 16.61 -18.04 15.12
N ALA A 564 15.85 -18.71 14.27
CA ALA A 564 16.46 -19.54 13.26
C ALA A 564 17.36 -18.71 12.37
N VAL A 565 16.87 -17.55 11.94
CA VAL A 565 17.66 -16.67 11.11
C VAL A 565 18.87 -16.14 11.86
N ALA A 566 18.71 -15.73 13.12
CA ALA A 566 19.86 -15.28 13.88
C ALA A 566 20.89 -16.37 14.11
N ARG A 567 20.46 -17.60 14.37
CA ARG A 567 21.41 -18.69 14.52
C ARG A 567 22.20 -18.88 13.27
N LEU A 568 21.53 -18.86 12.13
CA LEU A 568 22.19 -19.19 10.88
C LEU A 568 23.04 -18.06 10.38
N ALA A 569 22.63 -16.83 10.65
CA ALA A 569 23.38 -15.69 10.16
C ALA A 569 24.62 -15.45 10.99
N GLY A 570 24.45 -15.23 12.27
CA GLY A 570 25.57 -15.06 13.18
C GLY A 570 25.41 -13.77 13.94
N ILE A 571 24.26 -13.15 13.80
CA ILE A 571 23.95 -11.87 14.35
C ILE A 571 23.07 -12.16 15.54
N ASN A 572 22.98 -11.23 16.49
CA ASN A 572 22.04 -11.51 17.55
C ASN A 572 20.62 -11.30 17.06
N ILE A 573 19.64 -11.66 17.88
CA ILE A 573 18.27 -11.67 17.39
C ILE A 573 17.74 -10.26 17.19
N THR A 574 18.27 -9.28 17.90
CA THR A 574 17.81 -7.92 17.74
C THR A 574 18.33 -7.29 16.46
N ARG A 575 19.51 -7.68 16.03
CA ARG A 575 20.01 -7.28 14.73
C ARG A 575 19.26 -7.98 13.63
N THR A 576 18.75 -9.16 13.91
CA THR A 576 17.90 -9.83 12.96
C THR A 576 16.60 -9.10 12.83
N ILE A 577 16.00 -8.69 13.94
CA ILE A 577 14.74 -7.97 13.83
C ILE A 577 14.94 -6.64 13.11
N TYR A 578 16.07 -5.97 13.31
CA TYR A 578 16.13 -4.56 12.92
C TYR A 578 17.12 -4.24 11.82
N ASP A 579 18.35 -4.74 11.85
CA ASP A 579 19.35 -4.18 10.96
C ASP A 579 19.40 -4.84 9.60
N GLY A 580 18.31 -4.94 8.89
CA GLY A 580 18.34 -5.29 7.49
C GLY A 580 18.92 -6.62 7.05
N GLN A 581 18.92 -6.84 5.74
CA GLN A 581 19.41 -8.07 5.14
C GLN A 581 20.89 -8.09 4.88
N GLN A 582 21.57 -6.97 4.91
CA GLN A 582 22.93 -6.98 4.44
C GLN A 582 23.87 -7.45 5.50
N ILE A 583 23.51 -7.28 6.76
CA ILE A 583 24.38 -7.73 7.82
C ILE A 583 24.25 -9.22 8.02
N ARG A 584 23.10 -9.80 7.69
CA ARG A 584 23.01 -11.24 7.64
C ARG A 584 23.98 -11.81 6.63
N VAL A 585 23.90 -11.32 5.41
CA VAL A 585 24.74 -11.83 4.34
C VAL A 585 26.18 -11.53 4.63
N PHE A 586 26.46 -10.34 5.14
CA PHE A 586 27.82 -9.96 5.39
C PHE A 586 28.46 -10.82 6.45
N THR A 587 27.69 -11.20 7.48
CA THR A 587 28.26 -11.98 8.57
C THR A 587 28.49 -13.41 8.14
N CYS A 588 27.56 -13.98 7.40
CA CYS A 588 27.77 -15.32 6.89
C CYS A 588 28.97 -15.39 5.94
N LEU A 589 29.08 -14.40 5.05
CA LEU A 589 30.23 -14.29 4.19
C LEU A 589 31.50 -14.03 4.95
N LEU A 590 31.43 -13.31 6.04
CA LEU A 590 32.62 -13.08 6.81
C LEU A 590 33.10 -14.37 7.44
N ARG A 591 32.20 -15.21 7.90
CA ARG A 591 32.58 -16.52 8.40
C ARG A 591 33.30 -17.32 7.33
N LEU A 592 32.69 -17.40 6.15
CA LEU A 592 33.31 -18.15 5.07
C LEU A 592 34.67 -17.59 4.69
N ALA A 593 34.74 -16.29 4.48
CA ALA A 593 35.99 -15.67 4.09
C ALA A 593 37.07 -15.96 5.11
N ASP A 594 36.80 -15.72 6.39
CA ASP A 594 37.84 -15.92 7.38
C ASP A 594 38.30 -17.37 7.43
N GLN A 595 37.42 -18.32 7.15
CA GLN A 595 37.86 -19.70 7.07
C GLN A 595 38.78 -19.91 5.90
N LYS A 596 38.35 -19.48 4.73
CA LYS A 596 39.07 -19.66 3.49
C LYS A 596 40.32 -18.82 3.40
N GLY A 597 40.47 -17.83 4.26
CA GLY A 597 41.72 -17.13 4.32
C GLY A 597 41.64 -15.87 3.52
N PHE A 598 40.52 -15.19 3.57
CA PHE A 598 40.27 -13.99 2.81
C PHE A 598 40.01 -12.89 3.80
N ILE A 599 39.87 -11.68 3.30
CA ILE A 599 39.46 -10.58 4.13
C ILE A 599 38.64 -9.65 3.29
N LEU A 600 37.66 -9.05 3.91
CA LEU A 600 36.59 -8.34 3.24
C LEU A 600 36.88 -6.86 3.34
N PRO A 601 37.28 -6.17 2.27
CA PRO A 601 37.72 -4.80 2.44
C PRO A 601 36.60 -3.88 2.90
N ASP A 602 37.01 -2.85 3.60
CA ASP A 602 36.11 -1.89 4.19
C ASP A 602 35.97 -0.74 3.20
N THR A 603 34.74 -0.37 2.91
CA THR A 603 34.42 0.51 1.79
C THR A 603 33.65 1.74 2.20
N GLN A 604 32.77 1.59 3.19
CA GLN A 604 31.93 2.70 3.66
C GLN A 604 32.74 3.71 4.45
N GLY A 605 33.84 3.27 5.09
CA GLY A 605 34.83 4.23 5.56
C GLY A 605 35.26 5.20 4.47
N ARG A 606 35.30 4.73 3.23
CA ARG A 606 35.45 5.56 2.05
C ARG A 606 34.12 6.06 1.46
N PHE A 607 33.04 6.08 2.25
CA PHE A 607 31.76 6.68 1.87
C PHE A 607 31.29 7.59 3.00
N ARG A 608 30.26 8.41 2.73
CA ARG A 608 29.65 9.23 3.78
C ARG A 608 28.89 8.33 4.76
N GLY A 655 15.04 10.85 -9.05
CA GLY A 655 15.38 9.67 -8.27
C GLY A 655 15.18 8.39 -9.05
N ARG A 656 15.12 7.26 -8.34
CA ARG A 656 14.90 5.95 -8.96
C ARG A 656 15.98 5.60 -9.99
N HIS A 657 17.23 5.59 -9.53
CA HIS A 657 18.32 5.19 -10.40
C HIS A 657 18.82 3.79 -10.03
N VAL A 658 19.39 3.13 -11.02
CA VAL A 658 19.71 1.70 -11.01
C VAL A 658 21.19 1.55 -11.28
N GLY A 659 21.79 0.49 -10.75
CA GLY A 659 23.23 0.33 -10.84
C GLY A 659 23.70 -0.60 -11.93
N TYR A 660 22.84 -1.47 -12.38
CA TYR A 660 23.20 -2.42 -13.42
C TYR A 660 21.89 -2.87 -14.04
N GLN A 661 21.97 -3.81 -14.93
CA GLN A 661 20.80 -4.26 -15.62
C GLN A 661 20.29 -5.47 -14.88
N GLY A 662 19.03 -5.42 -14.51
CA GLY A 662 18.30 -6.44 -13.82
C GLY A 662 17.82 -7.45 -14.81
N ALA A 663 16.60 -7.90 -14.64
CA ALA A 663 16.15 -9.13 -15.23
C ALA A 663 15.26 -8.86 -16.41
N ARG A 664 15.03 -9.90 -17.18
CA ARG A 664 14.22 -9.80 -18.38
C ARG A 664 12.79 -10.13 -18.03
N VAL A 665 11.89 -9.32 -18.52
CA VAL A 665 10.47 -9.52 -18.39
C VAL A 665 10.01 -9.59 -19.83
N LEU A 666 9.78 -10.77 -20.34
CA LEU A 666 9.32 -10.90 -21.70
C LEU A 666 8.02 -10.16 -21.89
N ASP A 667 7.74 -9.80 -23.12
CA ASP A 667 6.51 -9.11 -23.44
C ASP A 667 5.39 -10.15 -23.44
N PRO A 668 4.35 -9.97 -22.64
CA PRO A 668 3.32 -10.99 -22.60
C PRO A 668 2.54 -11.02 -23.86
N THR A 669 2.12 -12.22 -24.26
CA THR A 669 1.12 -12.31 -25.31
C THR A 669 -0.21 -12.15 -24.62
N SER A 670 -0.55 -10.89 -24.39
CA SER A 670 -1.65 -10.47 -23.56
C SER A 670 -2.95 -11.10 -24.01
N GLY A 671 -3.88 -11.24 -23.08
CA GLY A 671 -5.15 -11.79 -23.45
C GLY A 671 -5.69 -12.77 -22.47
N PHE A 672 -6.91 -13.18 -22.73
CA PHE A 672 -7.54 -14.29 -22.05
C PHE A 672 -7.18 -15.57 -22.76
N HIS A 673 -6.42 -16.41 -22.10
CA HIS A 673 -5.94 -17.69 -22.58
C HIS A 673 -6.72 -18.77 -21.87
N VAL A 674 -7.62 -19.40 -22.61
CA VAL A 674 -8.42 -20.49 -22.05
C VAL A 674 -7.78 -21.86 -22.25
N ASN A 675 -6.63 -21.95 -22.92
CA ASN A 675 -5.85 -23.19 -22.96
C ASN A 675 -4.91 -23.27 -21.78
N PRO A 676 -4.35 -24.45 -21.49
CA PRO A 676 -3.43 -24.57 -20.37
C PRO A 676 -2.19 -23.73 -20.56
N VAL A 677 -1.69 -23.19 -19.46
CA VAL A 677 -0.50 -22.37 -19.46
C VAL A 677 0.35 -22.94 -18.36
N VAL A 678 1.29 -23.79 -18.72
CA VAL A 678 2.24 -24.31 -17.74
C VAL A 678 3.22 -23.21 -17.40
N VAL A 679 3.50 -23.02 -16.14
CA VAL A 679 4.47 -22.03 -15.69
C VAL A 679 5.68 -22.78 -15.26
N PHE A 680 6.71 -22.83 -16.08
CA PHE A 680 7.96 -23.29 -15.50
C PHE A 680 8.59 -22.15 -14.73
N ASP A 681 9.47 -22.48 -13.82
CA ASP A 681 10.25 -21.41 -13.24
C ASP A 681 11.39 -22.03 -12.49
N PHE A 682 12.50 -21.33 -12.49
CA PHE A 682 13.69 -21.83 -11.84
C PHE A 682 13.52 -21.77 -10.35
N ALA A 683 13.96 -22.81 -9.67
CA ALA A 683 13.89 -22.87 -8.23
C ALA A 683 15.13 -22.22 -7.65
N SER A 684 14.94 -21.20 -6.82
CA SER A 684 16.04 -20.49 -6.22
C SER A 684 16.96 -20.00 -7.32
N LEU A 685 16.43 -19.17 -8.21
CA LEU A 685 17.10 -18.91 -9.46
C LEU A 685 18.47 -18.30 -9.24
N TYR A 686 18.54 -17.17 -8.64
CA TYR A 686 19.79 -16.46 -8.56
C TYR A 686 20.75 -17.14 -7.62
N PRO A 687 20.31 -17.76 -6.54
CA PRO A 687 21.22 -18.63 -5.81
C PRO A 687 21.72 -19.81 -6.61
N SER A 688 20.88 -20.41 -7.43
CA SER A 688 21.33 -21.50 -8.28
C SER A 688 22.31 -21.04 -9.35
N ILE A 689 22.19 -19.80 -9.82
CA ILE A 689 23.17 -19.24 -10.73
C ILE A 689 24.49 -19.01 -10.00
N ILE A 690 24.44 -18.42 -8.82
CA ILE A 690 25.64 -18.17 -8.06
C ILE A 690 26.39 -19.45 -7.76
N GLN A 691 25.67 -20.54 -7.53
CA GLN A 691 26.33 -21.82 -7.24
C GLN A 691 26.71 -22.57 -8.50
N ALA A 692 25.87 -22.52 -9.51
CA ALA A 692 26.12 -23.23 -10.74
C ALA A 692 27.33 -22.69 -11.44
N HIS A 693 27.40 -21.37 -11.57
CA HIS A 693 28.48 -20.70 -12.24
C HIS A 693 29.56 -20.21 -11.32
N ASN A 694 29.47 -20.48 -10.03
CA ASN A 694 30.55 -20.21 -9.12
C ASN A 694 30.89 -18.73 -9.09
N LEU A 695 29.86 -17.91 -9.01
CA LEU A 695 30.06 -16.47 -8.96
C LEU A 695 30.40 -16.05 -7.55
N CYS A 696 31.38 -15.17 -7.43
CA CYS A 696 31.81 -14.64 -6.17
C CYS A 696 32.64 -13.42 -6.48
N PHE A 697 33.21 -12.84 -5.45
CA PHE A 697 34.20 -11.80 -5.62
C PHE A 697 35.53 -12.44 -5.87
N SER A 698 35.80 -13.51 -5.15
CA SER A 698 37.03 -14.24 -5.21
C SER A 698 37.20 -15.08 -6.45
N THR A 699 36.18 -15.28 -7.28
CA THR A 699 36.33 -16.05 -8.49
C THR A 699 36.26 -15.20 -9.75
N LEU A 700 35.77 -13.99 -9.64
CA LEU A 700 35.79 -13.03 -10.72
C LEU A 700 37.21 -12.66 -11.06
N SER A 701 37.48 -12.52 -12.34
CA SER A 701 38.74 -12.00 -12.83
C SER A 701 38.42 -11.00 -13.92
N LEU A 702 38.66 -9.71 -13.70
CA LEU A 702 38.32 -8.73 -14.73
C LEU A 702 39.29 -8.75 -15.89
N ARG A 703 40.49 -9.27 -15.69
CA ARG A 703 41.53 -9.25 -16.68
C ARG A 703 41.92 -10.66 -17.09
N ALA A 704 42.10 -10.86 -18.39
CA ALA A 704 42.51 -12.15 -18.95
C ALA A 704 44.00 -12.38 -18.88
N ASP A 705 44.54 -12.30 -17.70
CA ASP A 705 45.86 -12.81 -17.38
C ASP A 705 45.76 -13.81 -16.26
N ALA A 706 44.87 -13.53 -15.32
CA ALA A 706 44.63 -14.41 -14.22
C ALA A 706 44.20 -15.77 -14.67
N VAL A 707 43.50 -15.85 -15.79
CA VAL A 707 43.05 -17.11 -16.37
C VAL A 707 43.83 -17.48 -17.61
N ALA A 708 44.96 -16.84 -17.88
CA ALA A 708 45.77 -17.18 -19.04
C ALA A 708 46.43 -18.54 -18.92
N HIS A 709 46.32 -19.21 -17.78
CA HIS A 709 46.91 -20.52 -17.56
C HIS A 709 45.84 -21.53 -17.17
N LEU A 710 44.59 -21.27 -17.51
CA LEU A 710 43.48 -22.16 -17.29
C LEU A 710 42.80 -22.38 -18.61
N GLU A 711 42.15 -23.52 -18.78
CA GLU A 711 41.49 -23.80 -20.03
C GLU A 711 40.15 -23.08 -20.08
N ALA A 712 39.71 -22.73 -21.28
CA ALA A 712 38.42 -22.09 -21.44
C ALA A 712 37.35 -23.14 -21.47
N GLY A 713 36.21 -22.82 -20.87
CA GLY A 713 35.06 -23.69 -20.83
C GLY A 713 35.16 -24.81 -19.82
N LYS A 714 36.36 -25.18 -19.43
CA LYS A 714 36.60 -26.25 -18.48
C LYS A 714 36.99 -25.73 -17.13
N ASP A 715 37.65 -24.59 -17.08
CA ASP A 715 38.16 -24.03 -15.86
C ASP A 715 37.58 -22.67 -15.56
N TYR A 716 36.95 -22.01 -16.51
CA TYR A 716 36.42 -20.69 -16.24
C TYR A 716 35.34 -20.37 -17.24
N LEU A 717 34.32 -19.69 -16.77
CA LEU A 717 33.31 -19.10 -17.60
C LEU A 717 33.81 -17.74 -18.05
N GLU A 718 33.35 -17.33 -19.22
CA GLU A 718 33.70 -16.05 -19.78
C GLU A 718 32.43 -15.44 -20.28
N ILE A 719 32.09 -14.28 -19.75
CA ILE A 719 30.78 -13.69 -19.94
C ILE A 719 30.93 -12.20 -20.15
N GLU A 720 30.21 -11.65 -21.11
CA GLU A 720 30.14 -10.22 -21.30
C GLU A 720 29.04 -9.67 -20.41
N VAL A 721 29.44 -8.98 -19.37
CA VAL A 721 28.55 -8.41 -18.38
C VAL A 721 28.71 -6.91 -18.43
N GLY A 722 27.63 -6.19 -18.71
CA GLY A 722 27.74 -4.75 -18.76
C GLY A 722 28.68 -4.25 -19.81
N GLY A 723 28.89 -5.03 -20.86
CA GLY A 723 29.80 -4.73 -21.93
C GLY A 723 31.23 -5.06 -21.61
N ARG A 724 31.50 -5.48 -20.38
CA ARG A 724 32.82 -5.80 -19.86
C ARG A 724 32.99 -7.30 -19.87
N ARG A 725 34.07 -7.79 -20.45
CA ARG A 725 34.35 -9.21 -20.33
C ARG A 725 34.80 -9.56 -18.91
N LEU A 726 34.17 -10.60 -18.33
CA LEU A 726 34.38 -11.08 -16.98
C LEU A 726 34.67 -12.57 -17.03
N PHE A 727 35.67 -13.01 -16.31
CA PHE A 727 36.08 -14.41 -16.21
C PHE A 727 35.77 -14.90 -14.82
N PHE A 728 34.88 -15.85 -14.72
CA PHE A 728 34.55 -16.49 -13.46
C PHE A 728 35.08 -17.91 -13.46
N VAL A 729 36.19 -18.13 -12.76
CA VAL A 729 36.77 -19.46 -12.69
C VAL A 729 35.78 -20.39 -12.07
N LYS A 730 35.88 -21.66 -12.40
CA LYS A 730 34.87 -22.60 -11.97
C LYS A 730 35.33 -23.21 -10.68
N ALA A 731 34.45 -23.96 -10.02
CA ALA A 731 34.94 -24.72 -8.90
C ALA A 731 35.88 -25.78 -9.45
N HIS A 732 36.59 -26.46 -8.57
CA HIS A 732 37.86 -27.16 -8.79
C HIS A 732 39.02 -26.24 -9.15
N VAL A 733 38.83 -24.94 -9.13
CA VAL A 733 39.91 -23.96 -9.18
C VAL A 733 39.87 -23.07 -7.96
N ARG A 734 38.68 -22.58 -7.63
CA ARG A 734 38.41 -21.92 -6.38
C ARG A 734 36.90 -21.96 -6.23
N GLU A 735 36.44 -22.49 -5.12
CA GLU A 735 35.02 -22.43 -4.84
C GLU A 735 34.61 -21.02 -4.47
N SER A 736 33.48 -20.59 -5.02
CA SER A 736 32.88 -19.34 -4.63
C SER A 736 32.64 -19.35 -3.14
N LEU A 737 32.59 -18.19 -2.53
CA LEU A 737 32.19 -18.05 -1.14
C LEU A 737 30.69 -17.89 -1.06
N LEU A 738 30.11 -17.21 -2.03
CA LEU A 738 28.67 -17.05 -2.08
C LEU A 738 27.97 -18.38 -2.26
N SER A 739 28.63 -19.35 -2.88
CA SER A 739 28.05 -20.68 -2.97
C SER A 739 27.84 -21.35 -1.62
N ILE A 740 28.85 -21.36 -0.75
CA ILE A 740 28.72 -22.09 0.52
C ILE A 740 27.75 -21.37 1.44
N LEU A 741 27.84 -20.04 1.47
CA LEU A 741 26.85 -19.20 2.11
C LEU A 741 25.43 -19.60 1.70
N LEU A 742 25.20 -19.66 0.41
CA LEU A 742 23.88 -20.01 -0.05
C LEU A 742 23.51 -21.42 0.30
N ARG A 743 24.47 -22.34 0.40
CA ARG A 743 24.14 -23.71 0.81
C ARG A 743 23.40 -23.71 2.11
N ASP A 744 23.97 -23.04 3.10
CA ASP A 744 23.32 -23.01 4.40
C ASP A 744 21.91 -22.46 4.31
N TRP A 745 21.75 -21.33 3.63
CA TRP A 745 20.42 -20.75 3.63
C TRP A 745 19.44 -21.56 2.80
N LEU A 746 19.88 -22.16 1.71
CA LEU A 746 18.98 -22.97 0.91
C LEU A 746 18.57 -24.24 1.62
N ALA A 747 19.46 -24.83 2.42
CA ALA A 747 19.06 -25.93 3.27
C ALA A 747 17.99 -25.51 4.27
N MET A 748 18.11 -24.33 4.86
CA MET A 748 17.07 -23.87 5.76
C MET A 748 15.73 -23.70 5.05
N ARG A 749 15.74 -23.10 3.88
CA ARG A 749 14.47 -22.94 3.21
C ARG A 749 13.88 -24.26 2.83
N LYS A 750 14.71 -25.21 2.39
CA LYS A 750 14.19 -26.52 2.02
C LYS A 750 13.66 -27.30 3.20
N GLN A 751 14.28 -27.20 4.38
CA GLN A 751 13.69 -27.87 5.52
C GLN A 751 12.37 -27.25 5.92
N ILE A 752 12.23 -25.92 5.83
CA ILE A 752 10.95 -25.35 6.16
C ILE A 752 9.90 -25.77 5.14
N ARG A 753 10.27 -25.93 3.89
CA ARG A 753 9.28 -26.35 2.90
C ARG A 753 8.96 -27.82 3.02
N SER A 754 9.89 -28.62 3.54
CA SER A 754 9.63 -30.03 3.76
C SER A 754 8.71 -30.33 4.90
N ARG A 755 8.18 -29.33 5.58
CA ARG A 755 7.22 -29.51 6.65
C ARG A 755 5.88 -28.94 6.31
N ILE A 756 5.74 -28.38 5.13
CA ILE A 756 4.48 -27.86 4.65
C ILE A 756 3.54 -28.99 4.25
N PRO A 757 3.95 -30.05 3.53
CA PRO A 757 2.93 -31.03 3.09
C PRO A 757 2.26 -31.80 4.21
N GLN A 758 2.74 -31.67 5.44
CA GLN A 758 2.38 -32.54 6.55
C GLN A 758 1.90 -31.71 7.73
N SER A 759 1.18 -30.63 7.45
CA SER A 759 0.80 -29.68 8.49
C SER A 759 -0.64 -29.23 8.27
N SER A 760 -1.21 -28.58 9.30
CA SER A 760 -2.57 -28.12 9.17
C SER A 760 -2.61 -26.97 8.17
N PRO A 761 -3.77 -26.62 7.63
CA PRO A 761 -3.77 -25.52 6.67
C PRO A 761 -3.35 -24.19 7.26
N GLU A 762 -3.77 -23.91 8.48
CA GLU A 762 -3.40 -22.64 9.06
C GLU A 762 -1.94 -22.58 9.45
N GLU A 763 -1.29 -23.73 9.66
CA GLU A 763 0.13 -23.73 9.97
C GLU A 763 0.98 -23.87 8.72
N ALA A 764 0.45 -24.48 7.67
CA ALA A 764 1.08 -24.42 6.37
C ALA A 764 1.14 -23.00 5.84
N VAL A 765 0.17 -22.15 6.18
CA VAL A 765 0.24 -20.77 5.71
C VAL A 765 1.38 -20.04 6.38
N LEU A 766 1.58 -20.26 7.67
CA LEU A 766 2.73 -19.69 8.34
C LEU A 766 4.03 -20.27 7.82
N LEU A 767 4.06 -21.56 7.53
CA LEU A 767 5.28 -22.15 6.96
C LEU A 767 5.60 -21.60 5.59
N ASP A 768 4.58 -21.33 4.78
CA ASP A 768 4.78 -20.65 3.51
C ASP A 768 5.40 -19.29 3.72
N LYS A 769 4.93 -18.54 4.69
CA LYS A 769 5.53 -17.24 4.92
C LYS A 769 6.94 -17.34 5.46
N GLN A 770 7.25 -18.38 6.22
CA GLN A 770 8.60 -18.50 6.74
C GLN A 770 9.59 -18.89 5.66
N GLN A 771 9.20 -19.77 4.77
CA GLN A 771 10.07 -20.10 3.67
C GLN A 771 10.20 -18.93 2.70
N ALA A 772 9.19 -18.08 2.59
CA ALA A 772 9.36 -16.86 1.80
C ALA A 772 10.35 -15.92 2.45
N ALA A 773 10.38 -15.82 3.77
CA ALA A 773 11.40 -15.01 4.41
C ALA A 773 12.80 -15.55 4.16
N ILE A 774 12.98 -16.88 4.20
CA ILE A 774 14.29 -17.43 3.88
C ILE A 774 14.59 -17.30 2.39
N LYS A 775 13.58 -17.26 1.55
CA LYS A 775 13.83 -16.99 0.14
C LYS A 775 14.36 -15.59 -0.04
N VAL A 776 13.84 -14.67 0.73
CA VAL A 776 14.33 -13.30 0.66
C VAL A 776 15.75 -13.23 1.14
N VAL A 777 16.12 -13.99 2.17
CA VAL A 777 17.52 -13.94 2.58
C VAL A 777 18.43 -14.62 1.58
N CYS A 778 17.91 -15.49 0.75
CA CYS A 778 18.73 -16.09 -0.28
C CYS A 778 18.92 -15.12 -1.44
N ASN A 779 17.85 -14.54 -1.92
CA ASN A 779 17.95 -13.50 -2.92
C ASN A 779 18.69 -12.25 -2.42
N SER A 780 18.78 -12.01 -1.13
CA SER A 780 19.62 -10.92 -0.68
C SER A 780 21.09 -11.21 -0.74
N VAL A 781 21.53 -12.41 -1.06
CA VAL A 781 22.94 -12.62 -1.35
C VAL A 781 23.30 -11.98 -2.67
N TYR A 782 22.49 -12.26 -3.68
CA TYR A 782 22.57 -11.56 -4.94
C TYR A 782 22.46 -10.07 -4.72
N GLY A 783 21.41 -9.64 -4.04
CA GLY A 783 21.17 -8.26 -3.74
C GLY A 783 22.26 -7.60 -2.95
N PHE A 784 23.03 -8.35 -2.21
CA PHE A 784 24.09 -7.79 -1.42
C PHE A 784 25.29 -7.49 -2.30
N THR A 785 25.54 -8.31 -3.32
CA THR A 785 26.55 -7.91 -4.29
C THR A 785 26.16 -6.63 -5.01
N GLY A 786 24.89 -6.47 -5.34
CA GLY A 786 24.51 -5.40 -6.23
C GLY A 786 23.95 -4.19 -5.55
N VAL A 787 24.34 -4.00 -4.31
CA VAL A 787 23.99 -2.84 -3.51
C VAL A 787 25.13 -1.88 -3.53
N GLN A 788 24.90 -0.75 -4.15
CA GLN A 788 25.95 0.18 -4.42
C GLN A 788 26.10 1.05 -3.19
N HIS A 789 27.33 1.28 -2.79
CA HIS A 789 27.63 1.94 -1.54
C HIS A 789 27.10 1.14 -0.38
N GLY A 790 27.02 -0.18 -0.53
CA GLY A 790 26.68 -1.06 0.55
C GLY A 790 27.93 -1.74 1.05
N LEU A 791 27.75 -2.59 2.05
CA LEU A 791 28.85 -3.41 2.52
C LEU A 791 29.22 -4.33 1.39
N LEU A 792 30.48 -4.40 1.08
CA LEU A 792 31.06 -5.36 0.14
C LEU A 792 30.27 -5.59 -1.14
N PRO A 793 30.17 -4.61 -2.01
CA PRO A 793 29.47 -4.83 -3.27
C PRO A 793 30.37 -5.31 -4.38
N CYS A 794 29.75 -5.94 -5.35
CA CYS A 794 30.41 -6.24 -6.59
C CYS A 794 29.29 -6.20 -7.60
N LEU A 795 29.17 -5.07 -8.28
CA LEU A 795 28.21 -5.00 -9.33
C LEU A 795 28.63 -5.83 -10.53
N HIS A 796 29.85 -6.33 -10.59
CA HIS A 796 30.17 -7.33 -11.59
C HIS A 796 29.52 -8.67 -11.30
N VAL A 797 29.51 -9.10 -10.04
CA VAL A 797 28.82 -10.33 -9.69
C VAL A 797 27.33 -10.16 -9.83
N ALA A 798 26.81 -9.03 -9.41
CA ALA A 798 25.38 -8.81 -9.46
C ALA A 798 24.89 -8.70 -10.88
N ALA A 799 25.65 -7.99 -11.72
CA ALA A 799 25.34 -7.92 -13.13
C ALA A 799 25.54 -9.25 -13.83
N THR A 800 26.51 -10.08 -13.42
CA THR A 800 26.62 -11.43 -13.95
C THR A 800 25.42 -12.29 -13.57
N VAL A 801 24.96 -12.18 -12.33
CA VAL A 801 23.83 -12.98 -11.90
C VAL A 801 22.63 -12.67 -12.77
N THR A 802 22.30 -11.40 -12.89
CA THR A 802 21.19 -11.06 -13.75
C THR A 802 21.49 -11.35 -15.20
N THR A 803 22.74 -11.25 -15.65
CA THR A 803 23.03 -11.53 -17.05
C THR A 803 22.81 -12.99 -17.37
N ILE A 804 23.30 -13.88 -16.52
CA ILE A 804 23.06 -15.29 -16.74
C ILE A 804 21.61 -15.60 -16.60
N GLY A 805 20.89 -14.86 -15.75
CA GLY A 805 19.46 -15.07 -15.63
C GLY A 805 18.73 -14.77 -16.91
N ARG A 806 19.11 -13.69 -17.56
CA ARG A 806 18.49 -13.32 -18.81
C ARG A 806 18.86 -14.30 -19.91
N GLU A 807 20.06 -14.82 -19.90
CA GLU A 807 20.41 -15.81 -20.89
C GLU A 807 19.73 -17.12 -20.63
N MET A 808 19.50 -17.47 -19.37
CA MET A 808 18.76 -18.69 -19.07
C MET A 808 17.30 -18.58 -19.45
N LEU A 809 16.70 -17.43 -19.25
CA LEU A 809 15.32 -17.27 -19.66
C LEU A 809 15.17 -17.37 -21.14
N LEU A 810 16.07 -16.74 -21.90
CA LEU A 810 15.97 -16.84 -23.34
C LEU A 810 16.36 -18.22 -23.83
N ALA A 811 17.35 -18.84 -23.21
CA ALA A 811 17.73 -20.19 -23.58
C ALA A 811 16.58 -21.14 -23.37
N THR A 812 15.84 -20.98 -22.28
CA THR A 812 14.68 -21.82 -22.05
C THR A 812 13.60 -21.58 -23.09
N ARG A 813 13.35 -20.32 -23.43
CA ARG A 813 12.35 -20.04 -24.44
C ARG A 813 12.72 -20.63 -25.78
N GLU A 814 13.97 -20.48 -26.21
CA GLU A 814 14.36 -21.08 -27.48
C GLU A 814 14.36 -22.60 -27.40
N TYR A 815 14.70 -23.18 -26.27
CA TYR A 815 14.63 -24.63 -26.20
C TYR A 815 13.22 -25.14 -26.35
N VAL A 816 12.27 -24.52 -25.66
CA VAL A 816 10.90 -24.96 -25.76
C VAL A 816 10.37 -24.74 -27.16
N HIS A 817 10.72 -23.64 -27.80
CA HIS A 817 10.24 -23.38 -29.15
C HIS A 817 10.89 -24.27 -30.19
N ALA A 818 12.12 -24.68 -29.99
CA ALA A 818 12.83 -25.49 -30.95
C ALA A 818 12.53 -26.97 -30.80
N ARG A 819 12.52 -27.47 -29.58
CA ARG A 819 12.41 -28.90 -29.39
C ARG A 819 10.98 -29.41 -29.57
N TRP A 820 10.02 -28.79 -28.90
CA TRP A 820 8.64 -29.22 -28.89
C TRP A 820 7.77 -28.40 -29.80
N ALA A 821 8.32 -27.96 -30.91
CA ALA A 821 7.55 -27.13 -31.81
C ALA A 821 6.44 -27.92 -32.45
N ALA A 822 6.68 -29.20 -32.72
CA ALA A 822 5.70 -30.11 -33.29
C ALA A 822 5.34 -31.15 -32.24
N PHE A 823 4.12 -31.66 -32.32
CA PHE A 823 3.70 -32.61 -31.31
C PHE A 823 4.48 -33.90 -31.39
N GLU A 824 5.00 -34.27 -32.54
CA GLU A 824 5.68 -35.54 -32.61
C GLU A 824 6.94 -35.51 -31.74
N GLN A 825 7.61 -34.38 -31.68
CA GLN A 825 8.82 -34.35 -30.87
C GLN A 825 8.47 -34.38 -29.39
N LEU A 826 7.36 -33.78 -29.00
CA LEU A 826 6.90 -33.95 -27.63
C LEU A 826 6.60 -35.40 -27.33
N LEU A 827 5.93 -36.09 -28.25
CA LEU A 827 5.67 -37.50 -28.04
C LEU A 827 6.92 -38.34 -28.02
N ALA A 828 7.94 -37.97 -28.79
CA ALA A 828 9.19 -38.71 -28.73
C ALA A 828 9.89 -38.53 -27.38
N ASP A 829 9.85 -37.34 -26.81
CA ASP A 829 10.52 -37.11 -25.53
C ASP A 829 9.74 -37.72 -24.38
N PHE A 830 8.43 -37.55 -24.38
CA PHE A 830 7.55 -38.02 -23.30
C PHE A 830 6.42 -38.81 -23.93
N PRO A 831 6.49 -40.14 -23.99
CA PRO A 831 5.40 -40.90 -24.64
C PRO A 831 4.05 -40.72 -23.99
N GLU A 832 4.00 -40.31 -22.72
CA GLU A 832 2.74 -40.04 -22.06
C GLU A 832 2.03 -38.82 -22.60
N ALA A 833 2.59 -38.12 -23.59
CA ALA A 833 1.82 -37.09 -24.25
C ALA A 833 0.72 -37.68 -25.11
N ALA A 834 0.79 -38.97 -25.45
CA ALA A 834 -0.23 -39.54 -26.35
C ALA A 834 -1.62 -39.38 -25.77
N ASP A 835 -1.76 -39.56 -24.47
CA ASP A 835 -3.02 -39.46 -23.77
C ASP A 835 -3.29 -38.07 -23.24
N MET A 836 -2.66 -37.04 -23.82
CA MET A 836 -2.94 -35.66 -23.46
C MET A 836 -3.30 -34.82 -24.65
N ARG A 837 -3.39 -35.38 -25.83
CA ARG A 837 -3.60 -34.60 -27.04
C ARG A 837 -5.07 -34.18 -27.11
N ALA A 838 -5.36 -32.94 -26.71
CA ALA A 838 -6.66 -32.33 -26.91
C ALA A 838 -6.91 -32.12 -28.40
N PRO A 839 -8.15 -31.90 -28.82
CA PRO A 839 -8.47 -32.03 -30.25
C PRO A 839 -7.76 -31.06 -31.18
N GLY A 840 -7.47 -29.87 -30.69
CA GLY A 840 -7.00 -28.76 -31.47
C GLY A 840 -5.66 -28.93 -32.16
N PRO A 841 -5.20 -27.87 -32.82
CA PRO A 841 -3.82 -27.82 -33.31
C PRO A 841 -2.83 -27.55 -32.19
N TYR A 842 -1.92 -28.49 -31.97
CA TYR A 842 -0.90 -28.35 -30.93
C TYR A 842 -0.01 -27.15 -31.16
N SER A 843 0.50 -26.61 -30.08
CA SER A 843 1.57 -25.64 -30.10
C SER A 843 2.05 -25.51 -28.68
N MET A 844 3.24 -25.00 -28.54
CA MET A 844 3.81 -24.79 -27.24
C MET A 844 4.66 -23.54 -27.39
N ARG A 845 4.09 -22.40 -27.03
CA ARG A 845 4.69 -21.10 -27.24
C ARG A 845 4.74 -20.39 -25.91
N ILE A 846 5.92 -19.94 -25.53
CA ILE A 846 6.07 -19.11 -24.35
C ILE A 846 5.28 -17.83 -24.60
N ILE A 847 4.36 -17.50 -23.71
CA ILE A 847 3.52 -16.33 -23.86
C ILE A 847 3.82 -15.27 -22.83
N TYR A 848 4.79 -15.49 -21.95
CA TYR A 848 5.19 -14.51 -20.98
C TYR A 848 6.36 -15.11 -20.28
N GLY A 849 7.15 -14.29 -19.64
CA GLY A 849 8.22 -14.72 -18.78
C GLY A 849 8.58 -13.53 -17.94
N ASP A 850 9.37 -13.78 -16.95
CA ASP A 850 9.71 -12.86 -15.91
C ASP A 850 11.11 -13.28 -15.57
N THR A 851 11.65 -12.85 -14.46
CA THR A 851 13.05 -13.13 -14.22
C THR A 851 13.44 -14.60 -14.45
N ASP A 852 12.59 -15.54 -14.02
CA ASP A 852 12.82 -16.95 -14.22
C ASP A 852 11.66 -17.68 -14.85
N SER A 853 10.45 -17.23 -14.64
CA SER A 853 9.34 -18.05 -15.07
C SER A 853 9.21 -17.97 -16.57
N ILE A 854 8.63 -18.98 -17.15
CA ILE A 854 8.11 -18.86 -18.51
C ILE A 854 6.73 -19.49 -18.51
N PHE A 855 5.81 -18.83 -19.14
CA PHE A 855 4.44 -19.26 -19.25
C PHE A 855 4.34 -19.90 -20.61
N VAL A 856 4.25 -21.21 -20.67
CA VAL A 856 4.15 -21.94 -21.91
C VAL A 856 2.68 -22.18 -22.17
N LEU A 857 2.12 -21.51 -23.15
CA LEU A 857 0.73 -21.71 -23.56
C LEU A 857 0.64 -23.00 -24.38
N CYS A 858 0.37 -24.09 -23.70
CA CYS A 858 0.25 -25.41 -24.30
C CYS A 858 -1.10 -25.60 -24.95
N ARG A 859 -1.24 -25.19 -26.19
CA ARG A 859 -2.42 -25.52 -26.99
C ARG A 859 -2.41 -27.00 -27.36
N GLY A 860 -3.60 -27.56 -27.50
CA GLY A 860 -3.69 -28.91 -27.98
C GLY A 860 -3.33 -29.99 -27.00
N LEU A 861 -2.90 -29.65 -25.80
CA LEU A 861 -2.72 -30.57 -24.70
C LEU A 861 -3.82 -30.37 -23.66
N THR A 862 -4.26 -31.45 -23.02
CA THR A 862 -5.15 -31.32 -21.87
C THR A 862 -4.40 -30.95 -20.59
N ALA A 863 -5.03 -30.11 -19.77
CA ALA A 863 -4.44 -29.65 -18.53
C ALA A 863 -4.32 -30.72 -17.48
N ALA A 864 -4.97 -31.87 -17.66
CA ALA A 864 -5.07 -32.87 -16.61
C ALA A 864 -3.70 -33.37 -16.20
N GLY A 865 -2.98 -33.97 -17.15
CA GLY A 865 -1.64 -34.46 -16.85
C GLY A 865 -0.59 -33.56 -17.43
N LEU A 866 -0.91 -32.30 -17.61
CA LEU A 866 0.07 -31.35 -18.10
C LEU A 866 1.00 -30.90 -17.01
N THR A 867 0.56 -30.93 -15.77
CA THR A 867 1.50 -30.75 -14.69
C THR A 867 2.32 -32.00 -14.42
N ALA A 868 1.72 -33.18 -14.62
CA ALA A 868 2.48 -34.41 -14.47
C ALA A 868 3.54 -34.56 -15.54
N MET A 869 3.26 -34.06 -16.73
CA MET A 869 4.27 -34.01 -17.77
C MET A 869 5.12 -32.78 -17.67
N GLY A 870 4.63 -31.73 -17.02
CA GLY A 870 5.44 -30.53 -16.87
C GLY A 870 6.63 -30.77 -15.98
N ASP A 871 6.47 -31.60 -14.96
CA ASP A 871 7.64 -31.98 -14.19
C ASP A 871 8.71 -32.63 -15.05
N LYS A 872 8.32 -33.50 -15.97
CA LYS A 872 9.26 -34.12 -16.88
C LYS A 872 9.80 -33.15 -17.92
N MET A 873 8.95 -32.29 -18.48
CA MET A 873 9.42 -31.22 -19.35
C MET A 873 10.50 -30.41 -18.67
N ALA A 874 10.26 -30.04 -17.43
CA ALA A 874 11.16 -29.20 -16.71
C ALA A 874 12.45 -29.92 -16.41
N SER A 875 12.37 -31.19 -16.03
CA SER A 875 13.59 -31.95 -15.83
C SER A 875 14.38 -32.11 -17.11
N HIS A 876 13.70 -32.24 -18.23
CA HIS A 876 14.37 -32.35 -19.52
C HIS A 876 15.10 -31.08 -19.87
N ILE A 877 14.44 -29.93 -19.69
CA ILE A 877 15.08 -28.65 -20.00
C ILE A 877 16.22 -28.38 -19.05
N SER A 878 16.03 -28.61 -17.75
CA SER A 878 17.11 -28.40 -16.82
C SER A 878 18.29 -29.30 -17.10
N ARG A 879 18.06 -30.46 -17.69
CA ARG A 879 19.18 -31.34 -17.97
C ARG A 879 19.84 -30.97 -19.28
N ALA A 880 19.09 -30.49 -20.25
CA ALA A 880 19.71 -30.17 -21.51
C ALA A 880 20.48 -28.89 -21.45
N LEU A 881 19.97 -27.87 -20.76
CA LEU A 881 20.56 -26.55 -20.84
C LEU A 881 21.46 -26.20 -19.66
N PHE A 882 21.04 -26.44 -18.43
CA PHE A 882 21.64 -25.75 -17.31
C PHE A 882 22.48 -26.68 -16.45
N LEU A 883 23.39 -26.09 -15.70
CA LEU A 883 24.28 -26.80 -14.78
C LEU A 883 23.56 -27.21 -13.50
N PRO A 884 24.11 -28.19 -12.76
CA PRO A 884 23.31 -28.97 -11.81
C PRO A 884 22.49 -28.18 -10.80
N PRO A 885 23.05 -27.23 -10.03
CA PRO A 885 22.17 -26.58 -9.04
C PRO A 885 21.00 -25.83 -9.64
N ILE A 886 21.01 -25.56 -10.94
CA ILE A 886 19.91 -24.89 -11.58
C ILE A 886 18.86 -25.92 -11.91
N LYS A 887 17.62 -25.56 -11.68
CA LYS A 887 16.52 -26.50 -11.67
C LYS A 887 15.29 -25.74 -12.10
N LEU A 888 14.91 -25.92 -13.34
CA LEU A 888 13.62 -25.50 -13.82
C LEU A 888 12.59 -26.49 -13.33
N GLU A 889 11.46 -26.00 -12.86
CA GLU A 889 10.43 -26.90 -12.38
C GLU A 889 9.07 -26.35 -12.70
N CYS A 890 8.17 -27.22 -13.10
CA CYS A 890 6.83 -26.78 -13.41
C CYS A 890 6.15 -26.37 -12.13
N GLU A 891 5.86 -25.09 -12.02
CA GLU A 891 5.35 -24.48 -10.82
C GLU A 891 3.82 -24.61 -10.75
N LYS A 892 3.13 -24.12 -11.76
CA LYS A 892 1.67 -24.08 -11.80
C LYS A 892 1.19 -24.71 -13.08
N THR A 893 -0.11 -24.60 -13.30
CA THR A 893 -0.76 -24.84 -14.57
C THR A 893 -2.05 -24.08 -14.45
N PHE A 894 -2.24 -23.10 -15.29
CA PHE A 894 -3.43 -22.31 -15.28
C PHE A 894 -4.39 -22.93 -16.27
N THR A 895 -5.62 -23.19 -15.87
CA THR A 895 -6.61 -23.50 -16.89
C THR A 895 -7.13 -22.27 -17.59
N LYS A 896 -6.95 -21.08 -17.01
CA LYS A 896 -7.34 -19.83 -17.62
C LYS A 896 -6.36 -18.81 -17.13
N LEU A 897 -5.98 -17.91 -18.02
CA LEU A 897 -5.06 -16.87 -17.67
C LEU A 897 -5.46 -15.58 -18.34
N LEU A 898 -5.33 -14.48 -17.65
CA LEU A 898 -5.64 -13.18 -18.18
C LEU A 898 -4.30 -12.47 -18.07
N LEU A 899 -3.49 -12.59 -19.10
CA LEU A 899 -2.24 -11.86 -19.16
C LEU A 899 -2.53 -10.42 -19.48
N ILE A 900 -2.63 -9.60 -18.45
CA ILE A 900 -3.03 -8.22 -18.61
C ILE A 900 -1.88 -7.37 -19.14
N ALA A 901 -0.80 -7.33 -18.40
CA ALA A 901 0.34 -6.50 -18.69
C ALA A 901 1.54 -7.24 -18.18
N LYS A 902 2.67 -6.56 -18.10
CA LYS A 902 3.90 -7.29 -17.82
C LYS A 902 3.85 -7.98 -16.47
N LYS A 903 3.74 -7.24 -15.39
CA LYS A 903 3.75 -7.91 -14.09
C LYS A 903 2.35 -8.06 -13.54
N LYS A 904 1.38 -8.23 -14.43
CA LYS A 904 -0.03 -8.27 -14.11
C LYS A 904 -0.61 -9.46 -14.83
N TYR A 905 -1.35 -10.28 -14.12
CA TYR A 905 -2.10 -11.36 -14.74
C TYR A 905 -2.99 -11.97 -13.69
N ILE A 906 -4.07 -12.58 -14.14
CA ILE A 906 -4.98 -13.29 -13.26
C ILE A 906 -5.11 -14.65 -13.89
N GLY A 907 -5.32 -15.66 -13.08
CA GLY A 907 -5.50 -16.97 -13.66
C GLY A 907 -5.88 -17.98 -12.64
N VAL A 908 -6.72 -18.91 -13.02
CA VAL A 908 -7.22 -19.93 -12.12
C VAL A 908 -6.32 -21.14 -12.29
N ILE A 909 -5.59 -21.48 -11.22
CA ILE A 909 -4.74 -22.64 -11.25
C ILE A 909 -5.60 -23.89 -11.48
N TYR A 910 -4.96 -24.94 -11.98
CA TYR A 910 -5.64 -26.11 -12.51
C TYR A 910 -6.63 -26.71 -11.52
N GLY A 911 -7.89 -26.78 -11.96
CA GLY A 911 -8.95 -27.34 -11.16
C GLY A 911 -9.11 -26.68 -9.82
N GLY A 912 -8.86 -25.40 -9.73
CA GLY A 912 -8.45 -24.85 -8.46
C GLY A 912 -8.53 -23.38 -8.24
N LYS A 913 -7.52 -22.89 -7.55
N LYS A 913 -7.50 -22.87 -7.57
CA LYS A 913 -7.48 -21.58 -6.93
CA LYS A 913 -7.54 -21.56 -6.95
C LYS A 913 -7.25 -20.47 -7.95
C LYS A 913 -7.32 -20.47 -7.99
N MET A 914 -7.69 -19.27 -7.58
CA MET A 914 -7.38 -18.07 -8.34
C MET A 914 -6.05 -17.53 -7.86
N LEU A 915 -5.16 -17.24 -8.80
CA LEU A 915 -3.92 -16.53 -8.58
C LEU A 915 -4.02 -15.15 -9.20
N ILE A 916 -3.97 -14.12 -8.38
CA ILE A 916 -4.08 -12.74 -8.80
C ILE A 916 -2.71 -12.12 -8.58
N LYS A 917 -2.10 -11.65 -9.66
CA LYS A 917 -0.73 -11.20 -9.66
C LYS A 917 -0.63 -9.79 -10.19
N GLY A 918 -0.61 -8.82 -9.28
CA GLY A 918 -0.44 -7.38 -9.40
C GLY A 918 -1.48 -6.58 -10.14
N VAL A 919 -2.74 -6.92 -9.98
CA VAL A 919 -3.82 -6.31 -10.74
C VAL A 919 -4.74 -5.45 -9.90
N ASP A 920 -4.25 -4.91 -8.79
CA ASP A 920 -4.96 -3.95 -7.96
C ASP A 920 -6.06 -4.55 -7.11
N LEU A 921 -6.27 -5.86 -7.16
CA LEU A 921 -6.99 -6.55 -6.12
C LEU A 921 -6.07 -6.99 -5.04
N VAL A 922 -4.81 -7.17 -5.40
CA VAL A 922 -3.76 -7.57 -4.50
C VAL A 922 -2.94 -6.38 -4.05
N ARG A 923 -3.44 -5.17 -4.26
CA ARG A 923 -2.71 -3.96 -3.94
C ARG A 923 -3.40 -3.25 -2.80
N LYS A 924 -2.60 -2.72 -1.90
CA LYS A 924 -3.09 -2.11 -0.69
C LYS A 924 -3.71 -0.75 -0.91
N ASN A 925 -3.68 -0.21 -2.12
CA ASN A 925 -4.20 1.12 -2.37
C ASN A 925 -5.67 1.22 -2.07
N ASN A 926 -6.43 0.43 -2.80
CA ASN A 926 -7.80 0.74 -3.07
C ASN A 926 -8.69 0.60 -1.86
N CYS A 927 -9.90 1.03 -2.06
CA CYS A 927 -10.95 1.00 -1.08
C CYS A 927 -11.66 -0.33 -1.22
N ALA A 928 -12.13 -0.84 -0.10
CA ALA A 928 -12.80 -2.12 -0.09
C ALA A 928 -13.95 -2.20 -1.06
N PHE A 929 -14.55 -1.07 -1.43
CA PHE A 929 -15.68 -1.12 -2.34
C PHE A 929 -15.25 -1.55 -3.74
N ILE A 930 -14.25 -0.89 -4.30
CA ILE A 930 -13.79 -1.20 -5.64
C ILE A 930 -13.15 -2.56 -5.68
N ASN A 931 -12.37 -2.89 -4.65
CA ASN A 931 -11.73 -4.20 -4.63
C ASN A 931 -12.76 -5.28 -4.62
N ARG A 932 -13.80 -5.11 -3.85
CA ARG A 932 -14.85 -6.10 -3.79
C ARG A 932 -15.54 -6.25 -5.14
N THR A 933 -15.89 -5.14 -5.78
CA THR A 933 -16.57 -5.30 -7.08
C THR A 933 -15.65 -5.78 -8.18
N SER A 934 -14.37 -5.43 -8.16
CA SER A 934 -13.45 -5.95 -9.15
C SER A 934 -13.27 -7.44 -8.98
N ARG A 935 -13.19 -7.90 -7.74
CA ARG A 935 -13.13 -9.32 -7.48
C ARG A 935 -14.37 -10.02 -8.00
N ALA A 936 -15.54 -9.43 -7.78
CA ALA A 936 -16.75 -10.03 -8.33
C ALA A 936 -16.66 -10.18 -9.84
N LEU A 937 -16.15 -9.15 -10.50
CA LEU A 937 -15.96 -9.18 -11.95
C LEU A 937 -14.98 -10.26 -12.40
N VAL A 938 -13.84 -10.40 -11.73
CA VAL A 938 -12.91 -11.41 -12.21
C VAL A 938 -13.44 -12.80 -11.94
N ASP A 939 -14.18 -12.97 -10.86
CA ASP A 939 -14.82 -14.25 -10.63
C ASP A 939 -15.81 -14.56 -11.72
N LEU A 940 -16.60 -13.57 -12.13
CA LEU A 940 -17.45 -13.75 -13.30
C LEU A 940 -16.64 -14.18 -14.53
N LEU A 941 -15.55 -13.50 -14.83
CA LEU A 941 -14.79 -13.85 -16.03
C LEU A 941 -14.26 -15.27 -15.96
N PHE A 942 -13.77 -15.69 -14.81
CA PHE A 942 -13.11 -16.99 -14.73
C PHE A 942 -14.07 -18.09 -14.36
N TYR A 943 -14.73 -17.94 -13.23
CA TYR A 943 -15.56 -19.01 -12.72
C TYR A 943 -16.87 -19.13 -13.47
N ASP A 944 -17.58 -18.04 -13.71
CA ASP A 944 -18.83 -18.19 -14.43
C ASP A 944 -18.54 -18.59 -15.86
N ASP A 945 -18.86 -19.83 -16.24
CA ASP A 945 -18.85 -20.11 -17.65
C ASP A 945 -19.97 -19.31 -18.26
N THR A 946 -19.92 -19.11 -19.56
CA THR A 946 -20.83 -18.24 -20.29
C THR A 946 -20.49 -16.80 -20.06
N VAL A 947 -19.50 -16.44 -19.25
CA VAL A 947 -18.88 -15.13 -19.37
C VAL A 947 -17.45 -15.38 -19.78
N SER A 948 -16.90 -16.53 -19.41
CA SER A 948 -15.62 -16.95 -19.97
C SER A 948 -15.75 -17.31 -21.43
N GLY A 949 -16.91 -17.80 -21.85
CA GLY A 949 -17.09 -18.04 -23.26
C GLY A 949 -17.23 -16.75 -24.05
N ALA A 950 -18.03 -15.83 -23.52
CA ALA A 950 -18.13 -14.51 -24.10
C ALA A 950 -16.81 -13.76 -24.09
N ALA A 951 -16.05 -13.85 -23.00
CA ALA A 951 -14.76 -13.19 -22.96
C ALA A 951 -13.78 -13.82 -23.94
N ALA A 952 -13.77 -15.15 -24.04
CA ALA A 952 -12.92 -15.76 -25.02
C ALA A 952 -13.39 -15.49 -26.43
N ALA A 953 -14.65 -15.15 -26.61
CA ALA A 953 -15.14 -14.73 -27.91
C ALA A 953 -14.76 -13.31 -28.23
N LEU A 954 -14.48 -12.51 -27.23
CA LEU A 954 -14.11 -11.14 -27.47
C LEU A 954 -12.83 -11.01 -28.27
N ALA A 955 -12.00 -12.06 -28.32
CA ALA A 955 -10.71 -12.00 -29.00
C ALA A 955 -10.77 -12.37 -30.47
N GLU A 956 -11.93 -12.76 -30.97
CA GLU A 956 -12.03 -13.03 -32.40
C GLU A 956 -12.18 -11.76 -33.21
N ARG A 957 -12.34 -10.62 -32.57
CA ARG A 957 -12.46 -9.31 -33.15
C ARG A 957 -11.30 -8.45 -32.70
N PRO A 958 -10.80 -7.54 -33.53
CA PRO A 958 -9.95 -6.50 -32.98
C PRO A 958 -10.80 -5.57 -32.12
N ALA A 959 -10.16 -4.98 -31.12
CA ALA A 959 -10.89 -4.28 -30.06
C ALA A 959 -11.90 -3.27 -30.57
N GLU A 960 -11.56 -2.54 -31.62
CA GLU A 960 -12.41 -1.44 -32.05
C GLU A 960 -13.67 -1.95 -32.70
N GLU A 961 -13.64 -3.18 -33.23
CA GLU A 961 -14.84 -3.73 -33.83
C GLU A 961 -15.90 -3.98 -32.79
N TRP A 962 -15.51 -4.17 -31.53
CA TRP A 962 -16.47 -4.28 -30.45
C TRP A 962 -17.13 -2.97 -30.09
N LEU A 963 -16.60 -1.84 -30.55
CA LEU A 963 -17.19 -0.59 -30.16
C LEU A 963 -18.50 -0.38 -30.85
N ALA A 964 -18.74 -1.06 -31.96
CA ALA A 964 -19.94 -0.83 -32.74
C ALA A 964 -20.99 -1.90 -32.53
N ARG A 965 -20.67 -3.01 -32.62
CA ARG A 965 -21.56 -4.14 -32.41
C ARG A 965 -21.63 -4.50 -30.93
N PRO A 966 -22.74 -5.08 -30.46
CA PRO A 966 -22.84 -5.41 -29.03
C PRO A 966 -21.93 -6.53 -28.59
N LEU A 967 -21.41 -6.38 -27.38
CA LEU A 967 -20.59 -7.42 -26.82
C LEU A 967 -21.42 -8.70 -26.76
N PRO A 968 -20.80 -9.88 -26.86
CA PRO A 968 -21.58 -11.12 -26.89
C PRO A 968 -22.41 -11.26 -25.63
N GLU A 969 -23.55 -11.92 -25.77
CA GLU A 969 -24.59 -11.85 -24.75
C GLU A 969 -24.18 -12.48 -23.43
N GLY A 970 -23.03 -13.13 -23.36
CA GLY A 970 -22.57 -13.66 -22.11
C GLY A 970 -22.04 -12.58 -21.21
N LEU A 971 -21.47 -11.52 -21.77
CA LEU A 971 -20.99 -10.42 -20.92
C LEU A 971 -22.11 -9.68 -20.18
N GLN A 972 -23.38 -10.01 -20.36
CA GLN A 972 -24.43 -9.26 -19.68
C GLN A 972 -24.29 -9.38 -18.18
N ALA A 973 -23.97 -10.57 -17.68
CA ALA A 973 -23.79 -10.67 -16.24
C ALA A 973 -22.58 -9.90 -15.80
N PHE A 974 -21.62 -9.71 -16.69
CA PHE A 974 -20.45 -8.96 -16.35
C PHE A 974 -20.77 -7.49 -16.19
N GLY A 975 -21.86 -7.04 -16.77
CA GLY A 975 -22.15 -5.64 -16.63
C GLY A 975 -23.14 -5.47 -15.54
N ALA A 976 -23.88 -6.52 -15.16
CA ALA A 976 -24.77 -6.38 -14.02
C ALA A 976 -24.01 -5.99 -12.76
N VAL A 977 -22.80 -6.52 -12.61
CA VAL A 977 -22.00 -6.21 -11.44
C VAL A 977 -21.66 -4.76 -11.43
N LEU A 978 -21.25 -4.24 -12.59
CA LEU A 978 -20.90 -2.83 -12.67
C LEU A 978 -22.11 -1.98 -12.37
N VAL A 979 -23.25 -2.35 -12.94
CA VAL A 979 -24.45 -1.59 -12.73
C VAL A 979 -24.77 -1.60 -11.26
N ASP A 980 -24.67 -2.77 -10.65
CA ASP A 980 -25.00 -2.84 -9.25
C ASP A 980 -24.11 -1.94 -8.44
N ALA A 981 -22.82 -1.91 -8.76
CA ALA A 981 -21.94 -1.04 -8.00
C ALA A 981 -22.28 0.41 -8.22
N HIS A 982 -22.70 0.79 -9.43
CA HIS A 982 -23.11 2.17 -9.62
C HIS A 982 -24.28 2.49 -8.73
N ARG A 983 -25.28 1.62 -8.74
CA ARG A 983 -26.39 1.76 -7.83
C ARG A 983 -25.87 1.83 -6.42
N ARG A 984 -25.07 0.85 -6.06
CA ARG A 984 -24.67 0.65 -4.70
C ARG A 984 -23.74 1.74 -4.22
N ILE A 985 -23.20 2.58 -5.11
CA ILE A 985 -22.29 3.63 -4.65
C ILE A 985 -23.04 4.93 -4.39
N THR A 986 -24.20 5.10 -4.99
CA THR A 986 -24.97 6.31 -4.76
C THR A 986 -25.91 6.21 -3.59
N ASP A 987 -26.23 5.01 -3.14
CA ASP A 987 -27.28 4.85 -2.16
C ASP A 987 -26.83 5.38 -0.82
N PRO A 988 -27.60 6.23 -0.14
CA PRO A 988 -27.04 7.18 0.82
C PRO A 988 -26.68 6.59 2.17
N GLU A 989 -26.67 5.28 2.33
CA GLU A 989 -26.41 4.69 3.64
C GLU A 989 -24.93 4.49 3.85
N ARG A 990 -24.23 3.82 2.92
CA ARG A 990 -22.82 4.10 2.60
C ARG A 990 -21.93 4.29 3.83
N ASP A 991 -21.83 3.29 4.68
CA ASP A 991 -20.74 3.37 5.63
C ASP A 991 -19.47 3.57 4.84
N ILE A 992 -18.70 4.57 5.23
CA ILE A 992 -17.63 5.05 4.39
C ILE A 992 -16.35 4.27 4.64
N GLN A 993 -16.40 3.23 5.46
CA GLN A 993 -15.21 2.40 5.59
C GLN A 993 -14.97 1.59 4.35
N ASP A 994 -15.99 1.43 3.51
CA ASP A 994 -15.82 0.78 2.24
C ASP A 994 -15.10 1.68 1.27
N PHE A 995 -15.09 2.99 1.53
CA PHE A 995 -14.52 3.98 0.64
C PHE A 995 -13.21 4.56 1.12
N VAL A 996 -12.47 3.88 1.97
CA VAL A 996 -11.26 4.43 2.56
C VAL A 996 -10.10 3.95 1.75
N LEU A 997 -9.47 4.86 1.04
CA LEU A 997 -8.24 4.56 0.35
C LEU A 997 -7.11 4.68 1.33
N THR A 998 -5.96 4.15 0.98
CA THR A 998 -4.80 4.23 1.82
C THR A 998 -3.62 4.53 0.92
N ALA A 999 -2.52 4.87 1.54
CA ALA A 999 -1.24 4.98 0.89
C ALA A 999 -0.27 5.10 2.02
N GLU A 1000 0.89 4.58 1.81
CA GLU A 1000 1.87 4.54 2.85
C GLU A 1000 2.65 5.83 2.77
N LEU A 1001 3.00 6.37 3.92
CA LEU A 1001 3.74 7.61 3.93
C LEU A 1001 5.11 7.39 3.34
N SER A 1002 5.86 6.45 3.86
CA SER A 1002 7.04 5.91 3.22
C SER A 1002 8.24 6.83 3.15
N ARG A 1003 8.15 8.05 3.63
CA ARG A 1003 9.29 8.91 3.87
C ARG A 1003 8.75 10.15 4.53
N HIS A 1004 9.63 10.88 5.18
CA HIS A 1004 9.25 12.11 5.83
C HIS A 1004 8.52 13.00 4.84
N PRO A 1005 7.34 13.53 5.17
CA PRO A 1005 6.57 14.23 4.17
C PRO A 1005 7.17 15.53 3.66
N ARG A 1006 8.34 15.94 4.13
CA ARG A 1006 9.15 16.96 3.49
C ARG A 1006 10.20 16.40 2.56
N ALA A 1007 10.44 15.10 2.61
CA ALA A 1007 11.34 14.44 1.68
C ALA A 1007 10.70 14.17 0.34
N TYR A 1008 9.43 14.50 0.14
CA TYR A 1008 8.83 14.38 -1.17
C TYR A 1008 9.17 15.59 -2.01
N THR A 1009 9.28 15.40 -3.32
CA THR A 1009 9.42 16.51 -4.23
C THR A 1009 8.09 16.89 -4.83
N ASN A 1010 7.27 15.89 -5.11
CA ASN A 1010 5.89 16.03 -5.55
C ASN A 1010 5.06 15.96 -4.29
N LYS A 1011 4.82 17.11 -3.66
CA LYS A 1011 4.22 17.21 -2.35
C LYS A 1011 2.72 17.32 -2.38
N ARG A 1012 2.10 17.05 -3.52
CA ARG A 1012 0.68 17.26 -3.74
C ARG A 1012 -0.10 15.96 -3.72
N LEU A 1013 0.29 15.02 -2.89
CA LEU A 1013 -0.31 13.70 -2.83
C LEU A 1013 -1.42 13.63 -1.80
N ALA A 1014 -2.43 12.82 -2.08
CA ALA A 1014 -3.62 12.76 -1.23
C ALA A 1014 -3.27 12.38 0.19
N HIS A 1015 -2.42 11.38 0.37
CA HIS A 1015 -2.09 11.00 1.72
C HIS A 1015 -1.25 12.04 2.41
N LEU A 1016 -0.48 12.84 1.68
CA LEU A 1016 0.22 13.96 2.28
C LEU A 1016 -0.73 15.10 2.68
N THR A 1017 -1.72 15.38 1.86
CA THR A 1017 -2.79 16.28 2.26
C THR A 1017 -3.38 15.84 3.56
N VAL A 1018 -3.68 14.56 3.70
CA VAL A 1018 -4.37 14.12 4.90
C VAL A 1018 -3.41 14.11 6.05
N TYR A 1019 -2.15 13.88 5.80
CA TYR A 1019 -1.18 13.95 6.85
C TYR A 1019 -1.13 15.35 7.44
N TYR A 1020 -1.16 16.36 6.59
CA TYR A 1020 -1.14 17.73 7.08
C TYR A 1020 -2.48 18.18 7.65
N LYS A 1021 -3.59 17.67 7.15
CA LYS A 1021 -4.86 17.89 7.82
C LYS A 1021 -4.90 17.28 9.20
N LEU A 1022 -4.24 16.15 9.39
CA LEU A 1022 -4.23 15.51 10.69
C LEU A 1022 -3.33 16.26 11.63
N MET A 1023 -2.18 16.71 11.15
CA MET A 1023 -1.31 17.49 12.00
C MET A 1023 -1.89 18.87 12.29
N ALA A 1024 -2.81 19.35 11.46
CA ALA A 1024 -3.44 20.65 11.72
C ALA A 1024 -4.45 20.52 12.85
N ARG A 1025 -5.16 19.42 12.87
CA ARG A 1025 -6.22 19.16 13.81
C ARG A 1025 -5.73 18.54 15.09
N ARG A 1026 -4.43 18.42 15.27
CA ARG A 1026 -3.88 17.85 16.49
C ARG A 1026 -4.27 16.39 16.62
N ALA A 1027 -4.62 15.74 15.52
CA ALA A 1027 -5.05 14.35 15.51
C ALA A 1027 -3.82 13.48 15.61
N GLN A 1028 -4.01 12.18 15.47
CA GLN A 1028 -2.89 11.24 15.49
C GLN A 1028 -2.20 11.31 14.15
N VAL A 1029 -1.03 11.94 14.16
CA VAL A 1029 -0.22 12.06 12.96
C VAL A 1029 0.34 10.68 12.63
N PRO A 1030 0.27 10.21 11.39
CA PRO A 1030 0.88 8.91 11.06
C PRO A 1030 2.39 8.97 11.16
N SER A 1031 3.02 7.80 11.03
CA SER A 1031 4.45 7.70 11.04
C SER A 1031 4.94 7.31 9.66
N ILE A 1032 6.26 7.34 9.49
CA ILE A 1032 6.84 7.41 8.16
C ILE A 1032 6.49 6.23 7.28
N LYS A 1033 6.19 5.07 7.85
CA LYS A 1033 5.78 3.95 7.01
C LYS A 1033 4.38 3.49 7.34
N ASP A 1034 3.60 4.32 8.01
CA ASP A 1034 2.24 3.95 8.26
C ASP A 1034 1.47 4.06 6.98
N ARG A 1035 0.25 3.61 7.00
CA ARG A 1035 -0.68 3.81 5.92
C ARG A 1035 -1.68 4.83 6.39
N ILE A 1036 -2.00 5.75 5.50
CA ILE A 1036 -2.71 6.97 5.83
C ILE A 1036 -4.05 6.79 5.15
N PRO A 1037 -5.08 6.36 5.87
CA PRO A 1037 -6.38 6.25 5.24
C PRO A 1037 -6.94 7.62 4.89
N TYR A 1038 -7.68 7.66 3.81
CA TYR A 1038 -8.29 8.91 3.44
C TYR A 1038 -9.48 8.62 2.57
N VAL A 1039 -10.47 9.48 2.66
CA VAL A 1039 -11.58 9.47 1.74
C VAL A 1039 -11.43 10.65 0.80
N ILE A 1040 -12.06 10.53 -0.35
CA ILE A 1040 -12.17 11.62 -1.31
C ILE A 1040 -13.54 12.26 -1.15
N VAL A 1041 -13.57 13.36 -0.45
CA VAL A 1041 -14.79 14.07 -0.10
C VAL A 1041 -15.32 14.85 -1.27
N ALA A 1042 -16.63 15.07 -1.27
CA ALA A 1042 -17.33 15.71 -2.36
C ALA A 1042 -16.89 17.14 -2.51
N GLN A 1043 -16.86 17.61 -3.75
CA GLN A 1043 -16.53 19.01 -3.99
C GLN A 1043 -17.73 19.86 -3.61
N THR A 1044 -17.57 20.62 -2.55
CA THR A 1044 -18.58 21.47 -1.98
C THR A 1044 -17.95 22.83 -1.81
N ARG A 1045 -18.77 23.88 -1.76
CA ARG A 1045 -18.21 25.21 -1.57
C ARG A 1045 -17.40 25.30 -0.29
N GLU A 1046 -17.80 24.53 0.70
CA GLU A 1046 -17.18 24.61 2.02
C GLU A 1046 -15.77 24.05 1.96
N VAL A 1047 -15.61 22.87 1.37
CA VAL A 1047 -14.30 22.25 1.24
C VAL A 1047 -13.38 23.12 0.39
N GLU A 1048 -13.92 23.67 -0.70
CA GLU A 1048 -13.15 24.55 -1.57
C GLU A 1048 -12.59 25.75 -0.82
N GLU A 1049 -13.43 26.45 -0.06
CA GLU A 1049 -12.92 27.63 0.66
C GLU A 1049 -11.99 27.21 1.79
N THR A 1050 -12.18 26.03 2.38
CA THR A 1050 -11.24 25.58 3.40
C THR A 1050 -9.88 25.32 2.80
N VAL A 1051 -9.87 24.76 1.58
CA VAL A 1051 -8.60 24.47 0.91
C VAL A 1051 -7.92 25.76 0.51
N ALA A 1052 -8.65 26.73 -0.03
CA ALA A 1052 -8.02 28.01 -0.34
C ALA A 1052 -7.52 28.70 0.92
N ARG A 1053 -8.21 28.52 2.04
CA ARG A 1053 -7.75 29.09 3.30
C ARG A 1053 -6.42 28.49 3.70
N LEU A 1054 -6.29 27.16 3.64
CA LEU A 1054 -4.97 26.58 3.90
C LEU A 1054 -4.00 26.83 2.76
N ALA A 1055 -4.50 27.15 1.56
CA ALA A 1055 -3.64 27.40 0.42
C ALA A 1055 -2.82 28.67 0.64
N ARG A 1099 -13.86 25.64 -10.89
CA ARG A 1099 -12.91 24.75 -11.53
C ARG A 1099 -12.79 23.46 -10.72
N LYS A 1100 -11.86 22.60 -11.09
CA LYS A 1100 -11.79 21.24 -10.59
C LYS A 1100 -10.66 21.10 -9.59
N LEU A 1101 -11.03 20.82 -8.34
CA LEU A 1101 -9.99 20.56 -7.37
C LEU A 1101 -9.33 19.23 -7.66
N LEU A 1102 -8.10 19.11 -7.23
CA LEU A 1102 -7.40 17.87 -7.40
C LEU A 1102 -7.96 16.86 -6.42
N VAL A 1103 -7.62 15.59 -6.61
CA VAL A 1103 -8.06 14.60 -5.63
C VAL A 1103 -7.13 14.58 -4.45
N SER A 1104 -6.06 15.35 -4.47
CA SER A 1104 -5.24 15.53 -3.32
C SER A 1104 -5.68 16.71 -2.49
N GLU A 1105 -6.64 17.50 -2.97
CA GLU A 1105 -7.24 18.56 -2.18
C GLU A 1105 -8.59 18.18 -1.66
N LEU A 1106 -9.24 17.22 -2.27
CA LEU A 1106 -10.44 16.63 -1.74
C LEU A 1106 -10.10 15.37 -0.98
N ALA A 1107 -9.36 15.47 0.11
CA ALA A 1107 -8.60 14.35 0.62
C ALA A 1107 -8.82 14.16 2.10
N GLU A 1108 -10.05 14.20 2.56
CA GLU A 1108 -10.24 14.12 3.99
C GLU A 1108 -9.84 12.75 4.53
N ASP A 1109 -9.68 12.67 5.92
CA ASP A 1109 -9.52 11.38 6.52
C ASP A 1109 -10.82 10.86 7.09
N PRO A 1110 -11.06 9.54 7.06
CA PRO A 1110 -12.41 9.04 7.32
C PRO A 1110 -12.98 9.33 8.70
N ALA A 1111 -12.17 9.40 9.74
CA ALA A 1111 -12.68 9.73 11.06
C ALA A 1111 -13.35 11.09 11.05
N TYR A 1112 -12.66 12.07 10.48
CA TYR A 1112 -13.25 13.37 10.27
C TYR A 1112 -14.47 13.26 9.39
N ALA A 1113 -14.34 12.71 8.20
CA ALA A 1113 -15.48 12.67 7.31
C ALA A 1113 -16.68 11.89 7.83
N ILE A 1114 -16.54 11.13 8.90
CA ILE A 1114 -17.69 10.53 9.57
C ILE A 1114 -18.24 11.47 10.62
N ALA A 1115 -17.35 12.03 11.45
CA ALA A 1115 -17.75 12.95 12.51
C ALA A 1115 -18.51 14.13 11.92
N HIS A 1116 -17.85 14.88 11.06
CA HIS A 1116 -18.53 15.83 10.20
C HIS A 1116 -19.09 15.01 9.06
N GLY A 1117 -20.39 15.03 8.86
CA GLY A 1117 -20.88 14.15 7.82
C GLY A 1117 -20.60 14.65 6.42
N VAL A 1118 -19.35 14.90 6.08
CA VAL A 1118 -19.01 15.28 4.71
C VAL A 1118 -19.15 14.08 3.82
N ALA A 1119 -19.80 14.27 2.69
CA ALA A 1119 -20.20 13.17 1.83
C ALA A 1119 -19.16 12.96 0.76
N LEU A 1120 -19.03 11.72 0.34
CA LEU A 1120 -17.90 11.28 -0.45
C LEU A 1120 -18.08 11.71 -1.89
N ASN A 1121 -16.99 11.62 -2.63
CA ASN A 1121 -16.94 12.05 -4.01
C ASN A 1121 -17.31 10.83 -4.84
N THR A 1122 -18.60 10.67 -5.06
CA THR A 1122 -19.10 9.56 -5.86
C THR A 1122 -18.51 9.59 -7.27
N ASP A 1123 -18.36 10.78 -7.83
CA ASP A 1123 -17.74 10.90 -9.14
C ASP A 1123 -16.38 10.24 -9.15
N TYR A 1124 -15.55 10.54 -8.16
CA TYR A 1124 -14.23 9.94 -8.08
C TYR A 1124 -14.33 8.44 -7.91
N TYR A 1125 -15.13 8.00 -6.96
CA TYR A 1125 -15.09 6.59 -6.62
C TYR A 1125 -15.62 5.74 -7.74
N PHE A 1126 -16.61 6.21 -8.46
CA PHE A 1126 -17.07 5.41 -9.59
C PHE A 1126 -16.11 5.49 -10.75
N SER A 1127 -15.50 6.65 -10.99
CA SER A 1127 -14.50 6.71 -12.04
C SER A 1127 -13.34 5.78 -11.75
N HIS A 1128 -12.99 5.58 -10.48
CA HIS A 1128 -11.92 4.64 -10.16
C HIS A 1128 -12.37 3.19 -10.13
N LEU A 1129 -13.62 2.92 -9.83
CA LEU A 1129 -14.17 1.60 -10.07
C LEU A 1129 -14.01 1.22 -11.53
N LEU A 1130 -14.46 2.08 -12.41
CA LEU A 1130 -14.29 1.82 -13.82
C LEU A 1130 -12.83 1.81 -14.20
N GLY A 1131 -11.99 2.56 -13.51
CA GLY A 1131 -10.59 2.53 -13.82
C GLY A 1131 -9.97 1.20 -13.51
N ALA A 1132 -10.35 0.60 -12.39
CA ALA A 1132 -9.85 -0.72 -12.04
C ALA A 1132 -10.40 -1.80 -12.96
N ALA A 1133 -11.68 -1.76 -13.25
CA ALA A 1133 -12.24 -2.67 -14.23
C ALA A 1133 -11.55 -2.52 -15.58
N CYS A 1134 -11.25 -1.29 -15.97
CA CYS A 1134 -10.64 -1.07 -17.27
C CYS A 1134 -9.20 -1.55 -17.28
N VAL A 1135 -8.46 -1.32 -16.21
CA VAL A 1135 -7.08 -1.79 -16.14
C VAL A 1135 -7.03 -3.31 -16.19
N THR A 1136 -7.96 -3.98 -15.54
CA THR A 1136 -7.91 -5.44 -15.60
C THR A 1136 -8.35 -5.93 -16.96
N PHE A 1137 -9.51 -5.52 -17.42
CA PHE A 1137 -10.13 -6.15 -18.57
C PHE A 1137 -9.80 -5.47 -19.88
N LYS A 1138 -8.77 -4.64 -19.94
CA LYS A 1138 -8.31 -4.23 -21.25
C LYS A 1138 -7.63 -5.35 -22.00
N ALA A 1139 -7.24 -6.39 -21.28
CA ALA A 1139 -6.68 -7.58 -21.86
C ALA A 1139 -7.70 -8.35 -22.66
N LEU A 1140 -8.98 -8.18 -22.37
CA LEU A 1140 -10.01 -8.81 -23.20
C LEU A 1140 -10.19 -8.10 -24.53
N PHE A 1141 -9.84 -6.82 -24.61
CA PHE A 1141 -10.08 -5.95 -25.76
C PHE A 1141 -8.78 -5.50 -26.40
N GLY A 1142 -7.81 -6.40 -26.49
CA GLY A 1142 -6.56 -6.10 -27.14
C GLY A 1142 -5.74 -5.04 -26.45
N ASN A 1143 -5.86 -4.92 -25.14
CA ASN A 1143 -5.08 -4.02 -24.30
C ASN A 1143 -5.27 -2.56 -24.63
N ASN A 1144 -6.38 -2.22 -25.24
CA ASN A 1144 -6.69 -0.83 -25.48
C ASN A 1144 -7.52 -0.36 -24.31
N ALA A 1145 -6.92 0.45 -23.45
CA ALA A 1145 -7.61 0.98 -22.29
C ALA A 1145 -8.76 1.89 -22.67
N LYS A 1146 -8.63 2.67 -23.73
N LYS A 1146 -8.67 2.61 -23.78
CA LYS A 1146 -9.73 3.53 -24.14
CA LYS A 1146 -9.75 3.52 -24.13
C LYS A 1146 -10.94 2.71 -24.60
C LYS A 1146 -10.93 2.85 -24.83
N ILE A 1147 -10.73 1.67 -25.40
CA ILE A 1147 -11.87 0.90 -25.87
C ILE A 1147 -12.57 0.25 -24.70
N THR A 1148 -11.79 -0.29 -23.79
CA THR A 1148 -12.32 -0.85 -22.56
C THR A 1148 -13.09 0.19 -21.78
N GLU A 1149 -12.50 1.35 -21.56
CA GLU A 1149 -13.15 2.41 -20.82
C GLU A 1149 -14.49 2.74 -21.43
N SER A 1150 -14.52 2.94 -22.74
CA SER A 1150 -15.79 3.20 -23.40
C SER A 1150 -16.79 2.07 -23.17
N LEU A 1151 -16.36 0.83 -23.40
CA LEU A 1151 -17.24 -0.33 -23.29
C LEU A 1151 -17.68 -0.65 -21.88
N LEU A 1152 -16.94 -0.23 -20.86
CA LEU A 1152 -17.40 -0.43 -19.50
C LEU A 1152 -18.41 0.64 -19.11
N LYS A 1153 -18.16 1.90 -19.47
CA LYS A 1153 -19.19 2.87 -19.21
C LYS A 1153 -20.45 2.66 -20.03
N ARG A 1154 -20.49 1.70 -20.95
CA ARG A 1154 -21.74 1.45 -21.63
C ARG A 1154 -22.74 0.73 -20.74
N PHE A 1155 -22.27 -0.09 -19.84
CA PHE A 1155 -23.20 -0.84 -19.00
C PHE A 1155 -23.99 0.10 -18.11
N ILE A 1156 -23.37 1.16 -17.63
CA ILE A 1156 -23.93 1.99 -16.57
C ILE A 1156 -25.20 2.67 -17.07
N PRO A 1157 -26.29 2.69 -16.30
CA PRO A 1157 -27.44 3.48 -16.72
C PRO A 1157 -27.17 4.97 -16.55
N GLU A 1158 -27.05 5.63 -17.68
CA GLU A 1158 -26.94 7.08 -17.71
C GLU A 1158 -28.27 7.71 -17.38
N VAL A 1159 -28.26 8.80 -16.63
CA VAL A 1159 -29.45 9.60 -16.39
C VAL A 1159 -29.04 11.07 -16.31
N TRP A 1160 -29.87 11.95 -16.85
CA TRP A 1160 -29.71 13.36 -16.51
C TRP A 1160 -31.07 14.02 -16.50
N HIS A 1161 -31.20 15.00 -15.61
CA HIS A 1161 -32.35 15.83 -15.29
C HIS A 1161 -31.97 17.30 -15.46
N PRO A 1162 -32.87 18.15 -15.95
CA PRO A 1162 -32.56 19.57 -16.03
C PRO A 1162 -32.42 20.15 -14.65
N PRO A 1163 -31.24 20.64 -14.27
CA PRO A 1163 -30.87 20.70 -12.84
C PRO A 1163 -31.79 21.56 -11.98
N ASP A 1164 -31.68 21.35 -10.67
CA ASP A 1164 -32.44 22.11 -9.70
C ASP A 1164 -32.09 23.59 -9.79
N ASP A 1165 -33.09 24.42 -9.51
CA ASP A 1165 -33.18 25.87 -9.73
C ASP A 1165 -33.47 26.20 -11.19
N VAL A 1166 -33.59 25.20 -12.08
CA VAL A 1166 -33.78 25.42 -13.52
C VAL A 1166 -35.08 24.78 -14.00
N ALA A 1167 -35.33 23.53 -13.61
CA ALA A 1167 -36.61 22.90 -13.90
C ALA A 1167 -37.75 23.68 -13.27
N ALA A 1168 -37.50 24.31 -12.14
CA ALA A 1168 -38.53 25.16 -11.51
C ALA A 1168 -38.96 26.27 -12.44
N ARG A 1169 -38.02 27.13 -12.82
CA ARG A 1169 -38.34 28.28 -13.66
C ARG A 1169 -38.79 27.88 -15.05
N LEU A 1170 -38.42 26.69 -15.51
CA LEU A 1170 -38.92 26.16 -16.77
C LEU A 1170 -40.35 25.66 -16.62
N ARG A 1171 -40.66 25.06 -15.48
CA ARG A 1171 -42.03 24.67 -15.17
C ARG A 1171 -42.93 25.87 -14.97
N ALA A 1172 -42.35 27.00 -14.59
CA ALA A 1172 -43.12 28.23 -14.50
C ALA A 1172 -43.58 28.70 -15.88
N ALA A 1173 -42.84 28.36 -16.92
CA ALA A 1173 -43.13 28.77 -18.28
C ALA A 1173 -44.04 27.79 -19.01
N GLY A 1174 -44.72 26.91 -18.28
CA GLY A 1174 -45.56 25.91 -18.92
C GLY A 1174 -44.81 24.80 -19.60
N PHE A 1175 -43.50 24.72 -19.36
CA PHE A 1175 -42.74 23.65 -19.95
C PHE A 1175 -43.23 22.38 -19.30
N GLY A 1176 -43.81 21.49 -20.09
CA GLY A 1176 -44.15 20.20 -19.57
C GLY A 1176 -42.95 19.27 -19.59
N ALA A 1177 -42.96 18.31 -18.68
CA ALA A 1177 -41.93 17.30 -18.63
C ALA A 1177 -42.28 16.13 -19.54
N VAL A 1178 -41.25 15.50 -20.08
CA VAL A 1178 -41.42 14.33 -20.94
C VAL A 1178 -40.30 13.36 -20.54
N GLY A 1179 -40.69 12.22 -20.00
CA GLY A 1179 -39.71 11.30 -19.45
C GLY A 1179 -40.20 10.56 -18.24
N ALA A 1180 -39.40 10.65 -17.17
CA ALA A 1180 -39.60 9.82 -15.98
C ALA A 1180 -40.96 10.09 -15.34
N GLY A 1181 -41.19 11.32 -14.91
CA GLY A 1181 -42.34 11.58 -14.09
C GLY A 1181 -43.67 11.64 -14.81
N ALA A 1182 -43.97 10.67 -15.67
CA ALA A 1182 -45.24 10.65 -16.36
C ALA A 1182 -45.42 9.31 -17.04
N THR A 1183 -46.68 9.01 -17.36
CA THR A 1183 -47.03 7.88 -18.20
C THR A 1183 -46.54 8.12 -19.62
N ALA A 1184 -46.38 7.02 -20.34
CA ALA A 1184 -45.82 7.10 -21.68
C ALA A 1184 -46.75 7.85 -22.61
N GLU A 1185 -48.07 7.68 -22.46
CA GLU A 1185 -48.96 8.47 -23.30
C GLU A 1185 -48.79 9.96 -23.05
N GLU A 1186 -48.56 10.37 -21.80
CA GLU A 1186 -48.38 11.80 -21.55
C GLU A 1186 -47.08 12.31 -22.14
N THR A 1187 -46.02 11.50 -22.06
CA THR A 1187 -44.74 11.91 -22.64
C THR A 1187 -44.83 11.99 -24.16
N ARG A 1188 -45.42 10.99 -24.80
CA ARG A 1188 -45.59 11.04 -26.25
C ARG A 1188 -46.45 12.23 -26.67
N ARG A 1189 -47.54 12.47 -25.94
CA ARG A 1189 -48.48 13.51 -26.32
C ARG A 1189 -47.86 14.89 -26.14
N MET A 1190 -47.26 15.13 -24.98
CA MET A 1190 -46.70 16.45 -24.78
C MET A 1190 -45.50 16.67 -25.67
N LEU A 1191 -44.79 15.61 -26.10
CA LEU A 1191 -43.84 15.82 -27.17
C LEU A 1191 -44.53 16.21 -28.47
N HIS A 1192 -45.69 15.65 -28.77
CA HIS A 1192 -46.44 16.13 -29.94
C HIS A 1192 -46.69 17.63 -29.84
N ARG A 1193 -47.19 18.07 -28.69
CA ARG A 1193 -47.45 19.50 -28.48
C ARG A 1193 -46.18 20.32 -28.64
N ALA A 1194 -45.07 19.85 -28.05
CA ALA A 1194 -43.79 20.56 -28.14
C ALA A 1194 -43.29 20.64 -29.57
N PHE A 1195 -43.45 19.57 -30.34
CA PHE A 1195 -43.01 19.61 -31.72
C PHE A 1195 -43.80 20.62 -32.52
N ASP A 1196 -45.10 20.77 -32.22
CA ASP A 1196 -45.86 21.80 -32.90
C ASP A 1196 -45.49 23.20 -32.41
N THR A 1197 -45.20 23.35 -31.13
CA THR A 1197 -44.90 24.65 -30.56
C THR A 1197 -43.56 25.16 -31.08
N LEU A 1198 -42.59 24.29 -31.09
CA LEU A 1198 -41.17 24.52 -31.26
C LEU A 1198 -40.77 24.56 -32.71
N ALA A 1199 -41.49 23.82 -33.55
CA ALA A 1199 -41.57 24.03 -34.99
C ALA A 1199 -41.17 25.43 -35.43
N GLY B 28 -37.61 -4.39 -40.48
CA GLY B 28 -36.24 -4.68 -40.09
C GLY B 28 -35.97 -4.53 -38.59
N ALA B 29 -35.31 -3.42 -38.23
CA ALA B 29 -35.22 -3.03 -36.84
C ALA B 29 -36.59 -2.57 -36.32
N PRO B 30 -36.93 -2.87 -35.06
CA PRO B 30 -38.22 -2.45 -34.55
C PRO B 30 -38.49 -0.96 -34.58
N CYS B 31 -37.50 -0.09 -34.35
CA CYS B 31 -37.58 1.31 -34.78
C CYS B 31 -36.55 1.53 -35.88
N GLN B 32 -37.00 2.02 -37.03
CA GLN B 32 -36.15 2.16 -38.21
C GLN B 32 -36.31 3.59 -38.70
N VAL B 33 -35.20 4.30 -38.84
CA VAL B 33 -35.25 5.68 -39.26
C VAL B 33 -34.21 5.83 -40.35
N VAL B 34 -34.64 6.06 -41.58
CA VAL B 34 -33.80 5.93 -42.76
C VAL B 34 -33.71 7.31 -43.39
N LEU B 35 -32.48 7.76 -43.59
CA LEU B 35 -32.16 9.01 -44.26
C LEU B 35 -31.17 8.66 -45.37
N GLN B 36 -31.66 8.33 -46.56
CA GLN B 36 -30.77 8.23 -47.70
C GLN B 36 -30.50 9.64 -48.18
N GLY B 37 -29.82 9.76 -49.32
CA GLY B 37 -29.73 11.05 -49.95
C GLY B 37 -31.03 11.43 -50.62
N ALA B 38 -31.13 12.73 -50.90
CA ALA B 38 -32.30 13.48 -51.33
C ALA B 38 -33.26 13.76 -50.19
N GLU B 39 -32.96 13.28 -48.98
CA GLU B 39 -33.51 13.81 -47.75
C GLU B 39 -32.39 14.14 -46.77
N LEU B 40 -31.28 13.41 -46.89
CA LEU B 40 -30.07 13.74 -46.18
C LEU B 40 -29.52 15.09 -46.59
N ASN B 41 -29.84 15.58 -47.78
CA ASN B 41 -29.40 16.92 -48.11
C ASN B 41 -30.25 17.98 -47.42
N GLY B 42 -31.54 17.71 -47.23
CA GLY B 42 -32.32 18.55 -46.32
C GLY B 42 -31.75 18.60 -44.91
N ILE B 43 -31.55 17.43 -44.29
CA ILE B 43 -31.03 17.40 -42.94
C ILE B 43 -29.61 17.92 -42.91
N LEU B 44 -28.84 17.70 -43.96
CA LEU B 44 -27.47 18.21 -43.96
C LEU B 44 -27.48 19.73 -44.05
N GLN B 45 -28.51 20.28 -44.68
CA GLN B 45 -28.66 21.72 -44.72
C GLN B 45 -29.10 22.23 -43.35
N ALA B 46 -29.89 21.44 -42.61
CA ALA B 46 -30.29 21.85 -41.27
C ALA B 46 -29.11 21.99 -40.33
N PHE B 47 -28.21 21.03 -40.34
CA PHE B 47 -26.99 21.12 -39.55
C PHE B 47 -25.94 21.97 -40.22
N ALA B 48 -26.16 22.36 -41.48
CA ALA B 48 -25.19 23.17 -42.20
C ALA B 48 -24.91 24.51 -41.54
N PRO B 49 -25.90 25.27 -41.03
CA PRO B 49 -25.56 26.51 -40.32
C PRO B 49 -24.58 26.18 -39.23
N LEU B 50 -23.53 26.98 -39.14
CA LEU B 50 -22.19 26.41 -39.10
C LEU B 50 -21.92 26.15 -37.64
N ARG B 51 -22.28 24.92 -37.24
CA ARG B 51 -22.41 24.58 -35.84
C ARG B 51 -21.72 23.26 -35.55
N THR B 52 -20.91 23.32 -34.51
CA THR B 52 -20.60 22.22 -33.62
C THR B 52 -21.50 22.27 -32.39
N SER B 53 -22.18 23.39 -32.15
CA SER B 53 -22.97 23.62 -30.94
C SER B 53 -23.89 22.46 -30.56
N LEU B 54 -24.74 22.04 -31.47
CA LEU B 54 -25.71 21.00 -31.13
C LEU B 54 -25.11 19.60 -31.31
N LEU B 55 -23.96 19.32 -30.69
CA LEU B 55 -23.34 18.00 -30.72
C LEU B 55 -23.44 17.28 -29.40
N ASP B 56 -23.20 17.99 -28.29
CA ASP B 56 -23.28 17.44 -26.93
C ASP B 56 -24.67 17.71 -26.38
N SER B 57 -25.62 17.09 -27.02
CA SER B 57 -27.04 17.35 -26.98
C SER B 57 -27.71 16.10 -26.43
N LEU B 58 -29.04 16.10 -26.43
CA LEU B 58 -29.84 14.92 -26.12
C LEU B 58 -30.89 14.81 -27.20
N LEU B 59 -31.01 13.65 -27.80
CA LEU B 59 -32.02 13.35 -28.79
C LEU B 59 -33.14 12.62 -28.09
N VAL B 60 -34.31 13.21 -28.07
CA VAL B 60 -35.51 12.55 -27.62
C VAL B 60 -36.23 12.09 -28.87
N MET B 61 -36.02 10.83 -29.21
CA MET B 61 -36.71 10.20 -30.32
C MET B 61 -38.06 9.69 -29.85
N GLY B 62 -38.98 9.59 -30.80
CA GLY B 62 -40.27 9.00 -30.52
C GLY B 62 -41.17 9.26 -31.70
N ASP B 63 -42.45 8.95 -31.52
CA ASP B 63 -43.37 9.34 -32.58
C ASP B 63 -43.29 10.83 -32.79
N ARG B 64 -43.68 11.27 -33.98
CA ARG B 64 -43.57 12.64 -34.43
C ARG B 64 -42.13 13.07 -34.69
N GLY B 65 -41.12 12.22 -34.46
CA GLY B 65 -39.74 12.53 -34.85
C GLY B 65 -38.69 12.52 -33.76
N ILE B 66 -37.56 13.16 -34.03
CA ILE B 66 -36.46 13.31 -33.10
C ILE B 66 -36.37 14.76 -32.68
N LEU B 67 -36.25 15.01 -31.39
CA LEU B 67 -36.06 16.35 -30.88
C LEU B 67 -34.69 16.44 -30.23
N ILE B 68 -33.88 17.38 -30.68
CA ILE B 68 -32.51 17.51 -30.22
C ILE B 68 -32.49 18.72 -29.34
N HIS B 69 -32.33 18.50 -28.04
CA HIS B 69 -32.32 19.57 -27.07
C HIS B 69 -30.92 19.70 -26.49
N ASN B 70 -30.45 20.94 -26.34
CA ASN B 70 -29.14 21.24 -25.79
C ASN B 70 -29.24 22.54 -25.01
N THR B 71 -28.23 22.80 -24.19
CA THR B 71 -28.17 24.00 -23.35
C THR B 71 -26.96 24.83 -23.74
N ILE B 72 -27.19 26.06 -24.22
CA ILE B 72 -26.11 26.92 -24.71
C ILE B 72 -26.09 28.18 -23.86
N PHE B 73 -25.02 28.33 -23.08
CA PHE B 73 -24.75 29.42 -22.16
C PHE B 73 -25.68 29.42 -20.96
N GLY B 74 -26.59 28.47 -20.88
CA GLY B 74 -27.67 28.50 -19.93
C GLY B 74 -29.03 28.62 -20.56
N GLU B 75 -29.14 28.60 -21.88
CA GLU B 75 -30.41 28.75 -22.56
C GLU B 75 -30.78 27.43 -23.20
N GLN B 76 -32.06 27.27 -23.51
CA GLN B 76 -32.61 26.00 -23.94
C GLN B 76 -32.77 26.06 -25.44
N VAL B 77 -31.97 25.31 -26.18
CA VAL B 77 -32.03 25.27 -27.63
C VAL B 77 -32.61 23.92 -28.04
N PHE B 78 -33.45 23.94 -29.06
CA PHE B 78 -34.17 22.78 -29.57
C PHE B 78 -33.96 22.70 -31.06
N LEU B 79 -34.00 21.50 -31.60
CA LEU B 79 -34.10 21.30 -33.04
C LEU B 79 -35.06 20.15 -33.23
N PRO B 80 -36.33 20.45 -33.46
CA PRO B 80 -37.24 19.42 -33.93
C PRO B 80 -36.78 18.87 -35.27
N LEU B 81 -36.95 17.56 -35.44
CA LEU B 81 -36.73 16.84 -36.68
C LEU B 81 -37.94 15.96 -36.88
N GLU B 82 -38.93 16.49 -37.57
CA GLU B 82 -40.18 15.77 -37.81
C GLU B 82 -39.93 14.43 -38.51
N HIS B 83 -40.90 13.54 -38.38
CA HIS B 83 -40.78 12.23 -38.99
C HIS B 83 -40.83 12.32 -40.51
N SER B 84 -41.45 13.37 -41.03
CA SER B 84 -41.43 13.62 -42.45
C SER B 84 -40.04 13.95 -42.97
N GLN B 85 -39.09 14.26 -42.09
CA GLN B 85 -37.73 14.62 -42.49
C GLN B 85 -36.78 13.43 -42.46
N PHE B 86 -37.29 12.21 -42.61
CA PHE B 86 -36.44 11.04 -42.80
C PHE B 86 -37.07 10.19 -43.89
N SER B 87 -36.23 9.45 -44.63
CA SER B 87 -36.74 8.72 -45.79
C SER B 87 -37.77 7.69 -45.39
N ARG B 88 -37.64 7.14 -44.19
CA ARG B 88 -38.66 6.28 -43.64
C ARG B 88 -38.51 6.35 -42.14
N TYR B 89 -39.58 6.68 -41.43
CA TYR B 89 -39.52 6.76 -39.98
C TYR B 89 -40.56 5.81 -39.42
N ARG B 90 -40.11 4.94 -38.54
CA ARG B 90 -40.95 3.98 -37.87
C ARG B 90 -40.43 3.93 -36.46
N TRP B 91 -41.34 4.04 -35.52
CA TRP B 91 -41.00 4.05 -34.11
C TRP B 91 -42.03 3.21 -33.41
N ARG B 92 -41.55 2.33 -32.55
CA ARG B 92 -42.39 1.39 -31.83
C ARG B 92 -41.90 1.43 -30.39
N GLY B 93 -42.77 1.86 -29.49
CA GLY B 93 -42.52 1.72 -28.09
C GLY B 93 -42.41 3.06 -27.43
N PRO B 94 -41.93 3.09 -26.19
CA PRO B 94 -41.92 4.34 -25.46
C PRO B 94 -40.87 5.28 -25.99
N THR B 95 -41.06 6.55 -25.70
CA THR B 95 -40.12 7.55 -26.14
C THR B 95 -38.74 7.24 -25.60
N ALA B 96 -37.73 7.54 -26.40
CA ALA B 96 -36.35 7.15 -26.14
C ALA B 96 -35.52 8.40 -26.08
N ALA B 97 -34.53 8.40 -25.23
CA ALA B 97 -33.67 9.56 -25.06
C ALA B 97 -32.25 9.07 -25.10
N PHE B 98 -31.48 9.61 -26.01
CA PHE B 98 -30.07 9.30 -26.16
C PHE B 98 -29.28 10.55 -25.89
N LEU B 99 -28.25 10.45 -25.08
CA LEU B 99 -27.18 11.41 -25.23
C LEU B 99 -26.67 11.28 -26.64
N SER B 100 -26.41 12.40 -27.27
CA SER B 100 -25.86 12.32 -28.61
C SER B 100 -24.39 11.97 -28.55
N LEU B 101 -23.70 12.32 -27.49
CA LEU B 101 -22.26 12.10 -27.42
C LEU B 101 -21.97 10.62 -27.19
N VAL B 102 -21.75 9.88 -28.28
CA VAL B 102 -21.46 8.44 -28.23
C VAL B 102 -20.03 8.19 -27.77
N ASP B 103 -19.88 7.62 -26.58
CA ASP B 103 -18.59 7.32 -25.96
C ASP B 103 -17.93 8.56 -25.40
N GLN B 104 -18.67 9.68 -25.37
CA GLN B 104 -18.32 11.00 -24.87
C GLN B 104 -17.24 11.69 -25.70
N LYS B 105 -16.77 11.09 -26.81
CA LYS B 105 -16.00 11.83 -27.80
C LYS B 105 -16.69 12.00 -29.13
N ARG B 106 -17.14 10.93 -29.73
CA ARG B 106 -17.87 11.04 -30.97
C ARG B 106 -19.29 11.44 -30.64
N SER B 107 -20.14 11.53 -31.63
CA SER B 107 -21.46 12.08 -31.43
C SER B 107 -22.36 11.56 -32.51
N LEU B 108 -23.61 11.25 -32.17
CA LEU B 108 -24.51 10.73 -33.18
C LEU B 108 -24.82 11.74 -34.27
N LEU B 109 -24.60 13.03 -34.02
CA LEU B 109 -24.94 14.07 -34.97
C LEU B 109 -23.77 14.60 -35.76
N SER B 110 -22.53 14.28 -35.35
CA SER B 110 -21.35 14.67 -36.12
C SER B 110 -21.37 14.15 -37.55
N VAL B 111 -22.14 13.12 -37.82
CA VAL B 111 -22.34 12.68 -39.19
C VAL B 111 -23.05 13.74 -40.02
N PHE B 112 -24.04 14.42 -39.45
CA PHE B 112 -24.83 15.40 -40.18
C PHE B 112 -24.17 16.76 -40.26
N ARG B 113 -22.90 16.90 -39.91
CA ARG B 113 -22.24 18.16 -40.13
C ARG B 113 -22.07 18.40 -41.63
N ALA B 114 -21.52 19.56 -41.98
CA ALA B 114 -21.45 19.95 -43.39
C ALA B 114 -20.47 19.06 -44.16
N ASN B 115 -19.22 19.00 -43.71
CA ASN B 115 -18.14 18.33 -44.43
C ASN B 115 -17.30 17.47 -43.49
N GLN B 116 -17.92 16.86 -42.48
CA GLN B 116 -17.22 15.92 -41.62
C GLN B 116 -16.81 14.70 -42.44
N TYR B 117 -17.79 14.03 -43.03
CA TYR B 117 -17.54 12.91 -43.92
C TYR B 117 -17.96 13.34 -45.31
N PRO B 118 -17.01 13.61 -46.25
CA PRO B 118 -17.38 14.24 -47.53
C PRO B 118 -18.44 13.54 -48.36
N ASP B 119 -18.31 12.23 -48.48
CA ASP B 119 -18.93 11.47 -49.55
C ASP B 119 -20.15 10.67 -49.09
N LEU B 120 -20.80 11.07 -48.01
CA LEU B 120 -21.87 10.27 -47.44
C LEU B 120 -23.07 10.20 -48.37
N ARG B 121 -23.76 9.06 -48.34
CA ARG B 121 -24.90 8.75 -49.19
C ARG B 121 -26.13 8.42 -48.38
N ARG B 122 -25.98 7.74 -47.26
CA ARG B 122 -27.14 7.26 -46.52
C ARG B 122 -26.73 7.07 -45.07
N VAL B 123 -27.69 7.28 -44.19
CA VAL B 123 -27.51 7.06 -42.76
C VAL B 123 -28.78 6.41 -42.26
N GLU B 124 -28.60 5.33 -41.53
CA GLU B 124 -29.69 4.54 -40.99
C GLU B 124 -29.56 4.64 -39.49
N LEU B 125 -30.70 4.77 -38.84
CA LEU B 125 -30.79 5.02 -37.42
C LEU B 125 -31.81 3.99 -36.93
N ALA B 126 -31.31 2.83 -36.54
CA ALA B 126 -32.13 1.70 -36.13
C ALA B 126 -32.03 1.51 -34.63
N ILE B 127 -33.18 1.48 -33.95
CA ILE B 127 -33.24 1.18 -32.53
C ILE B 127 -33.79 -0.21 -32.34
N THR B 128 -33.11 -0.97 -31.46
CA THR B 128 -33.35 -2.39 -31.28
C THR B 128 -33.22 -2.67 -29.78
N GLY B 129 -34.32 -3.04 -29.14
CA GLY B 129 -34.27 -3.40 -27.74
C GLY B 129 -35.63 -3.29 -27.09
N GLN B 130 -35.61 -3.41 -25.78
CA GLN B 130 -36.80 -3.45 -24.94
C GLN B 130 -36.76 -2.28 -23.99
N ALA B 131 -37.92 -1.66 -23.81
CA ALA B 131 -38.09 -0.26 -23.48
C ALA B 131 -37.10 0.35 -22.51
N PRO B 132 -36.91 -0.20 -21.31
CA PRO B 132 -35.98 0.48 -20.41
C PRO B 132 -34.56 0.46 -20.90
N PHE B 133 -34.11 -0.61 -21.57
CA PHE B 133 -32.73 -0.74 -22.04
C PHE B 133 -32.77 -1.00 -23.54
N ARG B 134 -32.78 0.05 -24.32
CA ARG B 134 -32.67 -0.04 -25.77
C ARG B 134 -31.31 0.44 -26.20
N THR B 135 -30.98 0.10 -27.42
CA THR B 135 -29.83 0.65 -28.07
C THR B 135 -30.24 1.09 -29.47
N LEU B 136 -29.56 2.12 -29.89
CA LEU B 136 -29.69 2.72 -31.19
C LEU B 136 -28.38 2.39 -31.86
N VAL B 137 -28.46 2.04 -33.13
CA VAL B 137 -27.29 1.96 -33.97
C VAL B 137 -27.48 2.99 -35.05
N GLN B 138 -26.39 3.60 -35.44
CA GLN B 138 -26.34 4.56 -36.52
C GLN B 138 -25.32 4.02 -37.50
N ARG B 139 -25.74 3.78 -38.73
CA ARG B 139 -24.81 3.29 -39.74
C ARG B 139 -24.48 4.42 -40.69
N ILE B 140 -23.33 4.28 -41.34
CA ILE B 140 -22.86 5.18 -42.39
C ILE B 140 -22.61 4.41 -43.68
N TRP B 141 -22.81 5.10 -44.80
CA TRP B 141 -22.62 4.56 -46.13
C TRP B 141 -22.07 5.72 -46.96
N THR B 142 -20.84 5.61 -47.44
CA THR B 142 -20.21 6.66 -48.23
C THR B 142 -20.19 6.24 -49.68
N THR B 143 -20.31 7.24 -50.55
CA THR B 143 -20.53 7.02 -51.98
C THR B 143 -19.34 6.32 -52.62
N THR B 144 -19.64 5.50 -53.63
CA THR B 144 -18.68 5.06 -54.64
C THR B 144 -19.28 5.24 -56.03
N SER B 145 -18.47 4.93 -57.05
CA SER B 145 -18.86 4.92 -58.44
C SER B 145 -19.66 3.67 -58.78
N ASP B 146 -20.29 3.69 -59.96
CA ASP B 146 -21.12 2.59 -60.47
C ASP B 146 -22.15 2.10 -59.45
N GLY B 147 -22.88 3.05 -58.87
CA GLY B 147 -24.03 2.76 -58.01
C GLY B 147 -23.93 1.69 -56.93
N GLU B 148 -23.03 1.92 -55.97
CA GLU B 148 -22.94 1.10 -54.76
C GLU B 148 -22.34 1.97 -53.67
N ALA B 149 -22.43 1.50 -52.41
CA ALA B 149 -22.15 2.30 -51.23
C ALA B 149 -21.25 1.55 -50.26
N VAL B 150 -20.15 2.17 -49.86
CA VAL B 150 -19.22 1.59 -48.91
C VAL B 150 -19.71 1.89 -47.50
N GLU B 151 -19.88 0.85 -46.70
CA GLU B 151 -20.30 0.99 -45.31
C GLU B 151 -19.03 1.23 -44.51
N LEU B 152 -18.82 2.46 -44.07
CA LEU B 152 -17.63 2.76 -43.29
C LEU B 152 -17.88 2.22 -41.88
N ALA B 153 -17.64 0.91 -41.73
CA ALA B 153 -17.81 0.23 -40.45
C ALA B 153 -16.79 0.62 -39.41
N SER B 154 -15.78 1.43 -39.74
CA SER B 154 -14.96 1.99 -38.68
C SER B 154 -15.74 3.02 -37.89
N GLU B 155 -16.78 3.61 -38.48
CA GLU B 155 -17.44 4.79 -37.93
C GLU B 155 -18.94 4.58 -37.74
N THR B 156 -19.43 3.35 -37.75
CA THR B 156 -20.80 3.13 -37.30
C THR B 156 -20.87 3.25 -35.78
N LEU B 157 -21.96 3.84 -35.27
CA LEU B 157 -22.05 4.27 -33.88
C LEU B 157 -23.17 3.54 -33.17
N MET B 158 -22.99 3.22 -31.90
CA MET B 158 -24.04 2.52 -31.17
C MET B 158 -24.17 3.17 -29.80
N LYS B 159 -25.37 3.64 -29.52
CA LYS B 159 -25.69 4.35 -28.30
C LYS B 159 -26.85 3.64 -27.63
N ARG B 160 -26.99 3.83 -26.34
CA ARG B 160 -28.04 3.24 -25.55
C ARG B 160 -29.01 4.29 -25.03
N GLU B 161 -30.29 3.98 -25.08
CA GLU B 161 -31.32 4.88 -24.57
C GLU B 161 -31.01 5.22 -23.13
N LEU B 162 -31.38 6.44 -22.76
CA LEU B 162 -30.95 7.03 -21.49
C LEU B 162 -31.57 6.28 -20.31
N THR B 163 -32.80 5.80 -20.47
CA THR B 163 -33.54 4.87 -19.61
C THR B 163 -34.06 5.49 -18.33
N SER B 164 -33.75 6.74 -18.05
CA SER B 164 -34.53 7.54 -17.14
C SER B 164 -34.14 8.96 -17.44
N PHE B 165 -35.10 9.83 -17.63
CA PHE B 165 -34.78 11.19 -17.94
C PHE B 165 -36.05 11.98 -17.77
N VAL B 166 -35.90 13.27 -17.79
CA VAL B 166 -37.01 14.18 -17.94
C VAL B 166 -36.41 15.39 -18.62
N VAL B 167 -37.08 15.86 -19.65
CA VAL B 167 -36.74 17.15 -20.22
C VAL B 167 -37.99 17.98 -20.23
N LEU B 168 -37.80 19.28 -20.17
CA LEU B 168 -38.87 20.25 -20.06
C LEU B 168 -38.88 20.97 -21.39
N VAL B 169 -39.87 20.64 -22.19
CA VAL B 169 -40.00 21.17 -23.55
C VAL B 169 -40.95 22.37 -23.57
N PRO B 170 -40.81 23.29 -24.52
CA PRO B 170 -41.81 24.34 -24.72
C PRO B 170 -43.19 23.81 -25.08
N GLN B 171 -44.23 24.59 -24.71
CA GLN B 171 -45.61 24.12 -24.66
C GLN B 171 -46.51 25.17 -25.29
N GLY B 172 -47.80 24.88 -25.31
CA GLY B 172 -48.92 25.59 -25.84
C GLY B 172 -48.66 26.26 -27.18
N THR B 173 -49.09 27.50 -27.26
CA THR B 173 -49.11 28.28 -28.48
C THR B 173 -48.53 29.65 -28.20
N PRO B 174 -48.03 30.35 -29.20
CA PRO B 174 -47.71 31.75 -28.97
C PRO B 174 -48.97 32.57 -28.93
N ASP B 175 -48.91 33.60 -28.12
CA ASP B 175 -49.90 34.67 -28.13
C ASP B 175 -49.64 35.60 -29.31
N VAL B 176 -48.39 36.00 -29.50
CA VAL B 176 -47.98 36.82 -30.64
C VAL B 176 -46.60 36.37 -31.09
N GLN B 177 -46.47 36.15 -32.40
CA GLN B 177 -45.23 35.81 -33.08
C GLN B 177 -44.94 36.92 -34.08
N LEU B 178 -43.66 37.21 -34.25
CA LEU B 178 -43.22 38.20 -35.22
C LEU B 178 -42.08 37.62 -36.02
N ARG B 179 -42.20 37.64 -37.33
CA ARG B 179 -41.18 37.10 -38.20
C ARG B 179 -40.20 38.19 -38.56
N LEU B 180 -38.93 37.85 -38.57
CA LEU B 180 -37.87 38.81 -38.82
C LEU B 180 -37.03 38.26 -39.96
N THR B 181 -35.92 38.93 -40.26
CA THR B 181 -34.99 38.49 -41.27
C THR B 181 -33.57 38.51 -40.70
N ARG B 182 -32.60 38.23 -41.55
CA ARG B 182 -31.22 38.08 -41.08
C ARG B 182 -30.63 39.41 -40.62
N PRO B 183 -30.65 40.49 -41.42
CA PRO B 183 -30.07 41.74 -40.92
C PRO B 183 -30.91 42.35 -39.81
N GLN B 184 -32.24 42.22 -39.93
CA GLN B 184 -33.15 42.71 -38.91
C GLN B 184 -32.85 42.08 -37.55
N LEU B 185 -32.78 40.75 -37.51
CA LEU B 185 -32.46 40.09 -36.25
C LEU B 185 -31.05 40.41 -35.78
N THR B 186 -30.11 40.61 -36.70
CA THR B 186 -28.76 40.99 -36.28
C THR B 186 -28.77 42.33 -35.54
N LYS B 187 -29.54 43.30 -36.05
CA LYS B 187 -29.58 44.60 -35.38
C LYS B 187 -30.41 44.54 -34.11
N VAL B 188 -31.41 43.65 -34.05
CA VAL B 188 -32.14 43.44 -32.81
C VAL B 188 -31.21 42.84 -31.75
N LEU B 189 -30.33 41.94 -32.15
CA LEU B 189 -29.34 41.40 -31.22
C LEU B 189 -28.33 42.44 -30.82
N ASN B 190 -27.97 43.33 -31.75
CA ASN B 190 -27.00 44.37 -31.45
C ASN B 190 -27.52 45.29 -30.36
N ALA B 191 -28.82 45.59 -30.39
CA ALA B 191 -29.41 46.43 -29.36
C ALA B 191 -29.23 45.84 -27.98
N THR B 192 -29.19 44.52 -27.85
CA THR B 192 -29.21 43.88 -26.56
C THR B 192 -27.89 44.14 -25.82
N GLY B 193 -27.92 43.97 -24.50
CA GLY B 193 -26.85 44.37 -23.60
C GLY B 193 -25.63 43.48 -23.50
N ALA B 194 -24.81 43.72 -22.48
CA ALA B 194 -23.56 43.03 -22.22
C ALA B 194 -23.53 42.29 -20.88
N ASP B 195 -24.05 42.90 -19.81
CA ASP B 195 -23.86 42.37 -18.45
C ASP B 195 -25.12 42.69 -17.64
N SER B 196 -25.03 42.47 -16.32
CA SER B 196 -26.08 42.89 -15.39
C SER B 196 -26.31 44.40 -15.38
N ALA B 197 -25.39 45.18 -15.95
CA ALA B 197 -25.62 46.61 -16.14
C ALA B 197 -26.86 46.86 -16.98
N THR B 198 -27.06 46.05 -18.03
CA THR B 198 -27.90 46.39 -19.17
C THR B 198 -28.97 45.33 -19.36
N PRO B 199 -30.14 45.50 -18.75
CA PRO B 199 -31.31 44.71 -19.17
C PRO B 199 -31.89 45.26 -20.47
N THR B 200 -32.39 44.36 -21.31
CA THR B 200 -33.05 44.78 -22.54
C THR B 200 -34.56 44.75 -22.32
N THR B 201 -35.30 45.18 -23.33
CA THR B 201 -36.75 45.23 -23.21
C THR B 201 -37.36 45.08 -24.59
N PHE B 202 -38.15 44.03 -24.78
CA PHE B 202 -38.81 43.77 -26.05
C PHE B 202 -40.23 44.36 -26.08
N GLU B 203 -40.33 45.68 -25.94
CA GLU B 203 -41.66 46.28 -25.87
C GLU B 203 -42.35 46.18 -27.20
N LEU B 204 -43.61 45.78 -27.19
CA LEU B 204 -44.48 45.94 -28.33
C LEU B 204 -45.59 46.87 -27.91
N GLY B 205 -45.68 48.00 -28.58
CA GLY B 205 -46.72 48.98 -28.33
C GLY B 205 -47.95 48.68 -29.14
N VAL B 206 -48.85 49.65 -29.15
CA VAL B 206 -50.08 49.54 -29.92
C VAL B 206 -49.75 49.80 -31.38
N ASN B 207 -50.29 48.96 -32.25
CA ASN B 207 -50.05 49.00 -33.69
C ASN B 207 -48.57 48.83 -34.03
N GLY B 208 -47.99 47.75 -33.52
CA GLY B 208 -46.92 47.09 -34.22
C GLY B 208 -45.55 47.66 -33.99
N LYS B 209 -45.38 48.53 -33.00
CA LYS B 209 -44.10 49.21 -32.82
C LYS B 209 -43.16 48.34 -32.01
N PHE B 210 -42.85 47.18 -32.58
CA PHE B 210 -42.05 46.20 -31.85
C PHE B 210 -40.64 46.72 -31.74
N SER B 211 -40.08 46.69 -30.53
CA SER B 211 -38.92 47.52 -30.25
C SER B 211 -38.10 46.91 -29.13
N VAL B 212 -36.80 46.87 -29.34
CA VAL B 212 -35.85 46.23 -28.44
C VAL B 212 -34.91 47.31 -27.97
N PHE B 213 -35.11 47.82 -26.75
CA PHE B 213 -34.24 48.88 -26.27
C PHE B 213 -33.47 48.48 -25.03
N THR B 214 -32.59 49.39 -24.65
CA THR B 214 -31.66 49.35 -23.53
C THR B 214 -31.39 50.82 -23.21
N THR B 215 -30.47 51.08 -22.28
CA THR B 215 -30.16 52.47 -21.97
C THR B 215 -29.59 53.18 -23.19
N SER B 216 -28.53 52.65 -23.78
CA SER B 216 -27.78 53.33 -24.83
C SER B 216 -28.01 52.68 -26.21
N THR B 217 -29.16 52.06 -26.42
CA THR B 217 -29.48 51.47 -27.71
C THR B 217 -30.97 51.28 -27.79
N CYS B 218 -31.48 51.38 -29.01
CA CYS B 218 -32.90 51.23 -29.29
C CYS B 218 -33.02 50.74 -30.72
N VAL B 219 -33.88 49.76 -30.96
CA VAL B 219 -34.30 49.44 -32.31
C VAL B 219 -35.81 49.31 -32.29
N THR B 220 -36.43 49.53 -33.44
CA THR B 220 -37.87 49.51 -33.56
C THR B 220 -38.23 49.07 -34.97
N PHE B 221 -39.40 48.47 -35.14
CA PHE B 221 -39.96 48.33 -36.46
C PHE B 221 -41.46 48.13 -36.38
N ALA B 222 -42.11 48.27 -37.54
CA ALA B 222 -43.54 48.13 -37.69
C ALA B 222 -43.88 46.75 -38.23
N ALA B 223 -45.03 46.23 -37.81
CA ALA B 223 -45.47 44.87 -38.13
C ALA B 223 -46.85 44.90 -38.77
N ARG B 224 -46.91 44.57 -40.05
CA ARG B 224 -48.16 44.48 -40.80
C ARG B 224 -48.46 43.02 -41.10
N GLU B 225 -49.73 42.65 -40.96
CA GLU B 225 -50.16 41.29 -41.17
C GLU B 225 -50.62 41.09 -42.61
N ASN B 252 -42.81 47.61 -49.19
CA ASN B 252 -41.60 47.31 -49.94
C ASN B 252 -40.58 46.57 -49.05
N ALA B 253 -39.84 47.33 -48.26
CA ALA B 253 -38.77 46.82 -47.42
C ALA B 253 -39.11 46.83 -45.94
N LYS B 254 -40.18 47.52 -45.55
CA LYS B 254 -40.39 47.96 -44.18
C LYS B 254 -41.55 47.24 -43.52
N THR B 255 -41.76 45.99 -43.89
CA THR B 255 -42.90 45.16 -43.48
C THR B 255 -42.37 43.85 -42.90
N VAL B 256 -42.21 43.77 -41.57
CA VAL B 256 -42.16 42.44 -40.97
C VAL B 256 -43.60 41.92 -40.89
N TYR B 257 -43.73 40.59 -40.83
CA TYR B 257 -45.01 39.93 -40.66
C TYR B 257 -45.07 39.37 -39.24
N GLY B 258 -46.28 39.26 -38.71
CA GLY B 258 -46.53 38.60 -37.46
C GLY B 258 -48.01 38.30 -37.34
N GLU B 259 -48.39 37.74 -36.20
CA GLU B 259 -49.73 37.21 -35.99
C GLU B 259 -50.17 37.62 -34.59
N ASN B 260 -51.40 38.12 -34.48
CA ASN B 260 -51.90 38.65 -33.22
C ASN B 260 -51.00 39.77 -32.70
N THR B 261 -50.55 40.64 -33.61
CA THR B 261 -49.65 41.70 -33.18
C THR B 261 -50.32 42.71 -32.26
N HIS B 262 -51.64 42.83 -32.28
CA HIS B 262 -52.32 43.78 -31.41
C HIS B 262 -52.09 43.50 -29.94
N ARG B 263 -51.65 42.29 -29.58
CA ARG B 263 -51.47 41.95 -28.17
C ARG B 263 -50.18 42.60 -27.69
N THR B 264 -50.29 43.86 -27.31
CA THR B 264 -49.12 44.61 -26.85
C THR B 264 -48.55 43.97 -25.59
N PHE B 265 -47.33 44.36 -25.25
CA PHE B 265 -46.72 43.85 -24.02
C PHE B 265 -45.44 44.64 -23.80
N SER B 266 -44.80 44.40 -22.66
CA SER B 266 -43.39 44.71 -22.54
C SER B 266 -42.80 43.64 -21.64
N VAL B 267 -42.24 42.65 -22.29
CA VAL B 267 -41.32 41.74 -21.64
C VAL B 267 -39.95 42.39 -21.51
N VAL B 268 -39.17 41.92 -20.55
CA VAL B 268 -37.89 42.53 -20.26
C VAL B 268 -36.89 41.40 -20.07
N VAL B 269 -35.76 41.51 -20.74
CA VAL B 269 -34.75 40.46 -20.74
C VAL B 269 -33.69 40.86 -19.75
N ASP B 270 -33.29 39.90 -18.93
CA ASP B 270 -32.22 40.03 -17.95
C ASP B 270 -30.87 39.62 -18.51
N ASP B 271 -30.83 38.54 -19.28
CA ASP B 271 -29.58 37.84 -19.59
C ASP B 271 -28.96 38.39 -20.86
N CYS B 272 -27.69 38.76 -20.76
CA CYS B 272 -26.94 39.17 -21.95
C CYS B 272 -26.83 38.04 -22.96
N SER B 273 -26.84 36.80 -22.47
CA SER B 273 -26.57 35.63 -23.30
C SER B 273 -27.45 35.55 -24.53
N MET B 274 -28.61 36.19 -24.53
CA MET B 274 -29.48 36.17 -25.70
C MET B 274 -28.74 36.59 -26.96
N ARG B 275 -27.84 37.55 -26.87
CA ARG B 275 -27.04 37.84 -28.07
C ARG B 275 -26.15 36.65 -28.42
N ALA B 276 -25.35 36.20 -27.45
CA ALA B 276 -24.33 35.20 -27.71
C ALA B 276 -24.93 33.93 -28.29
N VAL B 277 -26.03 33.46 -27.69
CA VAL B 277 -26.71 32.26 -28.17
C VAL B 277 -27.03 32.40 -29.64
N LEU B 278 -27.69 33.48 -30.02
CA LEU B 278 -28.12 33.57 -31.41
C LEU B 278 -26.95 33.65 -32.38
N ARG B 279 -25.73 33.99 -31.92
CA ARG B 279 -24.56 33.93 -32.79
C ARG B 279 -23.87 32.59 -32.71
N ARG B 280 -23.89 31.90 -31.57
CA ARG B 280 -23.37 30.55 -31.48
C ARG B 280 -24.06 29.64 -32.48
N LEU B 281 -25.38 29.61 -32.41
CA LEU B 281 -26.20 28.98 -33.43
C LEU B 281 -25.93 29.52 -34.82
N GLN B 282 -25.42 30.76 -34.92
CA GLN B 282 -25.33 31.55 -36.15
C GLN B 282 -26.67 31.52 -36.90
N VAL B 283 -27.68 32.05 -36.20
CA VAL B 283 -29.06 32.06 -36.70
C VAL B 283 -29.22 33.15 -37.75
N ALA B 284 -29.96 32.84 -38.81
CA ALA B 284 -30.13 33.71 -39.97
C ALA B 284 -31.50 34.37 -40.01
N GLY B 285 -32.18 34.48 -38.87
CA GLY B 285 -33.44 35.19 -38.79
C GLY B 285 -34.61 34.25 -38.80
N GLY B 286 -35.68 34.60 -38.13
CA GLY B 286 -36.89 33.83 -38.26
C GLY B 286 -38.00 34.33 -37.37
N THR B 287 -38.86 33.42 -36.93
CA THR B 287 -39.95 33.83 -36.07
C THR B 287 -39.46 34.06 -34.65
N LEU B 288 -40.09 35.01 -33.99
CA LEU B 288 -39.82 35.41 -32.63
C LEU B 288 -41.15 35.31 -31.92
N LYS B 289 -41.35 34.26 -31.14
CA LYS B 289 -42.64 33.94 -30.57
C LYS B 289 -42.61 34.23 -29.08
N PHE B 290 -43.67 34.84 -28.57
CA PHE B 290 -43.73 35.26 -27.17
C PHE B 290 -44.82 34.48 -26.46
N PHE B 291 -44.53 34.07 -25.23
CA PHE B 291 -45.46 33.34 -24.39
C PHE B 291 -45.62 34.15 -23.10
N LEU B 292 -46.85 34.65 -22.88
CA LEU B 292 -47.13 35.56 -21.78
C LEU B 292 -48.25 35.08 -20.89
N THR B 293 -48.86 33.94 -21.19
CA THR B 293 -49.84 33.33 -20.31
C THR B 293 -49.20 32.43 -19.26
N THR B 294 -47.89 32.59 -19.02
CA THR B 294 -47.11 31.86 -18.04
C THR B 294 -46.66 32.78 -16.92
N PRO B 295 -46.53 32.28 -15.69
CA PRO B 295 -45.92 33.10 -14.61
C PRO B 295 -44.60 33.76 -14.98
N VAL B 296 -43.67 33.04 -15.58
CA VAL B 296 -42.43 33.62 -16.10
C VAL B 296 -42.54 33.59 -17.63
N PRO B 297 -42.73 34.73 -18.29
CA PRO B 297 -42.92 34.70 -19.74
C PRO B 297 -41.67 34.23 -20.45
N SER B 298 -41.87 33.66 -21.63
CA SER B 298 -40.78 33.07 -22.38
C SER B 298 -40.83 33.56 -23.81
N LEU B 299 -39.67 33.86 -24.38
CA LEU B 299 -39.59 34.12 -25.81
C LEU B 299 -38.79 32.99 -26.43
N CYS B 300 -39.37 32.40 -27.47
CA CYS B 300 -38.68 31.45 -28.33
C CYS B 300 -38.28 32.20 -29.59
N VAL B 301 -37.19 31.77 -30.20
CA VAL B 301 -36.74 32.32 -31.47
C VAL B 301 -36.35 31.15 -32.37
N THR B 302 -37.02 31.02 -33.50
CA THR B 302 -36.96 29.86 -34.38
C THR B 302 -36.51 30.29 -35.77
N ALA B 303 -35.32 29.86 -36.18
CA ALA B 303 -34.79 30.11 -37.51
C ALA B 303 -35.75 29.65 -38.60
N THR B 304 -36.01 30.53 -39.58
CA THR B 304 -37.03 30.31 -40.61
C THR B 304 -36.55 29.47 -41.79
N GLY B 305 -35.36 28.88 -41.73
CA GLY B 305 -34.81 28.19 -42.88
C GLY B 305 -35.46 26.83 -43.04
N PRO B 306 -34.81 25.90 -43.74
CA PRO B 306 -35.37 24.54 -43.78
C PRO B 306 -35.48 23.93 -42.40
N ASN B 307 -34.59 24.29 -41.48
CA ASN B 307 -34.56 23.71 -40.15
C ASN B 307 -35.34 24.59 -39.19
N ALA B 308 -35.51 24.07 -37.98
CA ALA B 308 -36.33 24.70 -36.96
C ALA B 308 -35.56 25.01 -35.68
N VAL B 309 -34.26 25.26 -35.73
CA VAL B 309 -33.53 25.39 -34.47
C VAL B 309 -34.08 26.57 -33.70
N SER B 310 -34.51 26.31 -32.47
CA SER B 310 -35.21 27.24 -31.63
C SER B 310 -34.38 27.52 -30.39
N ALA B 311 -34.62 28.65 -29.75
CA ALA B 311 -33.97 28.92 -28.47
C ALA B 311 -34.93 29.69 -27.59
N VAL B 312 -35.27 29.13 -26.44
CA VAL B 312 -36.17 29.77 -25.50
C VAL B 312 -35.40 30.47 -24.39
N PHE B 313 -35.69 31.76 -24.19
CA PHE B 313 -35.14 32.61 -23.14
C PHE B 313 -36.27 33.04 -22.20
N LEU B 314 -35.97 33.07 -20.89
CA LEU B 314 -36.97 33.41 -19.88
C LEU B 314 -36.97 34.92 -19.60
N LEU B 315 -38.08 35.57 -19.93
CA LEU B 315 -38.35 36.97 -19.71
C LEU B 315 -38.92 37.24 -18.31
N LYS B 316 -38.46 38.33 -17.69
CA LYS B 316 -39.07 38.82 -16.46
C LYS B 316 -40.36 39.59 -16.76
N PRO B 317 -41.25 39.74 -15.77
CA PRO B 317 -42.56 40.33 -16.06
C PRO B 317 -42.47 41.77 -16.52
N GLN B 318 -43.64 42.28 -16.92
CA GLN B 318 -43.91 43.67 -17.31
C GLN B 318 -42.87 44.72 -16.96
#